data_5LAW
# 
_entry.id   5LAW 
# 
_audit_conform.dict_name       mmcif_pdbx.dic 
_audit_conform.dict_version    5.391 
_audit_conform.dict_location   http://mmcif.pdb.org/dictionaries/ascii/mmcif_pdbx.dic 
# 
loop_
_database_2.database_id 
_database_2.database_code 
_database_2.pdbx_database_accession 
_database_2.pdbx_DOI 
PDB   5LAW         pdb_00005law 10.2210/pdb5law/pdb 
WWPDB D_1200000452 ?            ?                   
# 
loop_
_pdbx_audit_revision_history.ordinal 
_pdbx_audit_revision_history.data_content_type 
_pdbx_audit_revision_history.major_revision 
_pdbx_audit_revision_history.minor_revision 
_pdbx_audit_revision_history.revision_date 
1 'Structure model' 1 0 2016-11-02 
2 'Structure model' 1 1 2016-12-21 
3 'Structure model' 1 2 2019-06-12 
4 'Structure model' 1 3 2019-09-25 
5 'Structure model' 1 4 2024-05-08 
# 
_pdbx_audit_revision_details.ordinal             1 
_pdbx_audit_revision_details.revision_ordinal    1 
_pdbx_audit_revision_details.data_content_type   'Structure model' 
_pdbx_audit_revision_details.provider            repository 
_pdbx_audit_revision_details.type                'Initial release' 
_pdbx_audit_revision_details.description         ? 
_pdbx_audit_revision_details.details             ? 
# 
loop_
_pdbx_audit_revision_group.ordinal 
_pdbx_audit_revision_group.revision_ordinal 
_pdbx_audit_revision_group.data_content_type 
_pdbx_audit_revision_group.group 
1 2 'Structure model' 'Database references' 
2 3 'Structure model' Advisory              
3 3 'Structure model' 'Data collection'     
4 3 'Structure model' 'Structure summary'   
5 4 'Structure model' 'Data collection'     
6 5 'Structure model' Advisory              
7 5 'Structure model' 'Data collection'     
8 5 'Structure model' 'Database references' 
# 
loop_
_pdbx_audit_revision_category.ordinal 
_pdbx_audit_revision_category.revision_ordinal 
_pdbx_audit_revision_category.data_content_type 
_pdbx_audit_revision_category.category 
1 3 'Structure model' audit_author                 
2 3 'Structure model' database_PDB_rev             
3 3 'Structure model' database_PDB_rev_record      
4 3 'Structure model' pdbx_unobs_or_zero_occ_atoms 
5 4 'Structure model' reflns                       
6 5 'Structure model' chem_comp_atom               
7 5 'Structure model' chem_comp_bond               
8 5 'Structure model' database_2                   
9 5 'Structure model' pdbx_unobs_or_zero_occ_atoms 
# 
loop_
_pdbx_audit_revision_item.ordinal 
_pdbx_audit_revision_item.revision_ordinal 
_pdbx_audit_revision_item.data_content_type 
_pdbx_audit_revision_item.item 
1 3 'Structure model' '_audit_author.name'                  
2 4 'Structure model' '_reflns.pdbx_Rmerge_I_obs'           
3 5 'Structure model' '_database_2.pdbx_DOI'                
4 5 'Structure model' '_database_2.pdbx_database_accession' 
# 
_pdbx_database_status.status_code                     REL 
_pdbx_database_status.status_code_sf                  REL 
_pdbx_database_status.status_code_mr                  ? 
_pdbx_database_status.entry_id                        5LAW 
_pdbx_database_status.recvd_initial_deposition_date   2016-06-15 
_pdbx_database_status.SG_entry                        N 
_pdbx_database_status.deposit_site                    PDBE 
_pdbx_database_status.process_site                    PDBE 
_pdbx_database_status.status_code_cs                  ? 
_pdbx_database_status.methods_development_category    ? 
_pdbx_database_status.pdb_format_compatible           Y 
_pdbx_database_status.status_code_nmr_data            ? 
# 
loop_
_audit_author.name 
_audit_author.pdbx_ordinal 
'Kessler, D.' 1 
'Gollner, A.' 2 
# 
_citation.abstract                  ? 
_citation.abstract_id_CAS           ? 
_citation.book_id_ISBN              ? 
_citation.book_publisher            ? 
_citation.book_publisher_city       ? 
_citation.book_title                ? 
_citation.coordinate_linkage        ? 
_citation.country                   US 
_citation.database_id_Medline       ? 
_citation.details                   ? 
_citation.id                        primary 
_citation.journal_abbrev            'J. Med. Chem.' 
_citation.journal_id_ASTM           JMCMAR 
_citation.journal_id_CSD            0151 
_citation.journal_id_ISSN           1520-4804 
_citation.journal_full              ? 
_citation.journal_issue             ? 
_citation.journal_volume            59 
_citation.language                  ? 
_citation.page_first                10147 
_citation.page_last                 10162 
_citation.title                     
;Discovery of Novel Spiro[3H-indole-3,2'-pyrrolidin]-2(1H)-one Compounds as Chemically Stable and Orally Active Inhibitors of the MDM2-p53 Interaction.
;
_citation.year                      2016 
_citation.database_id_CSD           ? 
_citation.pdbx_database_id_DOI      10.1021/acs.jmedchem.6b00900 
_citation.pdbx_database_id_PubMed   27775892 
_citation.unpublished_flag          ? 
# 
loop_
_citation_author.citation_id 
_citation_author.name 
_citation_author.ordinal 
_citation_author.identifier_ORCID 
primary 'Gollner, A.'            1  ? 
primary 'Rudolph, D.'            2  ? 
primary 'Arnhof, H.'             3  ? 
primary 'Bauer, M.'              4  ? 
primary 'Blake, S.M.'            5  ? 
primary 'Boehmelt, G.'           6  ? 
primary 'Cockroft, X.L.'         7  ? 
primary 'Dahmann, G.'            8  ? 
primary 'Ettmayer, P.'           9  ? 
primary 'Gerstberger, T.'        10 ? 
primary 'Karolyi-Oezguer, J.'    11 ? 
primary 'Kessler, D.'            12 ? 
primary 'Kofink, C.'             13 ? 
primary 'Ramharter, J.'          14 ? 
primary 'Rinnenthal, J.'         15 ? 
primary 'Savchenko, A.'          16 ? 
primary 'Schnitzer, R.'          17 ? 
primary 'Weinstabl, H.'          18 ? 
primary 'Weyer-Czernilofsky, U.' 19 ? 
primary 'Wunberg, T.'            20 ? 
primary 'McConnell, D.B.'        21 ? 
# 
loop_
_entity.id 
_entity.type 
_entity.src_method 
_entity.pdbx_description 
_entity.formula_weight 
_entity.pdbx_number_of_molecules 
_entity.pdbx_ec 
_entity.pdbx_mutation 
_entity.pdbx_fragment 
_entity.details 
1 polymer     nat 'E3 ubiquitin-protein ligase Mdm2' 11011.923 1  6.3.2.- ? ? ? 
2 non-polymer syn 
;2-[(3~{S},3'~{a}~{S},6'~{S},6'~{a}~{S})-6-chloranyl-6'-(3-chlorophenyl)-4'-(cyclopropylmethyl)-2-oxidanylidene-spiro[1~{H}-indole-3,5'-3,3~{a},6,6~{a}-tetrahydro-2~{H}-pyrrolo[3,2-b]pyrrole]-1'-yl]ethanoic acid
;
486.390   1  ?       ? ? ? 
3 non-polymer syn 'SULFATE ION' 96.063    3  ?       ? ? ? 
4 water       nat water 18.015    43 ?       ? ? ? 
# 
_entity_name_com.entity_id   1 
_entity_name_com.name        'Double minute 2 protein,Hdm2,Oncoprotein Mdm2,p53-binding protein Mdm2' 
# 
_entity_poly.entity_id                      1 
_entity_poly.type                           'polypeptide(L)' 
_entity_poly.nstd_linkage                   no 
_entity_poly.nstd_monomer                   no 
_entity_poly.pdbx_seq_one_letter_code       
;QIPASEQETLVRPKPLLLKLLKSVGAQKDTYTMKEVLFYLGQYIMTKRLYDEKQQHIVYCSNDLLGDLFGVPSFSVKEHR
KIYTMIYRNLVVVN
;
_entity_poly.pdbx_seq_one_letter_code_can   
;QIPASEQETLVRPKPLLLKLLKSVGAQKDTYTMKEVLFYLGQYIMTKRLYDEKQQHIVYCSNDLLGDLFGVPSFSVKEHR
KIYTMIYRNLVVVN
;
_entity_poly.pdbx_strand_id                 A 
_entity_poly.pdbx_target_identifier         ? 
# 
loop_
_pdbx_entity_nonpoly.entity_id 
_pdbx_entity_nonpoly.name 
_pdbx_entity_nonpoly.comp_id 
2 
;2-[(3~{S},3'~{a}~{S},6'~{S},6'~{a}~{S})-6-chloranyl-6'-(3-chlorophenyl)-4'-(cyclopropylmethyl)-2-oxidanylidene-spiro[1~{H}-indole-3,5'-3,3~{a},6,6~{a}-tetrahydro-2~{H}-pyrrolo[3,2-b]pyrrole]-1'-yl]ethanoic acid
;
6SJ 
3 'SULFATE ION' SO4 
4 water HOH 
# 
loop_
_entity_poly_seq.entity_id 
_entity_poly_seq.num 
_entity_poly_seq.mon_id 
_entity_poly_seq.hetero 
1 1  GLN n 
1 2  ILE n 
1 3  PRO n 
1 4  ALA n 
1 5  SER n 
1 6  GLU n 
1 7  GLN n 
1 8  GLU n 
1 9  THR n 
1 10 LEU n 
1 11 VAL n 
1 12 ARG n 
1 13 PRO n 
1 14 LYS n 
1 15 PRO n 
1 16 LEU n 
1 17 LEU n 
1 18 LEU n 
1 19 LYS n 
1 20 LEU n 
1 21 LEU n 
1 22 LYS n 
1 23 SER n 
1 24 VAL n 
1 25 GLY n 
1 26 ALA n 
1 27 GLN n 
1 28 LYS n 
1 29 ASP n 
1 30 THR n 
1 31 TYR n 
1 32 THR n 
1 33 MET n 
1 34 LYS n 
1 35 GLU n 
1 36 VAL n 
1 37 LEU n 
1 38 PHE n 
1 39 TYR n 
1 40 LEU n 
1 41 GLY n 
1 42 GLN n 
1 43 TYR n 
1 44 ILE n 
1 45 MET n 
1 46 THR n 
1 47 LYS n 
1 48 ARG n 
1 49 LEU n 
1 50 TYR n 
1 51 ASP n 
1 52 GLU n 
1 53 LYS n 
1 54 GLN n 
1 55 GLN n 
1 56 HIS n 
1 57 ILE n 
1 58 VAL n 
1 59 TYR n 
1 60 CYS n 
1 61 SER n 
1 62 ASN n 
1 63 ASP n 
1 64 LEU n 
1 65 LEU n 
1 66 GLY n 
1 67 ASP n 
1 68 LEU n 
1 69 PHE n 
1 70 GLY n 
1 71 VAL n 
1 72 PRO n 
1 73 SER n 
1 74 PHE n 
1 75 SER n 
1 76 VAL n 
1 77 LYS n 
1 78 GLU n 
1 79 HIS n 
1 80 ARG n 
1 81 LYS n 
1 82 ILE n 
1 83 TYR n 
1 84 THR n 
1 85 MET n 
1 86 ILE n 
1 87 TYR n 
1 88 ARG n 
1 89 ASN n 
1 90 LEU n 
1 91 VAL n 
1 92 VAL n 
1 93 VAL n 
1 94 ASN n 
# 
_entity_src_nat.entity_id                  1 
_entity_src_nat.pdbx_src_id                1 
_entity_src_nat.pdbx_alt_source_flag       sample 
_entity_src_nat.pdbx_beg_seq_num           1 
_entity_src_nat.pdbx_end_seq_num           94 
_entity_src_nat.common_name                Human 
_entity_src_nat.pdbx_organism_scientific   'Homo sapiens' 
_entity_src_nat.pdbx_ncbi_taxonomy_id      9606 
_entity_src_nat.genus                      ? 
_entity_src_nat.species                    ? 
_entity_src_nat.strain                     ? 
_entity_src_nat.tissue                     ? 
_entity_src_nat.tissue_fraction            ? 
_entity_src_nat.pdbx_secretion             ? 
_entity_src_nat.pdbx_fragment              ? 
_entity_src_nat.pdbx_variant               ? 
_entity_src_nat.pdbx_cell_line             ? 
_entity_src_nat.pdbx_atcc                  ? 
_entity_src_nat.pdbx_cellular_location     ? 
_entity_src_nat.pdbx_organ                 ? 
_entity_src_nat.pdbx_organelle             ? 
_entity_src_nat.pdbx_cell                  ? 
_entity_src_nat.pdbx_plasmid_name          ? 
_entity_src_nat.pdbx_plasmid_details       ? 
_entity_src_nat.details                    EXTERNAL 
# 
loop_
_chem_comp.id 
_chem_comp.type 
_chem_comp.mon_nstd_flag 
_chem_comp.name 
_chem_comp.pdbx_synonyms 
_chem_comp.formula 
_chem_comp.formula_weight 
6SJ non-polymer         . 
;2-[(3~{S},3'~{a}~{S},6'~{S},6'~{a}~{S})-6-chloranyl-6'-(3-chlorophenyl)-4'-(cyclopropylmethyl)-2-oxidanylidene-spiro[1~{H}-indole-3,5'-3,3~{a},6,6~{a}-tetrahydro-2~{H}-pyrrolo[3,2-b]pyrrole]-1'-yl]ethanoic acid
;
? 'C25 H25 Cl2 N3 O3' 486.390 
ALA 'L-peptide linking' y ALANINE ? 'C3 H7 N O2'        89.093  
ARG 'L-peptide linking' y ARGININE ? 'C6 H15 N4 O2 1'    175.209 
ASN 'L-peptide linking' y ASPARAGINE ? 'C4 H8 N2 O3'       132.118 
ASP 'L-peptide linking' y 'ASPARTIC ACID' ? 'C4 H7 N O4'        133.103 
CYS 'L-peptide linking' y CYSTEINE ? 'C3 H7 N O2 S'      121.158 
GLN 'L-peptide linking' y GLUTAMINE ? 'C5 H10 N2 O3'      146.144 
GLU 'L-peptide linking' y 'GLUTAMIC ACID' ? 'C5 H9 N O4'        147.129 
GLY 'peptide linking'   y GLYCINE ? 'C2 H5 N O2'        75.067  
HIS 'L-peptide linking' y HISTIDINE ? 'C6 H10 N3 O2 1'    156.162 
HOH non-polymer         . WATER ? 'H2 O'              18.015  
ILE 'L-peptide linking' y ISOLEUCINE ? 'C6 H13 N O2'       131.173 
LEU 'L-peptide linking' y LEUCINE ? 'C6 H13 N O2'       131.173 
LYS 'L-peptide linking' y LYSINE ? 'C6 H15 N2 O2 1'    147.195 
MET 'L-peptide linking' y METHIONINE ? 'C5 H11 N O2 S'     149.211 
PHE 'L-peptide linking' y PHENYLALANINE ? 'C9 H11 N O2'       165.189 
PRO 'L-peptide linking' y PROLINE ? 'C5 H9 N O2'        115.130 
SER 'L-peptide linking' y SERINE ? 'C3 H7 N O3'        105.093 
SO4 non-polymer         . 'SULFATE ION' ? 'O4 S -2'           96.063  
THR 'L-peptide linking' y THREONINE ? 'C4 H9 N O3'        119.119 
TYR 'L-peptide linking' y TYROSINE ? 'C9 H11 N O3'       181.189 
VAL 'L-peptide linking' y VALINE ? 'C5 H11 N O2'       117.146 
# 
loop_
_pdbx_poly_seq_scheme.asym_id 
_pdbx_poly_seq_scheme.entity_id 
_pdbx_poly_seq_scheme.seq_id 
_pdbx_poly_seq_scheme.mon_id 
_pdbx_poly_seq_scheme.ndb_seq_num 
_pdbx_poly_seq_scheme.pdb_seq_num 
_pdbx_poly_seq_scheme.auth_seq_num 
_pdbx_poly_seq_scheme.pdb_mon_id 
_pdbx_poly_seq_scheme.auth_mon_id 
_pdbx_poly_seq_scheme.pdb_strand_id 
_pdbx_poly_seq_scheme.pdb_ins_code 
_pdbx_poly_seq_scheme.hetero 
A 1 1  GLN 1  18  18  GLN GLN A . n 
A 1 2  ILE 2  19  19  ILE ILE A . n 
A 1 3  PRO 3  20  20  PRO PRO A . n 
A 1 4  ALA 4  21  21  ALA ALA A . n 
A 1 5  SER 5  22  22  SER SER A . n 
A 1 6  GLU 6  23  23  GLU GLU A . n 
A 1 7  GLN 7  24  24  GLN GLN A . n 
A 1 8  GLU 8  25  25  GLU GLU A . n 
A 1 9  THR 9  26  26  THR THR A . n 
A 1 10 LEU 10 27  27  LEU LEU A . n 
A 1 11 VAL 11 28  28  VAL VAL A . n 
A 1 12 ARG 12 29  29  ARG ARG A . n 
A 1 13 PRO 13 30  30  PRO PRO A . n 
A 1 14 LYS 14 31  31  LYS LYS A . n 
A 1 15 PRO 15 32  32  PRO PRO A . n 
A 1 16 LEU 16 33  33  LEU LEU A . n 
A 1 17 LEU 17 34  34  LEU LEU A . n 
A 1 18 LEU 18 35  35  LEU LEU A . n 
A 1 19 LYS 19 36  36  LYS LYS A . n 
A 1 20 LEU 20 37  37  LEU LEU A . n 
A 1 21 LEU 21 38  38  LEU LEU A . n 
A 1 22 LYS 22 39  39  LYS LYS A . n 
A 1 23 SER 23 40  40  SER SER A . n 
A 1 24 VAL 24 41  41  VAL VAL A . n 
A 1 25 GLY 25 42  42  GLY GLY A . n 
A 1 26 ALA 26 43  43  ALA ALA A . n 
A 1 27 GLN 27 44  44  GLN GLN A . n 
A 1 28 LYS 28 45  45  LYS LYS A . n 
A 1 29 ASP 29 46  46  ASP ASP A . n 
A 1 30 THR 30 47  47  THR THR A . n 
A 1 31 TYR 31 48  48  TYR TYR A . n 
A 1 32 THR 32 49  49  THR THR A . n 
A 1 33 MET 33 50  50  MET MET A . n 
A 1 34 LYS 34 51  51  LYS LYS A . n 
A 1 35 GLU 35 52  52  GLU GLU A . n 
A 1 36 VAL 36 53  53  VAL VAL A . n 
A 1 37 LEU 37 54  54  LEU LEU A . n 
A 1 38 PHE 38 55  55  PHE PHE A . n 
A 1 39 TYR 39 56  56  TYR TYR A . n 
A 1 40 LEU 40 57  57  LEU LEU A . n 
A 1 41 GLY 41 58  58  GLY GLY A . n 
A 1 42 GLN 42 59  59  GLN GLN A . n 
A 1 43 TYR 43 60  60  TYR TYR A . n 
A 1 44 ILE 44 61  61  ILE ILE A . n 
A 1 45 MET 45 62  62  MET MET A . n 
A 1 46 THR 46 63  63  THR THR A . n 
A 1 47 LYS 47 64  64  LYS LYS A . n 
A 1 48 ARG 48 65  65  ARG ARG A . n 
A 1 49 LEU 49 66  66  LEU LEU A . n 
A 1 50 TYR 50 67  67  TYR TYR A . n 
A 1 51 ASP 51 68  68  ASP ASP A . n 
A 1 52 GLU 52 69  69  GLU GLU A . n 
A 1 53 LYS 53 70  70  LYS LYS A . n 
A 1 54 GLN 54 71  71  GLN GLN A . n 
A 1 55 GLN 55 72  72  GLN GLN A . n 
A 1 56 HIS 56 73  73  HIS HIS A . n 
A 1 57 ILE 57 74  74  ILE ILE A . n 
A 1 58 VAL 58 75  75  VAL VAL A . n 
A 1 59 TYR 59 76  76  TYR TYR A . n 
A 1 60 CYS 60 77  77  CYS CYS A . n 
A 1 61 SER 61 78  78  SER SER A . n 
A 1 62 ASN 62 79  79  ASN ASN A . n 
A 1 63 ASP 63 80  80  ASP ASP A . n 
A 1 64 LEU 64 81  81  LEU LEU A . n 
A 1 65 LEU 65 82  82  LEU LEU A . n 
A 1 66 GLY 66 83  83  GLY GLY A . n 
A 1 67 ASP 67 84  84  ASP ASP A . n 
A 1 68 LEU 68 85  85  LEU LEU A . n 
A 1 69 PHE 69 86  86  PHE PHE A . n 
A 1 70 GLY 70 87  87  GLY GLY A . n 
A 1 71 VAL 71 88  88  VAL VAL A . n 
A 1 72 PRO 72 89  89  PRO PRO A . n 
A 1 73 SER 73 90  90  SER SER A . n 
A 1 74 PHE 74 91  91  PHE PHE A . n 
A 1 75 SER 75 92  92  SER SER A . n 
A 1 76 VAL 76 93  93  VAL VAL A . n 
A 1 77 LYS 77 94  94  LYS LYS A . n 
A 1 78 GLU 78 95  95  GLU GLU A . n 
A 1 79 HIS 79 96  96  HIS HIS A . n 
A 1 80 ARG 80 97  97  ARG ARG A . n 
A 1 81 LYS 81 98  98  LYS LYS A . n 
A 1 82 ILE 82 99  99  ILE ILE A . n 
A 1 83 TYR 83 100 100 TYR TYR A . n 
A 1 84 THR 84 101 101 THR THR A . n 
A 1 85 MET 85 102 102 MET MET A . n 
A 1 86 ILE 86 103 103 ILE ILE A . n 
A 1 87 TYR 87 104 104 TYR TYR A . n 
A 1 88 ARG 88 105 105 ARG ARG A . n 
A 1 89 ASN 89 106 106 ASN ASN A . n 
A 1 90 LEU 90 107 107 LEU LEU A . n 
A 1 91 VAL 91 108 108 VAL VAL A . n 
A 1 92 VAL 92 109 109 VAL VAL A . n 
A 1 93 VAL 93 110 110 VAL VAL A . n 
A 1 94 ASN 94 111 111 ASN ASN A . n 
# 
loop_
_pdbx_nonpoly_scheme.asym_id 
_pdbx_nonpoly_scheme.entity_id 
_pdbx_nonpoly_scheme.mon_id 
_pdbx_nonpoly_scheme.ndb_seq_num 
_pdbx_nonpoly_scheme.pdb_seq_num 
_pdbx_nonpoly_scheme.auth_seq_num 
_pdbx_nonpoly_scheme.pdb_mon_id 
_pdbx_nonpoly_scheme.auth_mon_id 
_pdbx_nonpoly_scheme.pdb_strand_id 
_pdbx_nonpoly_scheme.pdb_ins_code 
B 2 6SJ 1  201 1  6SJ LIG A . 
C 3 SO4 1  202 1  SO4 SO4 A . 
D 3 SO4 1  203 2  SO4 SO4 A . 
E 3 SO4 1  204 3  SO4 SO4 A . 
F 4 HOH 1  301 34 HOH HOH A . 
F 4 HOH 2  302 20 HOH HOH A . 
F 4 HOH 3  303 36 HOH HOH A . 
F 4 HOH 4  304 43 HOH HOH A . 
F 4 HOH 5  305 32 HOH HOH A . 
F 4 HOH 6  306 24 HOH HOH A . 
F 4 HOH 7  307 42 HOH HOH A . 
F 4 HOH 8  308 26 HOH HOH A . 
F 4 HOH 9  309 19 HOH HOH A . 
F 4 HOH 10 310 23 HOH HOH A . 
F 4 HOH 11 311 3  HOH HOH A . 
F 4 HOH 12 312 15 HOH HOH A . 
F 4 HOH 13 313 4  HOH HOH A . 
F 4 HOH 14 314 2  HOH HOH A . 
F 4 HOH 15 315 22 HOH HOH A . 
F 4 HOH 16 316 16 HOH HOH A . 
F 4 HOH 17 317 30 HOH HOH A . 
F 4 HOH 18 318 9  HOH HOH A . 
F 4 HOH 19 319 10 HOH HOH A . 
F 4 HOH 20 320 41 HOH HOH A . 
F 4 HOH 21 321 35 HOH HOH A . 
F 4 HOH 22 322 11 HOH HOH A . 
F 4 HOH 23 323 7  HOH HOH A . 
F 4 HOH 24 324 5  HOH HOH A . 
F 4 HOH 25 325 37 HOH HOH A . 
F 4 HOH 26 326 29 HOH HOH A . 
F 4 HOH 27 327 1  HOH HOH A . 
F 4 HOH 28 328 6  HOH HOH A . 
F 4 HOH 29 329 33 HOH HOH A . 
F 4 HOH 30 330 38 HOH HOH A . 
F 4 HOH 31 331 14 HOH HOH A . 
F 4 HOH 32 332 18 HOH HOH A . 
F 4 HOH 33 333 13 HOH HOH A . 
F 4 HOH 34 334 25 HOH HOH A . 
F 4 HOH 35 335 40 HOH HOH A . 
F 4 HOH 36 336 17 HOH HOH A . 
F 4 HOH 37 337 39 HOH HOH A . 
F 4 HOH 38 338 21 HOH HOH A . 
F 4 HOH 39 339 31 HOH HOH A . 
F 4 HOH 40 340 28 HOH HOH A . 
F 4 HOH 41 341 27 HOH HOH A . 
F 4 HOH 42 342 12 HOH HOH A . 
F 4 HOH 43 343 8  HOH HOH A . 
# 
loop_
_pdbx_unobs_or_zero_occ_atoms.id 
_pdbx_unobs_or_zero_occ_atoms.PDB_model_num 
_pdbx_unobs_or_zero_occ_atoms.polymer_flag 
_pdbx_unobs_or_zero_occ_atoms.occupancy_flag 
_pdbx_unobs_or_zero_occ_atoms.auth_asym_id 
_pdbx_unobs_or_zero_occ_atoms.auth_comp_id 
_pdbx_unobs_or_zero_occ_atoms.auth_seq_id 
_pdbx_unobs_or_zero_occ_atoms.PDB_ins_code 
_pdbx_unobs_or_zero_occ_atoms.auth_atom_id 
_pdbx_unobs_or_zero_occ_atoms.label_alt_id 
_pdbx_unobs_or_zero_occ_atoms.label_asym_id 
_pdbx_unobs_or_zero_occ_atoms.label_comp_id 
_pdbx_unobs_or_zero_occ_atoms.label_seq_id 
_pdbx_unobs_or_zero_occ_atoms.label_atom_id 
1 1 Y 0 A ASP 46 ? CG  ? A ASP 29 CG  
2 1 Y 0 A ASP 46 ? OD1 ? A ASP 29 OD1 
3 1 Y 0 A ASP 46 ? OD2 ? A ASP 29 OD2 
4 1 Y 0 A LYS 70 ? CD  ? A LYS 53 CD  
5 1 Y 0 A LYS 70 ? CE  ? A LYS 53 CE  
6 1 Y 0 A LYS 70 ? NZ  ? A LYS 53 NZ  
# 
loop_
_software.citation_id 
_software.classification 
_software.compiler_name 
_software.compiler_version 
_software.contact_author 
_software.contact_author_email 
_software.date 
_software.description 
_software.dependencies 
_software.hardware 
_software.language 
_software.location 
_software.mods 
_software.name 
_software.os 
_software.os_version 
_software.type 
_software.version 
_software.pdbx_ordinal 
? refinement        ? ? ? ? ? ? ? ? ? ? ? REFMAC      ? ? ? 5.6.0117 1 
? 'data extraction' ? ? ? ? ? ? ? ? ? ? ? PDB_EXTRACT ? ? ? 3.20     2 
? 'data reduction'  ? ? ? ? ? ? ? ? ? ? ? XDS         ? ? ? .        3 
? 'data scaling'    ? ? ? ? ? ? ? ? ? ? ? XSCALE      ? ? ? .        4 
? phasing           ? ? ? ? ? ? ? ? ? ? ? REFMAC      ? ? ? .        5 
# 
_cell.angle_alpha                  90.000 
_cell.angle_alpha_esd              ? 
_cell.angle_beta                   90.000 
_cell.angle_beta_esd               ? 
_cell.angle_gamma                  120.000 
_cell.angle_gamma_esd              ? 
_cell.entry_id                     5LAW 
_cell.details                      ? 
_cell.formula_units_Z              ? 
_cell.length_a                     56.219 
_cell.length_a_esd                 ? 
_cell.length_b                     56.219 
_cell.length_b_esd                 ? 
_cell.length_c                     105.128 
_cell.length_c_esd                 ? 
_cell.volume                       ? 
_cell.volume_esd                   ? 
_cell.Z_PDB                        12 
_cell.reciprocal_angle_alpha       ? 
_cell.reciprocal_angle_beta        ? 
_cell.reciprocal_angle_gamma       ? 
_cell.reciprocal_angle_alpha_esd   ? 
_cell.reciprocal_angle_beta_esd    ? 
_cell.reciprocal_angle_gamma_esd   ? 
_cell.reciprocal_length_a          ? 
_cell.reciprocal_length_b          ? 
_cell.reciprocal_length_c          ? 
_cell.reciprocal_length_a_esd      ? 
_cell.reciprocal_length_b_esd      ? 
_cell.reciprocal_length_c_esd      ? 
_cell.pdbx_unique_axis             ? 
# 
_symmetry.entry_id                         5LAW 
_symmetry.cell_setting                     ? 
_symmetry.Int_Tables_number                178 
_symmetry.space_group_name_Hall            ? 
_symmetry.space_group_name_H-M             'P 61 2 2' 
_symmetry.pdbx_full_space_group_name_H-M   ? 
# 
_exptl.absorpt_coefficient_mu     ? 
_exptl.absorpt_correction_T_max   ? 
_exptl.absorpt_correction_T_min   ? 
_exptl.absorpt_correction_type    ? 
_exptl.absorpt_process_details    ? 
_exptl.entry_id                   5LAW 
_exptl.crystals_number            1 
_exptl.details                    ? 
_exptl.method                     'X-RAY DIFFRACTION' 
_exptl.method_details             ? 
# 
_exptl_crystal.colour                      ? 
_exptl_crystal.density_diffrn              ? 
_exptl_crystal.density_Matthews            2.270 
_exptl_crystal.density_method              ? 
_exptl_crystal.density_percent_sol         45.790 
_exptl_crystal.description                 ? 
_exptl_crystal.F_000                       ? 
_exptl_crystal.id                          1 
_exptl_crystal.preparation                 ? 
_exptl_crystal.size_max                    ? 
_exptl_crystal.size_mid                    ? 
_exptl_crystal.size_min                    ? 
_exptl_crystal.size_rad                    ? 
_exptl_crystal.colour_lustre               ? 
_exptl_crystal.colour_modifier             ? 
_exptl_crystal.colour_primary              ? 
_exptl_crystal.density_meas                ? 
_exptl_crystal.density_meas_esd            ? 
_exptl_crystal.density_meas_gt             ? 
_exptl_crystal.density_meas_lt             ? 
_exptl_crystal.density_meas_temp           ? 
_exptl_crystal.density_meas_temp_esd       ? 
_exptl_crystal.density_meas_temp_gt        ? 
_exptl_crystal.density_meas_temp_lt        ? 
_exptl_crystal.pdbx_crystal_image_url      ? 
_exptl_crystal.pdbx_crystal_image_format   ? 
_exptl_crystal.pdbx_mosaicity              ? 
_exptl_crystal.pdbx_mosaicity_esd          ? 
# 
_exptl_crystal_grow.apparatus       ? 
_exptl_crystal_grow.atmosphere      ? 
_exptl_crystal_grow.crystal_id      1 
_exptl_crystal_grow.details         ? 
_exptl_crystal_grow.method          'VAPOR DIFFUSION, HANGING DROP' 
_exptl_crystal_grow.method_ref      ? 
_exptl_crystal_grow.pH              4.5 
_exptl_crystal_grow.pressure        ? 
_exptl_crystal_grow.pressure_esd    ? 
_exptl_crystal_grow.seeding         ? 
_exptl_crystal_grow.seeding_ref     ? 
_exptl_crystal_grow.temp            277 
_exptl_crystal_grow.temp_details    ? 
_exptl_crystal_grow.temp_esd        ? 
_exptl_crystal_grow.time            ? 
_exptl_crystal_grow.pdbx_details    'RESERVOIR SOLUTION : NULL' 
_exptl_crystal_grow.pdbx_pH_range   ? 
# 
_diffrn.ambient_environment              ? 
_diffrn.ambient_temp                     100.0 
_diffrn.ambient_temp_details             ? 
_diffrn.ambient_temp_esd                 ? 
_diffrn.crystal_id                       1 
_diffrn.crystal_support                  ? 
_diffrn.crystal_treatment                ? 
_diffrn.details                          ? 
_diffrn.id                               1 
_diffrn.ambient_pressure                 ? 
_diffrn.ambient_pressure_esd             ? 
_diffrn.ambient_pressure_gt              ? 
_diffrn.ambient_pressure_lt              ? 
_diffrn.ambient_temp_gt                  ? 
_diffrn.ambient_temp_lt                  ? 
_diffrn.pdbx_serial_crystal_experiment   ? 
# 
_diffrn_detector.details                      ? 
_diffrn_detector.detector                     PIXEL 
_diffrn_detector.diffrn_id                    1 
_diffrn_detector.type                         'DECTRIS PILATUS 6M' 
_diffrn_detector.area_resol_mean              ? 
_diffrn_detector.dtime                        ? 
_diffrn_detector.pdbx_frames_total            ? 
_diffrn_detector.pdbx_collection_time_total   ? 
_diffrn_detector.pdbx_collection_date         2013-07-21 
# 
_diffrn_radiation.collimation                      ? 
_diffrn_radiation.diffrn_id                        1 
_diffrn_radiation.filter_edge                      ? 
_diffrn_radiation.inhomogeneity                    ? 
_diffrn_radiation.monochromator                    ? 
_diffrn_radiation.polarisn_norm                    ? 
_diffrn_radiation.polarisn_ratio                   ? 
_diffrn_radiation.probe                            ? 
_diffrn_radiation.type                             ? 
_diffrn_radiation.xray_symbol                      ? 
_diffrn_radiation.wavelength_id                    1 
_diffrn_radiation.pdbx_monochromatic_or_laue_m_l   M 
_diffrn_radiation.pdbx_wavelength_list             ? 
_diffrn_radiation.pdbx_wavelength                  ? 
_diffrn_radiation.pdbx_diffrn_protocol             'SINGLE WAVELENGTH' 
_diffrn_radiation.pdbx_analyzer                    ? 
_diffrn_radiation.pdbx_scattering_type             x-ray 
# 
_diffrn_radiation_wavelength.id           1 
_diffrn_radiation_wavelength.wavelength   1.00003 
_diffrn_radiation_wavelength.wt           1.0 
# 
_diffrn_source.current                     ? 
_diffrn_source.details                     ? 
_diffrn_source.diffrn_id                   1 
_diffrn_source.power                       ? 
_diffrn_source.size                        ? 
_diffrn_source.source                      SYNCHROTRON 
_diffrn_source.target                      ? 
_diffrn_source.type                        'SLS BEAMLINE X06SA' 
_diffrn_source.voltage                     ? 
_diffrn_source.take-off_angle              ? 
_diffrn_source.pdbx_wavelength_list        1.00003 
_diffrn_source.pdbx_wavelength             ? 
_diffrn_source.pdbx_synchrotron_beamline   X06SA 
_diffrn_source.pdbx_synchrotron_site       SLS 
# 
_reflns.B_iso_Wilson_estimate            ? 
_reflns.entry_id                         5LAW 
_reflns.data_reduction_details           ? 
_reflns.data_reduction_method            ? 
_reflns.d_resolution_high                1.640 
_reflns.d_resolution_low                 48.680 
_reflns.details                          ? 
_reflns.limit_h_max                      ? 
_reflns.limit_h_min                      ? 
_reflns.limit_k_max                      ? 
_reflns.limit_k_min                      ? 
_reflns.limit_l_max                      ? 
_reflns.limit_l_min                      ? 
_reflns.number_all                       ? 
_reflns.number_obs                       12213 
_reflns.observed_criterion               ? 
_reflns.observed_criterion_F_max         ? 
_reflns.observed_criterion_F_min         ? 
_reflns.observed_criterion_I_max         ? 
_reflns.observed_criterion_I_min         ? 
_reflns.observed_criterion_sigma_F       ? 
_reflns.observed_criterion_sigma_I       0.000 
_reflns.percent_possible_obs             96.300 
_reflns.R_free_details                   ? 
_reflns.Rmerge_F_all                     ? 
_reflns.Rmerge_F_obs                     ? 
_reflns.Friedel_coverage                 ? 
_reflns.number_gt                        ? 
_reflns.threshold_expression             ? 
_reflns.pdbx_redundancy                  2.700 
_reflns.pdbx_Rmerge_I_obs                0.067 
_reflns.pdbx_Rmerge_I_all                ? 
_reflns.pdbx_Rsym_value                  ? 
_reflns.pdbx_netI_over_av_sigmaI         ? 
_reflns.pdbx_netI_over_sigmaI            10.62 
_reflns.pdbx_res_netI_over_av_sigmaI_2   ? 
_reflns.pdbx_res_netI_over_sigmaI_2      ? 
_reflns.pdbx_chi_squared                 ? 
_reflns.pdbx_scaling_rejects             ? 
_reflns.pdbx_d_res_high_opt              ? 
_reflns.pdbx_d_res_low_opt               ? 
_reflns.pdbx_d_res_opt_method            ? 
_reflns.phase_calculation_details        ? 
_reflns.pdbx_Rrim_I_all                  ? 
_reflns.pdbx_Rpim_I_all                  ? 
_reflns.pdbx_d_opt                       ? 
_reflns.pdbx_number_measured_all         ? 
_reflns.pdbx_diffrn_id                   1 
_reflns.pdbx_ordinal                     1 
_reflns.pdbx_CC_half                     ? 
_reflns.pdbx_R_split                     ? 
# 
_reflns_shell.d_res_high                  1.640 
_reflns_shell.d_res_low                   1.890 
_reflns_shell.meanI_over_sigI_all         ? 
_reflns_shell.meanI_over_sigI_obs         ? 
_reflns_shell.number_measured_all         ? 
_reflns_shell.number_measured_obs         ? 
_reflns_shell.number_possible             ? 
_reflns_shell.number_unique_all           ? 
_reflns_shell.number_unique_obs           ? 
_reflns_shell.percent_possible_all        96.600 
_reflns_shell.percent_possible_obs        ? 
_reflns_shell.Rmerge_F_all                ? 
_reflns_shell.Rmerge_F_obs                ? 
_reflns_shell.Rmerge_I_all                ? 
_reflns_shell.Rmerge_I_obs                0.44 
_reflns_shell.meanI_over_sigI_gt          ? 
_reflns_shell.meanI_over_uI_all           ? 
_reflns_shell.meanI_over_uI_gt            ? 
_reflns_shell.number_measured_gt          ? 
_reflns_shell.number_unique_gt            ? 
_reflns_shell.percent_possible_gt         ? 
_reflns_shell.Rmerge_F_gt                 ? 
_reflns_shell.Rmerge_I_gt                 ? 
_reflns_shell.pdbx_redundancy             2.900 
_reflns_shell.pdbx_Rsym_value             ? 
_reflns_shell.pdbx_chi_squared            ? 
_reflns_shell.pdbx_netI_over_sigmaI_all   ? 
_reflns_shell.pdbx_netI_over_sigmaI_obs   ? 
_reflns_shell.pdbx_Rrim_I_all             ? 
_reflns_shell.pdbx_Rpim_I_all             ? 
_reflns_shell.pdbx_rejects                0 
_reflns_shell.pdbx_ordinal                1 
_reflns_shell.pdbx_diffrn_id              1 
_reflns_shell.pdbx_CC_half                ? 
_reflns_shell.pdbx_R_split                ? 
# 
_refine.aniso_B[1][1]                            0.4800 
_refine.aniso_B[1][2]                            0.2400 
_refine.aniso_B[1][3]                            0.0000 
_refine.aniso_B[2][2]                            0.4800 
_refine.aniso_B[2][3]                            0.0000 
_refine.aniso_B[3][3]                            -0.7200 
_refine.B_iso_max                                70.380 
_refine.B_iso_mean                               12.9300 
_refine.B_iso_min                                5.480 
_refine.correlation_coeff_Fo_to_Fc               0.9560 
_refine.correlation_coeff_Fo_to_Fc_free          0.9530 
_refine.details                                  'HYDROGENS HAVE BEEN ADDED IN THE RIDING POSITIONS U VALUES      : RESIDUAL ONLY' 
_refine.diff_density_max                         ? 
_refine.diff_density_max_esd                     ? 
_refine.diff_density_min                         ? 
_refine.diff_density_min_esd                     ? 
_refine.diff_density_rms                         ? 
_refine.diff_density_rms_esd                     ? 
_refine.entry_id                                 5LAW 
_refine.pdbx_refine_id                           'X-RAY DIFFRACTION' 
_refine.ls_abs_structure_details                 ? 
_refine.ls_abs_structure_Flack                   ? 
_refine.ls_abs_structure_Flack_esd               ? 
_refine.ls_abs_structure_Rogers                  ? 
_refine.ls_abs_structure_Rogers_esd              ? 
_refine.ls_d_res_high                            1.6400 
_refine.ls_d_res_low                             48.6800 
_refine.ls_extinction_coef                       ? 
_refine.ls_extinction_coef_esd                   ? 
_refine.ls_extinction_expression                 ? 
_refine.ls_extinction_method                     ? 
_refine.ls_goodness_of_fit_all                   ? 
_refine.ls_goodness_of_fit_all_esd               ? 
_refine.ls_goodness_of_fit_obs                   ? 
_refine.ls_goodness_of_fit_obs_esd               ? 
_refine.ls_hydrogen_treatment                    ? 
_refine.ls_matrix_type                           ? 
_refine.ls_number_constraints                    ? 
_refine.ls_number_parameters                     ? 
_refine.ls_number_reflns_all                     ? 
_refine.ls_number_reflns_obs                     11012 
_refine.ls_number_reflns_R_free                  1200 
_refine.ls_number_reflns_R_work                  ? 
_refine.ls_number_restraints                     ? 
_refine.ls_percent_reflns_obs                    96.2700 
_refine.ls_percent_reflns_R_free                 9.8000 
_refine.ls_R_factor_all                          ? 
_refine.ls_R_factor_obs                          0.1952 
_refine.ls_R_factor_R_free                       0.2158 
_refine.ls_R_factor_R_free_error                 ? 
_refine.ls_R_factor_R_free_error_details         ? 
_refine.ls_R_factor_R_work                       0.1929 
_refine.ls_R_Fsqd_factor_obs                     ? 
_refine.ls_R_I_factor_obs                        ? 
_refine.ls_redundancy_reflns_all                 ? 
_refine.ls_redundancy_reflns_obs                 ? 
_refine.ls_restrained_S_all                      ? 
_refine.ls_restrained_S_obs                      ? 
_refine.ls_shift_over_esd_max                    ? 
_refine.ls_shift_over_esd_mean                   ? 
_refine.ls_structure_factor_coef                 ? 
_refine.ls_weighting_details                     ? 
_refine.ls_weighting_scheme                      ? 
_refine.ls_wR_factor_all                         ? 
_refine.ls_wR_factor_obs                         ? 
_refine.ls_wR_factor_R_free                      ? 
_refine.ls_wR_factor_R_work                      ? 
_refine.occupancy_max                            ? 
_refine.occupancy_min                            ? 
_refine.solvent_model_details                    ? 
_refine.solvent_model_param_bsol                 ? 
_refine.solvent_model_param_ksol                 ? 
_refine.ls_R_factor_gt                           ? 
_refine.ls_goodness_of_fit_gt                    ? 
_refine.ls_goodness_of_fit_ref                   ? 
_refine.ls_shift_over_su_max                     ? 
_refine.ls_shift_over_su_max_lt                  ? 
_refine.ls_shift_over_su_mean                    ? 
_refine.ls_shift_over_su_mean_lt                 ? 
_refine.pdbx_ls_sigma_I                          ? 
_refine.pdbx_ls_sigma_F                          0.000 
_refine.pdbx_ls_sigma_Fsqd                       ? 
_refine.pdbx_data_cutoff_high_absF               ? 
_refine.pdbx_data_cutoff_high_rms_absF           ? 
_refine.pdbx_data_cutoff_low_absF                ? 
_refine.pdbx_isotropic_thermal_model             ? 
_refine.pdbx_ls_cross_valid_method               THROUGHOUT 
_refine.pdbx_method_to_determine_struct          'MOLECULAR REPLACEMENT' 
_refine.pdbx_starting_model                      ? 
_refine.pdbx_stereochemistry_target_values       ? 
_refine.pdbx_R_Free_selection_details            RANDOM 
_refine.pdbx_stereochem_target_val_spec_case     ? 
_refine.pdbx_overall_ESU_R                       0.1170 
_refine.pdbx_overall_ESU_R_Free                  0.1070 
_refine.pdbx_solvent_vdw_probe_radii             1.2000 
_refine.pdbx_solvent_ion_probe_radii             0.8000 
_refine.pdbx_solvent_shrinkage_radii             0.8000 
_refine.pdbx_real_space_R                        ? 
_refine.pdbx_density_correlation                 ? 
_refine.pdbx_pd_number_of_powder_patterns        ? 
_refine.pdbx_pd_number_of_points                 ? 
_refine.pdbx_pd_meas_number_of_points            ? 
_refine.pdbx_pd_proc_ls_prof_R_factor            ? 
_refine.pdbx_pd_proc_ls_prof_wR_factor           ? 
_refine.pdbx_pd_Marquardt_correlation_coeff      ? 
_refine.pdbx_pd_Fsqrd_R_factor                   ? 
_refine.pdbx_pd_ls_matrix_band_width             ? 
_refine.pdbx_overall_phase_error                 ? 
_refine.pdbx_overall_SU_R_free_Cruickshank_DPI   ? 
_refine.pdbx_overall_SU_R_free_Blow_DPI          ? 
_refine.pdbx_overall_SU_R_Blow_DPI               ? 
_refine.pdbx_TLS_residual_ADP_flag               ? 
_refine.pdbx_diffrn_id                           1 
_refine.overall_SU_B                             4.8740 
_refine.overall_SU_ML                            0.0780 
_refine.overall_SU_R_Cruickshank_DPI             ? 
_refine.overall_SU_R_free                        ? 
_refine.overall_FOM_free_R_set                   ? 
_refine.overall_FOM_work_R_set                   ? 
_refine.pdbx_average_fsc_overall                 ? 
_refine.pdbx_average_fsc_work                    ? 
_refine.pdbx_average_fsc_free                    ? 
# 
_refine_hist.cycle_id                         final 
_refine_hist.pdbx_refine_id                   'X-RAY DIFFRACTION' 
_refine_hist.d_res_high                       1.6400 
_refine_hist.d_res_low                        48.6800 
_refine_hist.pdbx_number_atoms_ligand         53 
_refine_hist.number_atoms_solvent             43 
_refine_hist.number_atoms_total               869 
_refine_hist.pdbx_number_residues_total       94 
_refine_hist.pdbx_B_iso_mean_ligand           18.73 
_refine_hist.pdbx_B_iso_mean_solvent          33.19 
_refine_hist.pdbx_number_atoms_protein        773 
_refine_hist.pdbx_number_atoms_nucleic_acid   0 
# 
loop_
_refine_ls_restr.pdbx_refine_id 
_refine_ls_restr.criterion 
_refine_ls_restr.dev_ideal 
_refine_ls_restr.dev_ideal_target 
_refine_ls_restr.number 
_refine_ls_restr.rejects 
_refine_ls_restr.type 
_refine_ls_restr.weight 
_refine_ls_restr.pdbx_restraint_function 
'X-RAY DIFFRACTION' ? 0.010  0.020  895  ? r_bond_refined_d       ? ? 
'X-RAY DIFFRACTION' ? 0.002  0.020  605  ? r_bond_other_d         ? ? 
'X-RAY DIFFRACTION' ? 1.364  2.064  1229 ? r_angle_refined_deg    ? ? 
'X-RAY DIFFRACTION' ? 1.029  3.000  1487 ? r_angle_other_deg      ? ? 
'X-RAY DIFFRACTION' ? 5.203  5.000  105  ? r_dihedral_angle_1_deg ? ? 
'X-RAY DIFFRACTION' ? 42.842 23.824 34   ? r_dihedral_angle_2_deg ? ? 
'X-RAY DIFFRACTION' ? 12.105 15.000 161  ? r_dihedral_angle_3_deg ? ? 
'X-RAY DIFFRACTION' ? 21.630 15.000 4    ? r_dihedral_angle_4_deg ? ? 
'X-RAY DIFFRACTION' ? 0.078  0.200  139  ? r_chiral_restr         ? ? 
'X-RAY DIFFRACTION' ? 0.007  0.021  951  ? r_gen_planes_refined   ? ? 
'X-RAY DIFFRACTION' ? 0.001  0.020  175  ? r_gen_planes_other     ? ? 
# 
_refine_ls_shell.pdbx_refine_id                   'X-RAY DIFFRACTION' 
_refine_ls_shell.d_res_high                       1.6400 
_refine_ls_shell.d_res_low                        1.6830 
_refine_ls_shell.number_reflns_all                754 
_refine_ls_shell.number_reflns_obs                ? 
_refine_ls_shell.number_reflns_R_free             78 
_refine_ls_shell.number_reflns_R_work             676 
_refine_ls_shell.percent_reflns_obs               94.0100 
_refine_ls_shell.percent_reflns_R_free            ? 
_refine_ls_shell.R_factor_all                     ? 
_refine_ls_shell.R_factor_obs                     ? 
_refine_ls_shell.R_factor_R_free                  0.3140 
_refine_ls_shell.R_factor_R_free_error            ? 
_refine_ls_shell.R_factor_R_work                  0.2940 
_refine_ls_shell.redundancy_reflns_all            ? 
_refine_ls_shell.redundancy_reflns_obs            ? 
_refine_ls_shell.wR_factor_all                    ? 
_refine_ls_shell.wR_factor_obs                    ? 
_refine_ls_shell.wR_factor_R_free                 ? 
_refine_ls_shell.wR_factor_R_work                 ? 
_refine_ls_shell.pdbx_total_number_of_bins_used   20 
_refine_ls_shell.pdbx_phase_error                 ? 
_refine_ls_shell.pdbx_fsc_work                    ? 
_refine_ls_shell.pdbx_fsc_free                    ? 
# 
_struct.entry_id                     5LAW 
_struct.title                        
'Novel Spiro[3H-indole-3,2 -pyrrolidin]-2(1H)-one Inhibitors of the MDM2-p53 Interaction: HDM2 (MDM2) IN COMPLEX WITH COMPOUND 14' 
_struct.pdbx_model_details           ? 
_struct.pdbx_formula_weight          ? 
_struct.pdbx_formula_weight_method   ? 
_struct.pdbx_model_type_details      ? 
_struct.pdbx_CASP_flag               N 
# 
_struct_keywords.entry_id        5LAW 
_struct_keywords.text            'VIENNA, PPI, MDM2, HDM2, BI, ligase' 
_struct_keywords.pdbx_keywords   LIGASE 
# 
loop_
_struct_asym.id 
_struct_asym.pdbx_blank_PDB_chainid_flag 
_struct_asym.pdbx_modified 
_struct_asym.entity_id 
_struct_asym.details 
A N N 1 ? 
B N N 2 ? 
C N N 3 ? 
D N N 3 ? 
E N N 3 ? 
F N N 4 ? 
# 
_struct_ref.id                         1 
_struct_ref.db_name                    UNP 
_struct_ref.db_code                    MDM2_HUMAN 
_struct_ref.pdbx_db_accession          Q00987 
_struct_ref.pdbx_db_isoform            Q00987-11 
_struct_ref.entity_id                  1 
_struct_ref.pdbx_seq_one_letter_code   
;QIPASEQETLVRPKPLLLKLLKSVGAQKDTYTMKEVLFYLGQYIMTKRLYDEKQQHIVYCSNDLLGDLFGVPSFSVKEHR
KIYTMIYRNLVVVN
;
_struct_ref.pdbx_align_begin           24 
# 
_struct_ref_seq.align_id                      1 
_struct_ref_seq.ref_id                        1 
_struct_ref_seq.pdbx_PDB_id_code              5LAW 
_struct_ref_seq.pdbx_strand_id                A 
_struct_ref_seq.seq_align_beg                 1 
_struct_ref_seq.pdbx_seq_align_beg_ins_code   ? 
_struct_ref_seq.seq_align_end                 94 
_struct_ref_seq.pdbx_seq_align_end_ins_code   ? 
_struct_ref_seq.pdbx_db_accession             Q00987 
_struct_ref_seq.db_align_beg                  24 
_struct_ref_seq.pdbx_db_align_beg_ins_code    ? 
_struct_ref_seq.db_align_end                  117 
_struct_ref_seq.pdbx_db_align_end_ins_code    ? 
_struct_ref_seq.pdbx_auth_seq_align_beg       18 
_struct_ref_seq.pdbx_auth_seq_align_end       111 
# 
_pdbx_struct_assembly.id                   1 
_pdbx_struct_assembly.details              software_defined_assembly 
_pdbx_struct_assembly.method_details       PISA 
_pdbx_struct_assembly.oligomeric_details   monomeric 
_pdbx_struct_assembly.oligomeric_count     1 
# 
loop_
_pdbx_struct_assembly_prop.biol_id 
_pdbx_struct_assembly_prop.type 
_pdbx_struct_assembly_prop.value 
_pdbx_struct_assembly_prop.details 
1 'ABSA (A^2)' 420  ? 
1 MORE         -30  ? 
1 'SSA (A^2)'  6080 ? 
# 
_pdbx_struct_assembly_gen.assembly_id       1 
_pdbx_struct_assembly_gen.oper_expression   1 
_pdbx_struct_assembly_gen.asym_id_list      A,B,C,D,E,F 
# 
_pdbx_struct_oper_list.id                   1 
_pdbx_struct_oper_list.type                 'identity operation' 
_pdbx_struct_oper_list.name                 1_555 
_pdbx_struct_oper_list.symmetry_operation   x,y,z 
_pdbx_struct_oper_list.matrix[1][1]         1.0000000000 
_pdbx_struct_oper_list.matrix[1][2]         0.0000000000 
_pdbx_struct_oper_list.matrix[1][3]         0.0000000000 
_pdbx_struct_oper_list.vector[1]            0.0000000000 
_pdbx_struct_oper_list.matrix[2][1]         0.0000000000 
_pdbx_struct_oper_list.matrix[2][2]         1.0000000000 
_pdbx_struct_oper_list.matrix[2][3]         0.0000000000 
_pdbx_struct_oper_list.vector[2]            0.0000000000 
_pdbx_struct_oper_list.matrix[3][1]         0.0000000000 
_pdbx_struct_oper_list.matrix[3][2]         0.0000000000 
_pdbx_struct_oper_list.matrix[3][3]         1.0000000000 
_pdbx_struct_oper_list.vector[3]            0.0000000000 
# 
loop_
_struct_conf.conf_type_id 
_struct_conf.id 
_struct_conf.pdbx_PDB_helix_id 
_struct_conf.beg_label_comp_id 
_struct_conf.beg_label_asym_id 
_struct_conf.beg_label_seq_id 
_struct_conf.pdbx_beg_PDB_ins_code 
_struct_conf.end_label_comp_id 
_struct_conf.end_label_asym_id 
_struct_conf.end_label_seq_id 
_struct_conf.pdbx_end_PDB_ins_code 
_struct_conf.beg_auth_comp_id 
_struct_conf.beg_auth_asym_id 
_struct_conf.beg_auth_seq_id 
_struct_conf.end_auth_comp_id 
_struct_conf.end_auth_asym_id 
_struct_conf.end_auth_seq_id 
_struct_conf.pdbx_PDB_helix_class 
_struct_conf.details 
_struct_conf.pdbx_PDB_helix_length 
HELX_P HELX_P1 AA1 PRO A 3  ? GLU A 8  ? PRO A 20 GLU A 25  5 ? 6  
HELX_P HELX_P2 AA2 LYS A 14 ? SER A 23 ? LYS A 31 SER A 40  1 ? 10 
HELX_P HELX_P3 AA3 MET A 33 ? LYS A 47 ? MET A 50 LYS A 64  1 ? 15 
HELX_P HELX_P4 AA4 ASP A 63 ? GLY A 70 ? ASP A 80 GLY A 87  1 ? 8  
HELX_P HELX_P5 AA5 GLU A 78 ? ARG A 88 ? GLU A 95 ARG A 105 1 ? 11 
# 
_struct_conf_type.id          HELX_P 
_struct_conf_type.criteria    ? 
_struct_conf_type.reference   ? 
# 
loop_
_struct_sheet.id 
_struct_sheet.type 
_struct_sheet.number_strands 
_struct_sheet.details 
AA1 ? 3 ? 
AA2 ? 3 ? 
# 
loop_
_struct_sheet_order.sheet_id 
_struct_sheet_order.range_id_1 
_struct_sheet_order.range_id_2 
_struct_sheet_order.offset 
_struct_sheet_order.sense 
AA1 1 2 ? anti-parallel 
AA1 2 3 ? anti-parallel 
AA2 1 2 ? anti-parallel 
AA2 2 3 ? anti-parallel 
# 
loop_
_struct_sheet_range.sheet_id 
_struct_sheet_range.id 
_struct_sheet_range.beg_label_comp_id 
_struct_sheet_range.beg_label_asym_id 
_struct_sheet_range.beg_label_seq_id 
_struct_sheet_range.pdbx_beg_PDB_ins_code 
_struct_sheet_range.end_label_comp_id 
_struct_sheet_range.end_label_asym_id 
_struct_sheet_range.end_label_seq_id 
_struct_sheet_range.pdbx_end_PDB_ins_code 
_struct_sheet_range.beg_auth_comp_id 
_struct_sheet_range.beg_auth_asym_id 
_struct_sheet_range.beg_auth_seq_id 
_struct_sheet_range.end_auth_comp_id 
_struct_sheet_range.end_auth_asym_id 
_struct_sheet_range.end_auth_seq_id 
AA1 1 TYR A 31 ? THR A 32 ? TYR A 48  THR A 49  
AA1 2 LEU A 10 ? PRO A 13 ? LEU A 27  PRO A 30  
AA1 3 LEU A 90 ? VAL A 93 ? LEU A 107 VAL A 110 
AA2 1 TYR A 50 ? ASP A 51 ? TYR A 67  ASP A 68  
AA2 2 ILE A 57 ? TYR A 59 ? ILE A 74  TYR A 76  
AA2 3 SER A 73 ? SER A 75 ? SER A 90  SER A 92  
# 
loop_
_pdbx_struct_sheet_hbond.sheet_id 
_pdbx_struct_sheet_hbond.range_id_1 
_pdbx_struct_sheet_hbond.range_id_2 
_pdbx_struct_sheet_hbond.range_1_label_atom_id 
_pdbx_struct_sheet_hbond.range_1_label_comp_id 
_pdbx_struct_sheet_hbond.range_1_label_asym_id 
_pdbx_struct_sheet_hbond.range_1_label_seq_id 
_pdbx_struct_sheet_hbond.range_1_PDB_ins_code 
_pdbx_struct_sheet_hbond.range_1_auth_atom_id 
_pdbx_struct_sheet_hbond.range_1_auth_comp_id 
_pdbx_struct_sheet_hbond.range_1_auth_asym_id 
_pdbx_struct_sheet_hbond.range_1_auth_seq_id 
_pdbx_struct_sheet_hbond.range_2_label_atom_id 
_pdbx_struct_sheet_hbond.range_2_label_comp_id 
_pdbx_struct_sheet_hbond.range_2_label_asym_id 
_pdbx_struct_sheet_hbond.range_2_label_seq_id 
_pdbx_struct_sheet_hbond.range_2_PDB_ins_code 
_pdbx_struct_sheet_hbond.range_2_auth_atom_id 
_pdbx_struct_sheet_hbond.range_2_auth_comp_id 
_pdbx_struct_sheet_hbond.range_2_auth_asym_id 
_pdbx_struct_sheet_hbond.range_2_auth_seq_id 
AA1 1 2 O TYR A 31 ? O TYR A 48 N VAL A 11 ? N VAL A 28  
AA1 2 3 N ARG A 12 ? N ARG A 29 O VAL A 91 ? O VAL A 108 
AA2 1 2 N ASP A 51 ? N ASP A 68 O ILE A 57 ? O ILE A 74  
AA2 2 3 N VAL A 58 ? N VAL A 75 O PHE A 74 ? O PHE A 91  
# 
loop_
_struct_site.id 
_struct_site.pdbx_evidence_code 
_struct_site.pdbx_auth_asym_id 
_struct_site.pdbx_auth_comp_id 
_struct_site.pdbx_auth_seq_id 
_struct_site.pdbx_auth_ins_code 
_struct_site.pdbx_num_residues 
_struct_site.details 
AC1 Software A 6SJ 201 ? 11 'binding site for residue 6SJ A 201' 
AC2 Software A SO4 202 ? 3  'binding site for residue SO4 A 202' 
AC3 Software A SO4 203 ? 7  'binding site for residue SO4 A 203' 
AC4 Software A SO4 204 ? 6  'binding site for residue SO4 A 204' 
# 
loop_
_struct_site_gen.id 
_struct_site_gen.site_id 
_struct_site_gen.pdbx_num_res 
_struct_site_gen.label_comp_id 
_struct_site_gen.label_asym_id 
_struct_site_gen.label_seq_id 
_struct_site_gen.pdbx_auth_ins_code 
_struct_site_gen.auth_comp_id 
_struct_site_gen.auth_asym_id 
_struct_site_gen.auth_seq_id 
_struct_site_gen.label_atom_id 
_struct_site_gen.label_alt_id 
_struct_site_gen.symmetry 
_struct_site_gen.details 
1  AC1 11 LEU A 37 ? LEU A 54  . ? 1_555 ? 
2  AC1 11 ILE A 44 ? ILE A 61  . ? 1_555 ? 
3  AC1 11 TYR A 50 ? TYR A 67  . ? 1_555 ? 
4  AC1 11 PHE A 69 ? PHE A 86  . ? 1_555 ? 
5  AC1 11 VAL A 76 ? VAL A 93  . ? 1_555 ? 
6  AC1 11 LYS A 77 ? LYS A 94  . ? 1_555 ? 
7  AC1 11 HIS A 79 ? HIS A 96  . ? 1_555 ? 
8  AC1 11 ARG A 80 ? ARG A 97  . ? 6_555 ? 
9  AC1 11 ILE A 82 ? ILE A 99  . ? 1_555 ? 
10 AC1 11 SO4 C .  ? SO4 A 202 . ? 1_555 ? 
11 AC1 11 HOH F .  ? HOH A 317 . ? 1_555 ? 
12 AC2 3  ARG A 80 ? ARG A 97  . ? 6_555 ? 
13 AC2 3  6SJ B .  ? 6SJ A 201 . ? 1_555 ? 
14 AC2 3  HOH F .  ? HOH A 326 . ? 1_555 ? 
15 AC3 7  GLN A 1  ? GLN A 18  . ? 1_555 ? 
16 AC3 7  LYS A 77 ? LYS A 94  . ? 1_555 ? 
17 AC3 7  GLU A 78 ? GLU A 95  . ? 1_555 ? 
18 AC3 7  HIS A 79 ? HIS A 96  . ? 1_555 ? 
19 AC3 7  ARG A 80 ? ARG A 97  . ? 1_555 ? 
20 AC3 7  LYS A 81 ? LYS A 98  . ? 1_555 ? 
21 AC3 7  HOH F .  ? HOH A 332 . ? 1_555 ? 
22 AC4 6  PRO A 3  ? PRO A 20  . ? 1_555 ? 
23 AC4 6  ALA A 4  ? ALA A 21  . ? 1_555 ? 
24 AC4 6  LYS A 34 ? LYS A 51  . ? 5_554 ? 
25 AC4 6  LYS A 34 ? LYS A 51  . ? 8_555 ? 
26 AC4 6  HOH F .  ? HOH A 309 . ? 5_554 ? 
27 AC4 6  HOH F .  ? HOH A 319 . ? 5_554 ? 
# 
_pdbx_validate_symm_contact.id                1 
_pdbx_validate_symm_contact.PDB_model_num     1 
_pdbx_validate_symm_contact.auth_atom_id_1    O 
_pdbx_validate_symm_contact.auth_asym_id_1    A 
_pdbx_validate_symm_contact.auth_comp_id_1    HOH 
_pdbx_validate_symm_contact.auth_seq_id_1     335 
_pdbx_validate_symm_contact.PDB_ins_code_1    ? 
_pdbx_validate_symm_contact.label_alt_id_1    ? 
_pdbx_validate_symm_contact.site_symmetry_1   1_555 
_pdbx_validate_symm_contact.auth_atom_id_2    O 
_pdbx_validate_symm_contact.auth_asym_id_2    A 
_pdbx_validate_symm_contact.auth_comp_id_2    HOH 
_pdbx_validate_symm_contact.auth_seq_id_2     335 
_pdbx_validate_symm_contact.PDB_ins_code_2    ? 
_pdbx_validate_symm_contact.label_alt_id_2    ? 
_pdbx_validate_symm_contact.site_symmetry_2   12_565 
_pdbx_validate_symm_contact.dist              0.88 
# 
loop_
_pdbx_validate_torsion.id 
_pdbx_validate_torsion.PDB_model_num 
_pdbx_validate_torsion.auth_comp_id 
_pdbx_validate_torsion.auth_asym_id 
_pdbx_validate_torsion.auth_seq_id 
_pdbx_validate_torsion.PDB_ins_code 
_pdbx_validate_torsion.label_alt_id 
_pdbx_validate_torsion.phi 
_pdbx_validate_torsion.psi 
1 1 LYS A 70 ? ? -91.53  44.53 
2 1 GLN A 71 ? ? -160.70 60.99 
# 
_pdbx_struct_special_symmetry.id              1 
_pdbx_struct_special_symmetry.PDB_model_num   1 
_pdbx_struct_special_symmetry.auth_asym_id    A 
_pdbx_struct_special_symmetry.auth_comp_id    HOH 
_pdbx_struct_special_symmetry.auth_seq_id     333 
_pdbx_struct_special_symmetry.PDB_ins_code    ? 
_pdbx_struct_special_symmetry.label_asym_id   F 
_pdbx_struct_special_symmetry.label_comp_id   HOH 
_pdbx_struct_special_symmetry.label_seq_id    . 
# 
loop_
_chem_comp_atom.comp_id 
_chem_comp_atom.atom_id 
_chem_comp_atom.type_symbol 
_chem_comp_atom.pdbx_aromatic_flag 
_chem_comp_atom.pdbx_stereo_config 
_chem_comp_atom.pdbx_ordinal 
6SJ C4   C  Y N 1   
6SJ C5   C  Y N 2   
6SJ C6   C  Y N 3   
6SJ C7   C  Y N 4   
6SJ C8   C  N S 5   
6SJ C10  C  N S 6   
6SJ N12  N  N N 7   
6SJ C13  C  N N 8   
6SJ C15  C  N S 9   
6SJ C20  C  N N 10  
6SJ C21  C  N N 11  
6SJ C22  C  N S 12  
6SJ C26  C  Y N 13  
6SJ C28  C  Y N 14  
6SJ CL1  CL N N 15  
6SJ C2   C  Y N 16  
6SJ C3   C  Y N 17  
6SJ C14  C  N N 18  
6SJ N17  N  N N 19  
6SJ C18  C  N N 20  
6SJ C19  C  N N 21  
6SJ C23  C  N N 22  
6SJ O24  O  N N 23  
6SJ N25  N  N N 24  
6SJ C27  C  Y N 25  
6SJ CL2  CL N N 26  
6SJ C30  C  Y N 27  
6SJ C31  C  Y N 28  
6SJ C32  C  Y N 29  
6SJ C33  C  N N 30  
6SJ C34  C  N N 31  
6SJ O35  O  N N 32  
6SJ O36  O  N N 33  
6SJ H1   H  N N 34  
6SJ H2   H  N N 35  
6SJ H3   H  N N 36  
6SJ H4   H  N N 37  
6SJ H5   H  N N 38  
6SJ H7   H  N N 39  
6SJ H8   H  N N 40  
6SJ H9   H  N N 41  
6SJ H10  H  N N 42  
6SJ H11  H  N N 43  
6SJ H12  H  N N 44  
6SJ H13  H  N N 45  
6SJ H14  H  N N 46  
6SJ H15  H  N N 47  
6SJ H16  H  N N 48  
6SJ H18  H  N N 49  
6SJ H19  H  N N 50  
6SJ H20  H  N N 51  
6SJ H21  H  N N 52  
6SJ H22  H  N N 53  
6SJ H23  H  N N 54  
6SJ H24  H  N N 55  
6SJ H25  H  N N 56  
6SJ H26  H  N N 57  
6SJ H27  H  N N 58  
ALA N    N  N N 59  
ALA CA   C  N S 60  
ALA C    C  N N 61  
ALA O    O  N N 62  
ALA CB   C  N N 63  
ALA OXT  O  N N 64  
ALA H    H  N N 65  
ALA H2   H  N N 66  
ALA HA   H  N N 67  
ALA HB1  H  N N 68  
ALA HB2  H  N N 69  
ALA HB3  H  N N 70  
ALA HXT  H  N N 71  
ARG N    N  N N 72  
ARG CA   C  N S 73  
ARG C    C  N N 74  
ARG O    O  N N 75  
ARG CB   C  N N 76  
ARG CG   C  N N 77  
ARG CD   C  N N 78  
ARG NE   N  N N 79  
ARG CZ   C  N N 80  
ARG NH1  N  N N 81  
ARG NH2  N  N N 82  
ARG OXT  O  N N 83  
ARG H    H  N N 84  
ARG H2   H  N N 85  
ARG HA   H  N N 86  
ARG HB2  H  N N 87  
ARG HB3  H  N N 88  
ARG HG2  H  N N 89  
ARG HG3  H  N N 90  
ARG HD2  H  N N 91  
ARG HD3  H  N N 92  
ARG HE   H  N N 93  
ARG HH11 H  N N 94  
ARG HH12 H  N N 95  
ARG HH21 H  N N 96  
ARG HH22 H  N N 97  
ARG HXT  H  N N 98  
ASN N    N  N N 99  
ASN CA   C  N S 100 
ASN C    C  N N 101 
ASN O    O  N N 102 
ASN CB   C  N N 103 
ASN CG   C  N N 104 
ASN OD1  O  N N 105 
ASN ND2  N  N N 106 
ASN OXT  O  N N 107 
ASN H    H  N N 108 
ASN H2   H  N N 109 
ASN HA   H  N N 110 
ASN HB2  H  N N 111 
ASN HB3  H  N N 112 
ASN HD21 H  N N 113 
ASN HD22 H  N N 114 
ASN HXT  H  N N 115 
ASP N    N  N N 116 
ASP CA   C  N S 117 
ASP C    C  N N 118 
ASP O    O  N N 119 
ASP CB   C  N N 120 
ASP CG   C  N N 121 
ASP OD1  O  N N 122 
ASP OD2  O  N N 123 
ASP OXT  O  N N 124 
ASP H    H  N N 125 
ASP H2   H  N N 126 
ASP HA   H  N N 127 
ASP HB2  H  N N 128 
ASP HB3  H  N N 129 
ASP HD2  H  N N 130 
ASP HXT  H  N N 131 
CYS N    N  N N 132 
CYS CA   C  N R 133 
CYS C    C  N N 134 
CYS O    O  N N 135 
CYS CB   C  N N 136 
CYS SG   S  N N 137 
CYS OXT  O  N N 138 
CYS H    H  N N 139 
CYS H2   H  N N 140 
CYS HA   H  N N 141 
CYS HB2  H  N N 142 
CYS HB3  H  N N 143 
CYS HG   H  N N 144 
CYS HXT  H  N N 145 
GLN N    N  N N 146 
GLN CA   C  N S 147 
GLN C    C  N N 148 
GLN O    O  N N 149 
GLN CB   C  N N 150 
GLN CG   C  N N 151 
GLN CD   C  N N 152 
GLN OE1  O  N N 153 
GLN NE2  N  N N 154 
GLN OXT  O  N N 155 
GLN H    H  N N 156 
GLN H2   H  N N 157 
GLN HA   H  N N 158 
GLN HB2  H  N N 159 
GLN HB3  H  N N 160 
GLN HG2  H  N N 161 
GLN HG3  H  N N 162 
GLN HE21 H  N N 163 
GLN HE22 H  N N 164 
GLN HXT  H  N N 165 
GLU N    N  N N 166 
GLU CA   C  N S 167 
GLU C    C  N N 168 
GLU O    O  N N 169 
GLU CB   C  N N 170 
GLU CG   C  N N 171 
GLU CD   C  N N 172 
GLU OE1  O  N N 173 
GLU OE2  O  N N 174 
GLU OXT  O  N N 175 
GLU H    H  N N 176 
GLU H2   H  N N 177 
GLU HA   H  N N 178 
GLU HB2  H  N N 179 
GLU HB3  H  N N 180 
GLU HG2  H  N N 181 
GLU HG3  H  N N 182 
GLU HE2  H  N N 183 
GLU HXT  H  N N 184 
GLY N    N  N N 185 
GLY CA   C  N N 186 
GLY C    C  N N 187 
GLY O    O  N N 188 
GLY OXT  O  N N 189 
GLY H    H  N N 190 
GLY H2   H  N N 191 
GLY HA2  H  N N 192 
GLY HA3  H  N N 193 
GLY HXT  H  N N 194 
HIS N    N  N N 195 
HIS CA   C  N S 196 
HIS C    C  N N 197 
HIS O    O  N N 198 
HIS CB   C  N N 199 
HIS CG   C  Y N 200 
HIS ND1  N  Y N 201 
HIS CD2  C  Y N 202 
HIS CE1  C  Y N 203 
HIS NE2  N  Y N 204 
HIS OXT  O  N N 205 
HIS H    H  N N 206 
HIS H2   H  N N 207 
HIS HA   H  N N 208 
HIS HB2  H  N N 209 
HIS HB3  H  N N 210 
HIS HD1  H  N N 211 
HIS HD2  H  N N 212 
HIS HE1  H  N N 213 
HIS HE2  H  N N 214 
HIS HXT  H  N N 215 
HOH O    O  N N 216 
HOH H1   H  N N 217 
HOH H2   H  N N 218 
ILE N    N  N N 219 
ILE CA   C  N S 220 
ILE C    C  N N 221 
ILE O    O  N N 222 
ILE CB   C  N S 223 
ILE CG1  C  N N 224 
ILE CG2  C  N N 225 
ILE CD1  C  N N 226 
ILE OXT  O  N N 227 
ILE H    H  N N 228 
ILE H2   H  N N 229 
ILE HA   H  N N 230 
ILE HB   H  N N 231 
ILE HG12 H  N N 232 
ILE HG13 H  N N 233 
ILE HG21 H  N N 234 
ILE HG22 H  N N 235 
ILE HG23 H  N N 236 
ILE HD11 H  N N 237 
ILE HD12 H  N N 238 
ILE HD13 H  N N 239 
ILE HXT  H  N N 240 
LEU N    N  N N 241 
LEU CA   C  N S 242 
LEU C    C  N N 243 
LEU O    O  N N 244 
LEU CB   C  N N 245 
LEU CG   C  N N 246 
LEU CD1  C  N N 247 
LEU CD2  C  N N 248 
LEU OXT  O  N N 249 
LEU H    H  N N 250 
LEU H2   H  N N 251 
LEU HA   H  N N 252 
LEU HB2  H  N N 253 
LEU HB3  H  N N 254 
LEU HG   H  N N 255 
LEU HD11 H  N N 256 
LEU HD12 H  N N 257 
LEU HD13 H  N N 258 
LEU HD21 H  N N 259 
LEU HD22 H  N N 260 
LEU HD23 H  N N 261 
LEU HXT  H  N N 262 
LYS N    N  N N 263 
LYS CA   C  N S 264 
LYS C    C  N N 265 
LYS O    O  N N 266 
LYS CB   C  N N 267 
LYS CG   C  N N 268 
LYS CD   C  N N 269 
LYS CE   C  N N 270 
LYS NZ   N  N N 271 
LYS OXT  O  N N 272 
LYS H    H  N N 273 
LYS H2   H  N N 274 
LYS HA   H  N N 275 
LYS HB2  H  N N 276 
LYS HB3  H  N N 277 
LYS HG2  H  N N 278 
LYS HG3  H  N N 279 
LYS HD2  H  N N 280 
LYS HD3  H  N N 281 
LYS HE2  H  N N 282 
LYS HE3  H  N N 283 
LYS HZ1  H  N N 284 
LYS HZ2  H  N N 285 
LYS HZ3  H  N N 286 
LYS HXT  H  N N 287 
MET N    N  N N 288 
MET CA   C  N S 289 
MET C    C  N N 290 
MET O    O  N N 291 
MET CB   C  N N 292 
MET CG   C  N N 293 
MET SD   S  N N 294 
MET CE   C  N N 295 
MET OXT  O  N N 296 
MET H    H  N N 297 
MET H2   H  N N 298 
MET HA   H  N N 299 
MET HB2  H  N N 300 
MET HB3  H  N N 301 
MET HG2  H  N N 302 
MET HG3  H  N N 303 
MET HE1  H  N N 304 
MET HE2  H  N N 305 
MET HE3  H  N N 306 
MET HXT  H  N N 307 
PHE N    N  N N 308 
PHE CA   C  N S 309 
PHE C    C  N N 310 
PHE O    O  N N 311 
PHE CB   C  N N 312 
PHE CG   C  Y N 313 
PHE CD1  C  Y N 314 
PHE CD2  C  Y N 315 
PHE CE1  C  Y N 316 
PHE CE2  C  Y N 317 
PHE CZ   C  Y N 318 
PHE OXT  O  N N 319 
PHE H    H  N N 320 
PHE H2   H  N N 321 
PHE HA   H  N N 322 
PHE HB2  H  N N 323 
PHE HB3  H  N N 324 
PHE HD1  H  N N 325 
PHE HD2  H  N N 326 
PHE HE1  H  N N 327 
PHE HE2  H  N N 328 
PHE HZ   H  N N 329 
PHE HXT  H  N N 330 
PRO N    N  N N 331 
PRO CA   C  N S 332 
PRO C    C  N N 333 
PRO O    O  N N 334 
PRO CB   C  N N 335 
PRO CG   C  N N 336 
PRO CD   C  N N 337 
PRO OXT  O  N N 338 
PRO H    H  N N 339 
PRO HA   H  N N 340 
PRO HB2  H  N N 341 
PRO HB3  H  N N 342 
PRO HG2  H  N N 343 
PRO HG3  H  N N 344 
PRO HD2  H  N N 345 
PRO HD3  H  N N 346 
PRO HXT  H  N N 347 
SER N    N  N N 348 
SER CA   C  N S 349 
SER C    C  N N 350 
SER O    O  N N 351 
SER CB   C  N N 352 
SER OG   O  N N 353 
SER OXT  O  N N 354 
SER H    H  N N 355 
SER H2   H  N N 356 
SER HA   H  N N 357 
SER HB2  H  N N 358 
SER HB3  H  N N 359 
SER HG   H  N N 360 
SER HXT  H  N N 361 
SO4 S    S  N N 362 
SO4 O1   O  N N 363 
SO4 O2   O  N N 364 
SO4 O3   O  N N 365 
SO4 O4   O  N N 366 
THR N    N  N N 367 
THR CA   C  N S 368 
THR C    C  N N 369 
THR O    O  N N 370 
THR CB   C  N R 371 
THR OG1  O  N N 372 
THR CG2  C  N N 373 
THR OXT  O  N N 374 
THR H    H  N N 375 
THR H2   H  N N 376 
THR HA   H  N N 377 
THR HB   H  N N 378 
THR HG1  H  N N 379 
THR HG21 H  N N 380 
THR HG22 H  N N 381 
THR HG23 H  N N 382 
THR HXT  H  N N 383 
TYR N    N  N N 384 
TYR CA   C  N S 385 
TYR C    C  N N 386 
TYR O    O  N N 387 
TYR CB   C  N N 388 
TYR CG   C  Y N 389 
TYR CD1  C  Y N 390 
TYR CD2  C  Y N 391 
TYR CE1  C  Y N 392 
TYR CE2  C  Y N 393 
TYR CZ   C  Y N 394 
TYR OH   O  N N 395 
TYR OXT  O  N N 396 
TYR H    H  N N 397 
TYR H2   H  N N 398 
TYR HA   H  N N 399 
TYR HB2  H  N N 400 
TYR HB3  H  N N 401 
TYR HD1  H  N N 402 
TYR HD2  H  N N 403 
TYR HE1  H  N N 404 
TYR HE2  H  N N 405 
TYR HH   H  N N 406 
TYR HXT  H  N N 407 
VAL N    N  N N 408 
VAL CA   C  N S 409 
VAL C    C  N N 410 
VAL O    O  N N 411 
VAL CB   C  N N 412 
VAL CG1  C  N N 413 
VAL CG2  C  N N 414 
VAL OXT  O  N N 415 
VAL H    H  N N 416 
VAL H2   H  N N 417 
VAL HA   H  N N 418 
VAL HB   H  N N 419 
VAL HG11 H  N N 420 
VAL HG12 H  N N 421 
VAL HG13 H  N N 422 
VAL HG21 H  N N 423 
VAL HG22 H  N N 424 
VAL HG23 H  N N 425 
VAL HXT  H  N N 426 
# 
loop_
_chem_comp_bond.comp_id 
_chem_comp_bond.atom_id_1 
_chem_comp_bond.atom_id_2 
_chem_comp_bond.value_order 
_chem_comp_bond.pdbx_aromatic_flag 
_chem_comp_bond.pdbx_stereo_config 
_chem_comp_bond.pdbx_ordinal 
6SJ O36 C34  doub N N 1   
6SJ C34 O35  sing N N 2   
6SJ C34 C33  sing N N 3   
6SJ CL1 C2   sing N N 4   
6SJ C33 N12  sing N N 5   
6SJ C2  C7   doub Y N 6   
6SJ C2  C3   sing Y N 7   
6SJ C7  C6   sing Y N 8   
6SJ C13 N12  sing N N 9   
6SJ C13 C14  sing N N 10  
6SJ N12 C10  sing N N 11  
6SJ C3  C4   doub Y N 12  
6SJ C6  C8   sing N N 13  
6SJ C6  C5   doub Y N 14  
6SJ C4  C5   sing Y N 15  
6SJ C8  C10  sing N N 16  
6SJ C8  C22  sing N N 17  
6SJ C10 C15  sing N N 18  
6SJ C14 C15  sing N N 19  
6SJ C31 C30  doub Y N 20  
6SJ C31 C32  sing Y N 21  
6SJ C30 C28  sing Y N 22  
6SJ C15 N17  sing N N 23  
6SJ C32 C22  sing N N 24  
6SJ C32 C26  doub Y N 25  
6SJ C22 N17  sing N N 26  
6SJ C22 C23  sing N N 27  
6SJ N17 C18  sing N N 28  
6SJ C28 CL2  sing N N 29  
6SJ C28 C27  doub Y N 30  
6SJ C21 C19  sing N N 31  
6SJ C21 C20  sing N N 32  
6SJ C26 C27  sing Y N 33  
6SJ C26 N25  sing N N 34  
6SJ C23 O24  doub N N 35  
6SJ C23 N25  sing N N 36  
6SJ C19 C18  sing N N 37  
6SJ C19 C20  sing N N 38  
6SJ C4  H1   sing N N 39  
6SJ C5  H2   sing N N 40  
6SJ C7  H3   sing N N 41  
6SJ C8  H4   sing N N 42  
6SJ C10 H5   sing N N 43  
6SJ C13 H7   sing N N 44  
6SJ C13 H8   sing N N 45  
6SJ C15 H9   sing N N 46  
6SJ C20 H10  sing N N 47  
6SJ C20 H11  sing N N 48  
6SJ C21 H12  sing N N 49  
6SJ C21 H13  sing N N 50  
6SJ C3  H14  sing N N 51  
6SJ C14 H15  sing N N 52  
6SJ C14 H16  sing N N 53  
6SJ C18 H18  sing N N 54  
6SJ C18 H19  sing N N 55  
6SJ C19 H20  sing N N 56  
6SJ N25 H21  sing N N 57  
6SJ C27 H22  sing N N 58  
6SJ C30 H23  sing N N 59  
6SJ C31 H24  sing N N 60  
6SJ C33 H25  sing N N 61  
6SJ C33 H26  sing N N 62  
6SJ O35 H27  sing N N 63  
ALA N   CA   sing N N 64  
ALA N   H    sing N N 65  
ALA N   H2   sing N N 66  
ALA CA  C    sing N N 67  
ALA CA  CB   sing N N 68  
ALA CA  HA   sing N N 69  
ALA C   O    doub N N 70  
ALA C   OXT  sing N N 71  
ALA CB  HB1  sing N N 72  
ALA CB  HB2  sing N N 73  
ALA CB  HB3  sing N N 74  
ALA OXT HXT  sing N N 75  
ARG N   CA   sing N N 76  
ARG N   H    sing N N 77  
ARG N   H2   sing N N 78  
ARG CA  C    sing N N 79  
ARG CA  CB   sing N N 80  
ARG CA  HA   sing N N 81  
ARG C   O    doub N N 82  
ARG C   OXT  sing N N 83  
ARG CB  CG   sing N N 84  
ARG CB  HB2  sing N N 85  
ARG CB  HB3  sing N N 86  
ARG CG  CD   sing N N 87  
ARG CG  HG2  sing N N 88  
ARG CG  HG3  sing N N 89  
ARG CD  NE   sing N N 90  
ARG CD  HD2  sing N N 91  
ARG CD  HD3  sing N N 92  
ARG NE  CZ   sing N N 93  
ARG NE  HE   sing N N 94  
ARG CZ  NH1  sing N N 95  
ARG CZ  NH2  doub N N 96  
ARG NH1 HH11 sing N N 97  
ARG NH1 HH12 sing N N 98  
ARG NH2 HH21 sing N N 99  
ARG NH2 HH22 sing N N 100 
ARG OXT HXT  sing N N 101 
ASN N   CA   sing N N 102 
ASN N   H    sing N N 103 
ASN N   H2   sing N N 104 
ASN CA  C    sing N N 105 
ASN CA  CB   sing N N 106 
ASN CA  HA   sing N N 107 
ASN C   O    doub N N 108 
ASN C   OXT  sing N N 109 
ASN CB  CG   sing N N 110 
ASN CB  HB2  sing N N 111 
ASN CB  HB3  sing N N 112 
ASN CG  OD1  doub N N 113 
ASN CG  ND2  sing N N 114 
ASN ND2 HD21 sing N N 115 
ASN ND2 HD22 sing N N 116 
ASN OXT HXT  sing N N 117 
ASP N   CA   sing N N 118 
ASP N   H    sing N N 119 
ASP N   H2   sing N N 120 
ASP CA  C    sing N N 121 
ASP CA  CB   sing N N 122 
ASP CA  HA   sing N N 123 
ASP C   O    doub N N 124 
ASP C   OXT  sing N N 125 
ASP CB  CG   sing N N 126 
ASP CB  HB2  sing N N 127 
ASP CB  HB3  sing N N 128 
ASP CG  OD1  doub N N 129 
ASP CG  OD2  sing N N 130 
ASP OD2 HD2  sing N N 131 
ASP OXT HXT  sing N N 132 
CYS N   CA   sing N N 133 
CYS N   H    sing N N 134 
CYS N   H2   sing N N 135 
CYS CA  C    sing N N 136 
CYS CA  CB   sing N N 137 
CYS CA  HA   sing N N 138 
CYS C   O    doub N N 139 
CYS C   OXT  sing N N 140 
CYS CB  SG   sing N N 141 
CYS CB  HB2  sing N N 142 
CYS CB  HB3  sing N N 143 
CYS SG  HG   sing N N 144 
CYS OXT HXT  sing N N 145 
GLN N   CA   sing N N 146 
GLN N   H    sing N N 147 
GLN N   H2   sing N N 148 
GLN CA  C    sing N N 149 
GLN CA  CB   sing N N 150 
GLN CA  HA   sing N N 151 
GLN C   O    doub N N 152 
GLN C   OXT  sing N N 153 
GLN CB  CG   sing N N 154 
GLN CB  HB2  sing N N 155 
GLN CB  HB3  sing N N 156 
GLN CG  CD   sing N N 157 
GLN CG  HG2  sing N N 158 
GLN CG  HG3  sing N N 159 
GLN CD  OE1  doub N N 160 
GLN CD  NE2  sing N N 161 
GLN NE2 HE21 sing N N 162 
GLN NE2 HE22 sing N N 163 
GLN OXT HXT  sing N N 164 
GLU N   CA   sing N N 165 
GLU N   H    sing N N 166 
GLU N   H2   sing N N 167 
GLU CA  C    sing N N 168 
GLU CA  CB   sing N N 169 
GLU CA  HA   sing N N 170 
GLU C   O    doub N N 171 
GLU C   OXT  sing N N 172 
GLU CB  CG   sing N N 173 
GLU CB  HB2  sing N N 174 
GLU CB  HB3  sing N N 175 
GLU CG  CD   sing N N 176 
GLU CG  HG2  sing N N 177 
GLU CG  HG3  sing N N 178 
GLU CD  OE1  doub N N 179 
GLU CD  OE2  sing N N 180 
GLU OE2 HE2  sing N N 181 
GLU OXT HXT  sing N N 182 
GLY N   CA   sing N N 183 
GLY N   H    sing N N 184 
GLY N   H2   sing N N 185 
GLY CA  C    sing N N 186 
GLY CA  HA2  sing N N 187 
GLY CA  HA3  sing N N 188 
GLY C   O    doub N N 189 
GLY C   OXT  sing N N 190 
GLY OXT HXT  sing N N 191 
HIS N   CA   sing N N 192 
HIS N   H    sing N N 193 
HIS N   H2   sing N N 194 
HIS CA  C    sing N N 195 
HIS CA  CB   sing N N 196 
HIS CA  HA   sing N N 197 
HIS C   O    doub N N 198 
HIS C   OXT  sing N N 199 
HIS CB  CG   sing N N 200 
HIS CB  HB2  sing N N 201 
HIS CB  HB3  sing N N 202 
HIS CG  ND1  sing Y N 203 
HIS CG  CD2  doub Y N 204 
HIS ND1 CE1  doub Y N 205 
HIS ND1 HD1  sing N N 206 
HIS CD2 NE2  sing Y N 207 
HIS CD2 HD2  sing N N 208 
HIS CE1 NE2  sing Y N 209 
HIS CE1 HE1  sing N N 210 
HIS NE2 HE2  sing N N 211 
HIS OXT HXT  sing N N 212 
HOH O   H1   sing N N 213 
HOH O   H2   sing N N 214 
ILE N   CA   sing N N 215 
ILE N   H    sing N N 216 
ILE N   H2   sing N N 217 
ILE CA  C    sing N N 218 
ILE CA  CB   sing N N 219 
ILE CA  HA   sing N N 220 
ILE C   O    doub N N 221 
ILE C   OXT  sing N N 222 
ILE CB  CG1  sing N N 223 
ILE CB  CG2  sing N N 224 
ILE CB  HB   sing N N 225 
ILE CG1 CD1  sing N N 226 
ILE CG1 HG12 sing N N 227 
ILE CG1 HG13 sing N N 228 
ILE CG2 HG21 sing N N 229 
ILE CG2 HG22 sing N N 230 
ILE CG2 HG23 sing N N 231 
ILE CD1 HD11 sing N N 232 
ILE CD1 HD12 sing N N 233 
ILE CD1 HD13 sing N N 234 
ILE OXT HXT  sing N N 235 
LEU N   CA   sing N N 236 
LEU N   H    sing N N 237 
LEU N   H2   sing N N 238 
LEU CA  C    sing N N 239 
LEU CA  CB   sing N N 240 
LEU CA  HA   sing N N 241 
LEU C   O    doub N N 242 
LEU C   OXT  sing N N 243 
LEU CB  CG   sing N N 244 
LEU CB  HB2  sing N N 245 
LEU CB  HB3  sing N N 246 
LEU CG  CD1  sing N N 247 
LEU CG  CD2  sing N N 248 
LEU CG  HG   sing N N 249 
LEU CD1 HD11 sing N N 250 
LEU CD1 HD12 sing N N 251 
LEU CD1 HD13 sing N N 252 
LEU CD2 HD21 sing N N 253 
LEU CD2 HD22 sing N N 254 
LEU CD2 HD23 sing N N 255 
LEU OXT HXT  sing N N 256 
LYS N   CA   sing N N 257 
LYS N   H    sing N N 258 
LYS N   H2   sing N N 259 
LYS CA  C    sing N N 260 
LYS CA  CB   sing N N 261 
LYS CA  HA   sing N N 262 
LYS C   O    doub N N 263 
LYS C   OXT  sing N N 264 
LYS CB  CG   sing N N 265 
LYS CB  HB2  sing N N 266 
LYS CB  HB3  sing N N 267 
LYS CG  CD   sing N N 268 
LYS CG  HG2  sing N N 269 
LYS CG  HG3  sing N N 270 
LYS CD  CE   sing N N 271 
LYS CD  HD2  sing N N 272 
LYS CD  HD3  sing N N 273 
LYS CE  NZ   sing N N 274 
LYS CE  HE2  sing N N 275 
LYS CE  HE3  sing N N 276 
LYS NZ  HZ1  sing N N 277 
LYS NZ  HZ2  sing N N 278 
LYS NZ  HZ3  sing N N 279 
LYS OXT HXT  sing N N 280 
MET N   CA   sing N N 281 
MET N   H    sing N N 282 
MET N   H2   sing N N 283 
MET CA  C    sing N N 284 
MET CA  CB   sing N N 285 
MET CA  HA   sing N N 286 
MET C   O    doub N N 287 
MET C   OXT  sing N N 288 
MET CB  CG   sing N N 289 
MET CB  HB2  sing N N 290 
MET CB  HB3  sing N N 291 
MET CG  SD   sing N N 292 
MET CG  HG2  sing N N 293 
MET CG  HG3  sing N N 294 
MET SD  CE   sing N N 295 
MET CE  HE1  sing N N 296 
MET CE  HE2  sing N N 297 
MET CE  HE3  sing N N 298 
MET OXT HXT  sing N N 299 
PHE N   CA   sing N N 300 
PHE N   H    sing N N 301 
PHE N   H2   sing N N 302 
PHE CA  C    sing N N 303 
PHE CA  CB   sing N N 304 
PHE CA  HA   sing N N 305 
PHE C   O    doub N N 306 
PHE C   OXT  sing N N 307 
PHE CB  CG   sing N N 308 
PHE CB  HB2  sing N N 309 
PHE CB  HB3  sing N N 310 
PHE CG  CD1  doub Y N 311 
PHE CG  CD2  sing Y N 312 
PHE CD1 CE1  sing Y N 313 
PHE CD1 HD1  sing N N 314 
PHE CD2 CE2  doub Y N 315 
PHE CD2 HD2  sing N N 316 
PHE CE1 CZ   doub Y N 317 
PHE CE1 HE1  sing N N 318 
PHE CE2 CZ   sing Y N 319 
PHE CE2 HE2  sing N N 320 
PHE CZ  HZ   sing N N 321 
PHE OXT HXT  sing N N 322 
PRO N   CA   sing N N 323 
PRO N   CD   sing N N 324 
PRO N   H    sing N N 325 
PRO CA  C    sing N N 326 
PRO CA  CB   sing N N 327 
PRO CA  HA   sing N N 328 
PRO C   O    doub N N 329 
PRO C   OXT  sing N N 330 
PRO CB  CG   sing N N 331 
PRO CB  HB2  sing N N 332 
PRO CB  HB3  sing N N 333 
PRO CG  CD   sing N N 334 
PRO CG  HG2  sing N N 335 
PRO CG  HG3  sing N N 336 
PRO CD  HD2  sing N N 337 
PRO CD  HD3  sing N N 338 
PRO OXT HXT  sing N N 339 
SER N   CA   sing N N 340 
SER N   H    sing N N 341 
SER N   H2   sing N N 342 
SER CA  C    sing N N 343 
SER CA  CB   sing N N 344 
SER CA  HA   sing N N 345 
SER C   O    doub N N 346 
SER C   OXT  sing N N 347 
SER CB  OG   sing N N 348 
SER CB  HB2  sing N N 349 
SER CB  HB3  sing N N 350 
SER OG  HG   sing N N 351 
SER OXT HXT  sing N N 352 
SO4 S   O1   doub N N 353 
SO4 S   O2   doub N N 354 
SO4 S   O3   sing N N 355 
SO4 S   O4   sing N N 356 
THR N   CA   sing N N 357 
THR N   H    sing N N 358 
THR N   H2   sing N N 359 
THR CA  C    sing N N 360 
THR CA  CB   sing N N 361 
THR CA  HA   sing N N 362 
THR C   O    doub N N 363 
THR C   OXT  sing N N 364 
THR CB  OG1  sing N N 365 
THR CB  CG2  sing N N 366 
THR CB  HB   sing N N 367 
THR OG1 HG1  sing N N 368 
THR CG2 HG21 sing N N 369 
THR CG2 HG22 sing N N 370 
THR CG2 HG23 sing N N 371 
THR OXT HXT  sing N N 372 
TYR N   CA   sing N N 373 
TYR N   H    sing N N 374 
TYR N   H2   sing N N 375 
TYR CA  C    sing N N 376 
TYR CA  CB   sing N N 377 
TYR CA  HA   sing N N 378 
TYR C   O    doub N N 379 
TYR C   OXT  sing N N 380 
TYR CB  CG   sing N N 381 
TYR CB  HB2  sing N N 382 
TYR CB  HB3  sing N N 383 
TYR CG  CD1  doub Y N 384 
TYR CG  CD2  sing Y N 385 
TYR CD1 CE1  sing Y N 386 
TYR CD1 HD1  sing N N 387 
TYR CD2 CE2  doub Y N 388 
TYR CD2 HD2  sing N N 389 
TYR CE1 CZ   doub Y N 390 
TYR CE1 HE1  sing N N 391 
TYR CE2 CZ   sing Y N 392 
TYR CE2 HE2  sing N N 393 
TYR CZ  OH   sing N N 394 
TYR OH  HH   sing N N 395 
TYR OXT HXT  sing N N 396 
VAL N   CA   sing N N 397 
VAL N   H    sing N N 398 
VAL N   H2   sing N N 399 
VAL CA  C    sing N N 400 
VAL CA  CB   sing N N 401 
VAL CA  HA   sing N N 402 
VAL C   O    doub N N 403 
VAL C   OXT  sing N N 404 
VAL CB  CG1  sing N N 405 
VAL CB  CG2  sing N N 406 
VAL CB  HB   sing N N 407 
VAL CG1 HG11 sing N N 408 
VAL CG1 HG12 sing N N 409 
VAL CG1 HG13 sing N N 410 
VAL CG2 HG21 sing N N 411 
VAL CG2 HG22 sing N N 412 
VAL CG2 HG23 sing N N 413 
VAL OXT HXT  sing N N 414 
# 
_atom_sites.entry_id                    5LAW 
_atom_sites.fract_transf_matrix[1][1]   -0.01333201 
_atom_sites.fract_transf_matrix[1][2]   -0.00753615 
_atom_sites.fract_transf_matrix[1][3]   -0.01368758 
_atom_sites.fract_transf_matrix[2][1]   -0.01370197 
_atom_sites.fract_transf_matrix[2][2]   -0.01418165 
_atom_sites.fract_transf_matrix[2][3]   0.00574347 
_atom_sites.fract_transf_matrix[3][1]   -0.00618072 
_atom_sites.fract_transf_matrix[3][2]   0.00687646 
_atom_sites.fract_transf_matrix[3][3]   0.00223410 
_atom_sites.fract_transf_vector[1]      0.142849 
_atom_sites.fract_transf_vector[2]      0.352489 
_atom_sites.fract_transf_vector[3]      0.025751 
# 
loop_
_atom_type.symbol 
C  
CL 
N  
O  
S  
# 
loop_
_atom_site.group_PDB 
_atom_site.id 
_atom_site.type_symbol 
_atom_site.label_atom_id 
_atom_site.label_alt_id 
_atom_site.label_comp_id 
_atom_site.label_asym_id 
_atom_site.label_entity_id 
_atom_site.label_seq_id 
_atom_site.pdbx_PDB_ins_code 
_atom_site.Cartn_x 
_atom_site.Cartn_y 
_atom_site.Cartn_z 
_atom_site.occupancy 
_atom_site.B_iso_or_equiv 
_atom_site.pdbx_formal_charge 
_atom_site.auth_seq_id 
_atom_site.auth_comp_id 
_atom_site.auth_asym_id 
_atom_site.auth_atom_id 
_atom_site.pdbx_PDB_model_num 
ATOM   1   N  N   . GLN A 1 1  ? 15.448  -4.239  -7.397  1.00 44.22 ? 18  GLN A N   1 
ATOM   2   C  CA  . GLN A 1 1  ? 15.809  -2.796  -7.546  1.00 40.15 ? 18  GLN A CA  1 
ATOM   3   C  C   . GLN A 1 1  ? 14.767  -2.055  -8.410  1.00 35.04 ? 18  GLN A C   1 
ATOM   4   O  O   . GLN A 1 1  ? 14.492  -2.442  -9.552  1.00 36.92 ? 18  GLN A O   1 
ATOM   5   C  CB  . GLN A 1 1  ? 17.224  -2.661  -8.121  1.00 40.02 ? 18  GLN A CB  1 
ATOM   6   C  CG  . GLN A 1 1  ? 17.777  -1.242  -8.153  1.00 42.06 ? 18  GLN A CG  1 
ATOM   7   C  CD  . GLN A 1 1  ? 17.875  -0.604  -6.782  1.00 43.27 ? 18  GLN A CD  1 
ATOM   8   O  OE1 . GLN A 1 1  ? 17.238  0.413   -6.517  1.00 45.14 ? 18  GLN A OE1 1 
ATOM   9   N  NE2 . GLN A 1 1  ? 18.662  -1.205  -5.900  1.00 43.66 ? 18  GLN A NE2 1 
ATOM   10  N  N   . ILE A 1 2  ? 14.223  -0.975  -7.854  1.00 29.29 ? 19  ILE A N   1 
ATOM   11  C  CA  . ILE A 1 2  ? 13.044  -0.300  -8.391  1.00 22.80 ? 19  ILE A CA  1 
ATOM   12  C  C   . ILE A 1 2  ? 13.450  0.995   -9.121  1.00 19.41 ? 19  ILE A C   1 
ATOM   13  O  O   . ILE A 1 2  ? 14.000  1.895   -8.494  1.00 22.35 ? 19  ILE A O   1 
ATOM   14  C  CB  . ILE A 1 2  ? 12.059  0.076   -7.263  1.00 23.07 ? 19  ILE A CB  1 
ATOM   15  C  CG1 . ILE A 1 2  ? 11.879  -1.071  -6.240  1.00 24.91 ? 19  ILE A CG1 1 
ATOM   16  C  CG2 . ILE A 1 2  ? 10.714  0.496   -7.853  1.00 16.21 ? 19  ILE A CG2 1 
ATOM   17  C  CD1 . ILE A 1 2  ? 11.405  -2.392  -6.820  1.00 23.60 ? 19  ILE A CD1 1 
ATOM   18  N  N   . PRO A 1 3  ? 13.155  1.113   -10.433 1.00 13.29 ? 20  PRO A N   1 
ATOM   19  C  CA  . PRO A 1 3  ? 13.469  2.377   -11.114 1.00 11.25 ? 20  PRO A CA  1 
ATOM   20  C  C   . PRO A 1 3  ? 12.620  3.544   -10.597 1.00 11.21 ? 20  PRO A C   1 
ATOM   21  O  O   . PRO A 1 3  ? 11.489  3.340   -10.181 1.00 9.68  ? 20  PRO A O   1 
ATOM   22  C  CB  . PRO A 1 3  ? 13.130  2.084   -12.570 1.00 10.73 ? 20  PRO A CB  1 
ATOM   23  C  CG  . PRO A 1 3  ? 12.067  1.053   -12.511 1.00 12.72 ? 20  PRO A CG  1 
ATOM   24  C  CD  . PRO A 1 3  ? 12.394  0.202   -11.312 1.00 13.60 ? 20  PRO A CD  1 
ATOM   25  N  N   . ALA A 1 4  ? 13.183  4.748   -10.647 1.00 13.85 ? 21  ALA A N   1 
ATOM   26  C  CA  . ALA A 1 4  ? 12.524  5.978   -10.157 1.00 14.00 ? 21  ALA A CA  1 
ATOM   27  C  C   . ALA A 1 4  ? 11.216  6.285   -10.860 1.00 11.65 ? 21  ALA A C   1 
ATOM   28  O  O   . ALA A 1 4  ? 10.318  6.841   -10.252 1.00 14.90 ? 21  ALA A O   1 
ATOM   29  C  CB  . ALA A 1 4  ? 13.455  7.175   -10.322 1.00 15.42 ? 21  ALA A CB  1 
ATOM   30  N  N   . SER A 1 5  ? 11.127  5.935   -12.143 1.00 10.55 ? 22  SER A N   1 
ATOM   31  C  CA  . SER A 1 5  ? 9.897   6.113   -12.937 1.00 11.10 ? 22  SER A CA  1 
ATOM   32  C  C   . SER A 1 5  ? 8.658   5.411   -12.403 1.00 10.28 ? 22  SER A C   1 
ATOM   33  O  O   . SER A 1 5  ? 7.543   5.814   -12.731 1.00 9.88  ? 22  SER A O   1 
ATOM   34  C  CB  . SER A 1 5  ? 10.146  5.643   -14.383 1.00 11.37 ? 22  SER A CB  1 
ATOM   35  O  OG  . SER A 1 5  ? 10.516  4.265   -14.404 1.00 8.70  ? 22  SER A OG  1 
ATOM   36  N  N   . GLU A 1 6  ? 8.833   4.357   -11.600 1.00 8.94  ? 23  GLU A N   1 
ATOM   37  C  CA  . GLU A 1 6  ? 7.686   3.609   -11.059 1.00 10.61 ? 23  GLU A CA  1 
ATOM   38  C  C   . GLU A 1 6  ? 6.736   4.526   -10.279 1.00 10.06 ? 23  GLU A C   1 
ATOM   39  O  O   . GLU A 1 6  ? 5.499   4.388   -10.364 1.00 8.55  ? 23  GLU A O   1 
ATOM   40  C  CB  . GLU A 1 6  ? 8.160   2.422   -10.210 1.00 12.41 ? 23  GLU A CB  1 
ATOM   41  C  CG  . GLU A 1 6  ? 7.090   1.720   -9.347  1.00 14.47 ? 23  GLU A CG  1 
ATOM   42  C  CD  . GLU A 1 6  ? 5.919   1.121   -10.135 1.00 16.11 ? 23  GLU A CD  1 
ATOM   43  O  OE1 . GLU A 1 6  ? 5.995   1.028   -11.357 1.00 21.22 ? 23  GLU A OE1 1 
ATOM   44  O  OE2 . GLU A 1 6  ? 4.884   0.757   -9.533  1.00 20.86 ? 23  GLU A OE2 1 
ATOM   45  N  N   . GLN A 1 7  ? 7.314   5.456   -9.528  1.00 11.87 ? 24  GLN A N   1 
ATOM   46  C  CA  . GLN A 1 7  ? 6.542   6.393   -8.706  1.00 15.25 ? 24  GLN A CA  1 
ATOM   47  C  C   . GLN A 1 7  ? 5.574   7.275   -9.531  1.00 15.26 ? 24  GLN A C   1 
ATOM   48  O  O   . GLN A 1 7  ? 4.550   7.732   -8.993  1.00 14.13 ? 24  GLN A O   1 
ATOM   49  C  CB  . GLN A 1 7  ? 7.496   7.274   -7.856  1.00 22.79 ? 24  GLN A CB  1 
ATOM   50  C  CG  . GLN A 1 7  ? 8.069   8.526   -8.523  1.00 28.66 ? 24  GLN A CG  1 
ATOM   51  C  CD  . GLN A 1 7  ? 9.151   9.215   -7.686  1.00 41.49 ? 24  GLN A CD  1 
ATOM   52  O  OE1 . GLN A 1 7  ? 8.854   9.821   -6.652  1.00 49.31 ? 24  GLN A OE1 1 
ATOM   53  N  NE2 . GLN A 1 7  ? 10.410  9.142   -8.142  1.00 34.79 ? 24  GLN A NE2 1 
ATOM   54  N  N   . GLU A 1 8  ? 5.899   7.501   -10.810 1.00 10.15 ? 25  GLU A N   1 
ATOM   55  C  CA  . GLU A 1 8  ? 5.077   8.311   -11.709 1.00 12.69 ? 25  GLU A CA  1 
ATOM   56  C  C   . GLU A 1 8  ? 3.862   7.578   -12.259 1.00 10.69 ? 25  GLU A C   1 
ATOM   57  O  O   . GLU A 1 8  ? 3.003   8.219   -12.851 1.00 12.41 ? 25  GLU A O   1 
ATOM   58  C  CB  . GLU A 1 8  ? 5.902   8.823   -12.901 1.00 15.97 ? 25  GLU A CB  1 
ATOM   59  C  CG  . GLU A 1 8  ? 6.929   9.868   -12.527 1.00 20.71 ? 25  GLU A CG  1 
ATOM   60  C  CD  . GLU A 1 8  ? 7.784   10.304  -13.702 1.00 27.86 ? 25  GLU A CD  1 
ATOM   61  O  OE1 . GLU A 1 8  ? 7.303   10.388  -14.852 1.00 40.72 ? 25  GLU A OE1 1 
ATOM   62  O  OE2 . GLU A 1 8  ? 8.960   10.582  -13.466 1.00 37.97 ? 25  GLU A OE2 1 
ATOM   63  N  N   . THR A 1 9  ? 3.785   6.256   -12.060 1.00 9.36  ? 26  THR A N   1 
ATOM   64  C  CA  . THR A 1 9  ? 2.730   5.428   -12.650 1.00 8.86  ? 26  THR A CA  1 
ATOM   65  C  C   . THR A 1 9  ? 1.357   5.879   -12.134 1.00 6.77  ? 26  THR A C   1 
ATOM   66  O  O   . THR A 1 9  ? 1.191   6.033   -10.938 1.00 6.89  ? 26  THR A O   1 
ATOM   67  C  CB  . THR A 1 9  ? 2.952   3.951   -12.279 1.00 11.29 ? 26  THR A CB  1 
ATOM   68  O  OG1 . THR A 1 9  ? 4.207   3.537   -12.816 1.00 11.10 ? 26  THR A OG1 1 
ATOM   69  C  CG2 . THR A 1 9  ? 1.837   3.080   -12.824 1.00 9.88  ? 26  THR A CG2 1 
ATOM   70  N  N   . LEU A 1 10 ? 0.410   6.125   -13.046 1.00 7.31  ? 27  LEU A N   1 
ATOM   71  C  CA  . LEU A 1 10 ? -0.946  6.586   -12.667 1.00 7.32  ? 27  LEU A CA  1 
ATOM   72  C  C   . LEU A 1 10 ? -1.845  5.364   -12.501 1.00 7.25  ? 27  LEU A C   1 
ATOM   73  O  O   . LEU A 1 10 ? -1.810  4.443   -13.349 1.00 6.09  ? 27  LEU A O   1 
ATOM   74  C  CB  . LEU A 1 10 ? -1.520  7.545   -13.724 1.00 10.75 ? 27  LEU A CB  1 
ATOM   75  C  CG  . LEU A 1 10 ? -0.852  8.920   -13.749 1.00 13.50 ? 27  LEU A CG  1 
ATOM   76  C  CD1 . LEU A 1 10 ? -1.045  9.602   -15.099 1.00 14.18 ? 27  LEU A CD1 1 
ATOM   77  C  CD2 . LEU A 1 10 ? -1.361  9.795   -12.609 1.00 14.28 ? 27  LEU A CD2 1 
ATOM   78  N  N   . VAL A 1 11 ? -2.624  5.355   -11.413 1.00 7.18  ? 28  VAL A N   1 
ATOM   79  C  CA  . VAL A 1 11 ? -3.414  4.178   -11.037 1.00 8.63  ? 28  VAL A CA  1 
ATOM   80  C  C   . VAL A 1 11 ? -4.798  4.568   -10.537 1.00 9.57  ? 28  VAL A C   1 
ATOM   81  O  O   . VAL A 1 11 ? -4.968  5.650   -9.973  1.00 11.34 ? 28  VAL A O   1 
ATOM   82  C  CB  . VAL A 1 11 ? -2.721  3.335   -9.938  1.00 9.10  ? 28  VAL A CB  1 
ATOM   83  C  CG1 . VAL A 1 11 ? -1.336  2.904   -10.405 1.00 9.03  ? 28  VAL A CG1 1 
ATOM   84  C  CG2 . VAL A 1 11 ? -2.662  4.107   -8.604  1.00 10.79 ? 28  VAL A CG2 1 
ATOM   85  N  N   . ARG A 1 12 ? -5.764  3.676   -10.779 1.00 9.59  ? 29  ARG A N   1 
ATOM   86  C  CA  . ARG A 1 12 ? -7.140  3.799   -10.306 1.00 11.19 ? 29  ARG A CA  1 
ATOM   87  C  C   . ARG A 1 12 ? -7.345  2.648   -9.307  1.00 9.94  ? 29  ARG A C   1 
ATOM   88  O  O   . ARG A 1 12 ? -7.416  1.488   -9.719  1.00 10.21 ? 29  ARG A O   1 
ATOM   89  C  CB  . ARG A 1 12 ? -8.139  3.680   -11.461 1.00 10.75 ? 29  ARG A CB  1 
ATOM   90  C  CG  . ARG A 1 12 ? -8.180  4.897   -12.368 1.00 16.02 ? 29  ARG A CG  1 
ATOM   91  C  CD  . ARG A 1 12 ? -9.361  4.839   -13.333 1.00 18.88 ? 29  ARG A CD  1 
ATOM   92  N  NE  . ARG A 1 12 ? -9.259  5.854   -14.386 0.50 22.54 ? 29  ARG A NE  1 
ATOM   93  C  CZ  . ARG A 1 12 ? -9.773  7.082   -14.344 0.50 23.54 ? 29  ARG A CZ  1 
ATOM   94  N  NH1 . ARG A 1 12 ? -10.461 7.527   -13.298 0.50 27.27 ? 29  ARG A NH1 1 
ATOM   95  N  NH2 . ARG A 1 12 ? -9.592  7.891   -15.377 0.50 24.52 ? 29  ARG A NH2 1 
ATOM   96  N  N   A PRO A 1 13 ? -7.478  2.972   -8.006  0.50 8.84  ? 30  PRO A N   1 
ATOM   97  N  N   B PRO A 1 13 ? -7.321  2.940   -7.995  0.50 9.32  ? 30  PRO A N   1 
ATOM   98  C  CA  A PRO A 1 13 ? -7.584  1.902   -7.033  0.50 8.37  ? 30  PRO A CA  1 
ATOM   99  C  CA  B PRO A 1 13 ? -7.532  1.879   -7.021  0.50 9.06  ? 30  PRO A CA  1 
ATOM   100 C  C   A PRO A 1 13 ? -8.921  1.168   -7.109  0.50 8.06  ? 30  PRO A C   1 
ATOM   101 C  C   B PRO A 1 13 ? -8.895  1.169   -7.118  0.50 8.41  ? 30  PRO A C   1 
ATOM   102 O  O   A PRO A 1 13 ? -9.950  1.779   -7.382  0.50 8.95  ? 30  PRO A O   1 
ATOM   103 O  O   B PRO A 1 13 ? -9.908  1.793   -7.422  0.50 9.39  ? 30  PRO A O   1 
ATOM   104 C  CB  A PRO A 1 13 ? -7.468  2.638   -5.695  0.50 7.90  ? 30  PRO A CB  1 
ATOM   105 C  CB  B PRO A 1 13 ? -7.411  2.617   -5.682  0.50 9.02  ? 30  PRO A CB  1 
ATOM   106 C  CG  A PRO A 1 13 ? -8.038  3.986   -5.963  0.50 7.61  ? 30  PRO A CG  1 
ATOM   107 C  CG  B PRO A 1 13 ? -6.477  3.747   -5.960  0.50 9.46  ? 30  PRO A CG  1 
ATOM   108 C  CD  A PRO A 1 13 ? -7.645  4.304   -7.379  0.50 8.43  ? 30  PRO A CD  1 
ATOM   109 C  CD  B PRO A 1 13 ? -6.802  4.171   -7.363  0.50 9.64  ? 30  PRO A CD  1 
ATOM   110 N  N   . LYS A 1 14 ? -8.878  -0.139  -6.868  1.00 8.27  ? 31  LYS A N   1 
ATOM   111 C  CA  . LYS A 1 14 ? -10.073 -0.951  -6.698  1.00 8.59  ? 31  LYS A CA  1 
ATOM   112 C  C   . LYS A 1 14 ? -10.741 -0.586  -5.359  1.00 9.05  ? 31  LYS A C   1 
ATOM   113 O  O   . LYS A 1 14 ? -10.128 0.113   -4.540  1.00 9.25  ? 31  LYS A O   1 
ATOM   114 C  CB  . LYS A 1 14 ? -9.678  -2.443  -6.747  1.00 9.51  ? 31  LYS A CB  1 
ATOM   115 C  CG  . LYS A 1 14 ? -9.112  -2.852  -8.107  1.00 9.16  ? 31  LYS A CG  1 
ATOM   116 C  CD  . LYS A 1 14 ? -8.839  -4.357  -8.201  1.00 9.65  ? 31  LYS A CD  1 
ATOM   117 C  CE  . LYS A 1 14 ? -7.973  -4.664  -9.415  1.00 9.11  ? 31  LYS A CE  1 
ATOM   118 N  NZ  . LYS A 1 14 ? -7.789  -6.123  -9.709  1.00 12.82 ? 31  LYS A NZ  1 
ATOM   119 N  N   . PRO A 1 15 ? -11.997 -1.024  -5.140  1.00 9.64  ? 32  PRO A N   1 
ATOM   120 C  CA  . PRO A 1 15 ? -12.733 -0.488  -3.984  1.00 10.47 ? 32  PRO A CA  1 
ATOM   121 C  C   . PRO A 1 15 ? -12.106 -0.681  -2.602  1.00 12.01 ? 32  PRO A C   1 
ATOM   122 O  O   . PRO A 1 15 ? -12.175 0.253   -1.785  1.00 11.22 ? 32  PRO A O   1 
ATOM   123 C  CB  . PRO A 1 15 ? -14.084 -1.205  -4.073  1.00 10.08 ? 32  PRO A CB  1 
ATOM   124 C  CG  . PRO A 1 15 ? -14.265 -1.408  -5.533  1.00 9.35  ? 32  PRO A CG  1 
ATOM   125 C  CD  . PRO A 1 15 ? -12.907 -1.729  -6.071  1.00 9.94  ? 32  PRO A CD  1 
ATOM   126 N  N   . LEU A 1 16 ? -11.500 -1.840  -2.327  1.00 11.02 ? 33  LEU A N   1 
ATOM   127 C  CA  . LEU A 1 16 ? -10.904 -2.070  -0.984  1.00 11.67 ? 33  LEU A CA  1 
ATOM   128 C  C   . LEU A 1 16 ? -9.670  -1.172  -0.755  1.00 11.88 ? 33  LEU A C   1 
ATOM   129 O  O   . LEU A 1 16 ? -9.516  -0.610  0.312   1.00 12.79 ? 33  LEU A O   1 
ATOM   130 C  CB  . LEU A 1 16 ? -10.575 -3.548  -0.718  1.00 15.60 ? 33  LEU A CB  1 
ATOM   131 C  CG  . LEU A 1 16 ? -9.993  -3.841  0.683   1.00 22.81 ? 33  LEU A CG  1 
ATOM   132 C  CD1 . LEU A 1 16 ? -10.962 -3.458  1.800   1.00 25.32 ? 33  LEU A CD1 1 
ATOM   133 C  CD2 . LEU A 1 16 ? -9.566  -5.304  0.812   1.00 20.11 ? 33  LEU A CD2 1 
ATOM   134 N  N   . LEU A 1 17 ? -8.790  -1.061  -1.746  1.00 11.47 ? 34  LEU A N   1 
ATOM   135 C  CA  . LEU A 1 17 ? -7.665  -0.138  -1.664  1.00 11.04 ? 34  LEU A CA  1 
ATOM   136 C  C   . LEU A 1 17 ? -8.162  1.306   -1.549  1.00 10.36 ? 34  LEU A C   1 
ATOM   137 O  O   . LEU A 1 17 ? -7.636  2.077   -0.723  1.00 12.21 ? 34  LEU A O   1 
ATOM   138 C  CB  . LEU A 1 17 ? -6.737  -0.262  -2.871  1.00 11.62 ? 34  LEU A CB  1 
ATOM   139 C  CG  . LEU A 1 17 ? -5.573  0.737   -2.913  1.00 12.66 ? 34  LEU A CG  1 
ATOM   140 C  CD1 . LEU A 1 17 ? -4.665  0.593   -1.697  1.00 14.06 ? 34  LEU A CD1 1 
ATOM   141 C  CD2 . LEU A 1 17 ? -4.771  0.514   -4.186  1.00 10.76 ? 34  LEU A CD2 1 
ATOM   142 N  N   . LEU A 1 18 ? -9.188  1.666   -2.316  1.00 9.93  ? 35  LEU A N   1 
ATOM   143 C  CA  . LEU A 1 18 ? -9.755  3.021   -2.183  1.00 10.96 ? 35  LEU A CA  1 
ATOM   144 C  C   . LEU A 1 18 ? -10.286 3.264   -0.765  1.00 12.54 ? 35  LEU A C   1 
ATOM   145 O  O   . LEU A 1 18 ? -10.057 4.339   -0.199  1.00 11.13 ? 35  LEU A O   1 
ATOM   146 C  CB  . LEU A 1 18 ? -10.846 3.294   -3.205  1.00 13.86 ? 35  LEU A CB  1 
ATOM   147 C  CG  . LEU A 1 18 ? -11.353 4.744   -3.237  1.00 15.87 ? 35  LEU A CG  1 
ATOM   148 C  CD1 . LEU A 1 18 ? -10.209 5.734   -3.471  1.00 18.28 ? 35  LEU A CD1 1 
ATOM   149 C  CD2 . LEU A 1 18 ? -12.437 4.868   -4.298  1.00 19.55 ? 35  LEU A CD2 1 
ATOM   150 N  N   . LYS A 1 19 ? -10.959 2.267   -0.178  1.00 10.66 ? 36  LYS A N   1 
ATOM   151 C  CA  . LYS A 1 19 ? -11.414 2.359   1.225   1.00 12.40 ? 36  LYS A CA  1 
ATOM   152 C  C   . LYS A 1 19 ? -10.277 2.712   2.174   1.00 11.88 ? 36  LYS A C   1 
ATOM   153 O  O   . LYS A 1 19 ? -10.421 3.626   3.022   1.00 11.69 ? 36  LYS A O   1 
ATOM   154 C  CB  . LYS A 1 19 ? -12.065 1.042   1.686   1.00 13.70 ? 36  LYS A CB  1 
ATOM   155 C  CG  . LYS A 1 19 ? -12.659 1.068   3.083   1.00 14.73 ? 36  LYS A CG  1 
ATOM   156 C  CD  . LYS A 1 19 ? -13.255 -0.283  3.433   1.00 18.98 ? 36  LYS A CD  1 
ATOM   157 C  CE  . LYS A 1 19 ? -13.964 -0.259  4.775   1.00 23.29 ? 36  LYS A CE  1 
ATOM   158 N  NZ  . LYS A 1 19 ? -15.128 0.675   4.853   1.00 26.84 ? 36  LYS A NZ  1 
ATOM   159 N  N   A LEU A 1 20 ? -9.166  2.001   2.040   0.50 12.19 ? 37  LEU A N   1 
ATOM   160 N  N   B LEU A 1 20 ? -9.161  1.995   2.063   0.50 12.09 ? 37  LEU A N   1 
ATOM   161 C  CA  A LEU A 1 20 ? -8.006  2.211   2.892   0.50 12.75 ? 37  LEU A CA  1 
ATOM   162 C  CA  B LEU A 1 20 ? -8.009  2.243   2.934   0.50 12.61 ? 37  LEU A CA  1 
ATOM   163 C  C   A LEU A 1 20 ? -7.385  3.605   2.684   0.50 14.21 ? 37  LEU A C   1 
ATOM   164 C  C   B LEU A 1 20 ? -7.430  3.642   2.695   0.50 13.73 ? 37  LEU A C   1 
ATOM   165 O  O   A LEU A 1 20 ? -7.054  4.294   3.641   0.50 13.75 ? 37  LEU A O   1 
ATOM   166 O  O   B LEU A 1 20 ? -7.184  4.380   3.642   0.50 12.12 ? 37  LEU A O   1 
ATOM   167 C  CB  A LEU A 1 20 ? -6.993  1.096   2.647   0.50 14.82 ? 37  LEU A CB  1 
ATOM   168 C  CB  B LEU A 1 20 ? -6.936  1.161   2.770   0.50 14.45 ? 37  LEU A CB  1 
ATOM   169 C  CG  A LEU A 1 20 ? -5.879  0.985   3.680   0.50 12.54 ? 37  LEU A CG  1 
ATOM   170 C  CG  B LEU A 1 20 ? -7.286  -0.267  3.219   0.50 12.43 ? 37  LEU A CG  1 
ATOM   171 C  CD1 A LEU A 1 20 ? -5.342  -0.440  3.775   0.50 12.21 ? 37  LEU A CD1 1 
ATOM   172 C  CD1 B LEU A 1 20 ? -6.033  -1.113  3.329   0.50 11.99 ? 37  LEU A CD1 1 
ATOM   173 C  CD2 A LEU A 1 20 ? -4.791  1.997   3.339   0.50 14.64 ? 37  LEU A CD2 1 
ATOM   174 C  CD2 B LEU A 1 20 ? -8.016  -0.276  4.541   0.50 14.13 ? 37  LEU A CD2 1 
ATOM   175 N  N   . LEU A 1 21 ? -7.280  4.018   1.422   1.00 11.86 ? 38  LEU A N   1 
ATOM   176 C  CA  . LEU A 1 21 ? -6.721  5.319   1.058   1.00 11.30 ? 38  LEU A CA  1 
ATOM   177 C  C   . LEU A 1 21 ? -7.553  6.483   1.605   1.00 9.87  ? 38  LEU A C   1 
ATOM   178 O  O   . LEU A 1 21 ? -6.999  7.504   2.054   1.00 11.32 ? 38  LEU A O   1 
ATOM   179 C  CB  . LEU A 1 21 ? -6.581  5.414   -0.470  1.00 10.12 ? 38  LEU A CB  1 
ATOM   180 C  CG  . LEU A 1 21 ? -5.534  4.522   -1.164  1.00 9.85  ? 38  LEU A CG  1 
ATOM   181 C  CD1 . LEU A 1 21 ? -5.572  4.699   -2.686  1.00 8.11  ? 38  LEU A CD1 1 
ATOM   182 C  CD2 . LEU A 1 21 ? -4.136  4.847   -0.646  1.00 14.37 ? 38  LEU A CD2 1 
ATOM   183 N  N   . LYS A 1 22 ? -8.877  6.319   1.581   1.00 10.14 ? 39  LYS A N   1 
ATOM   184 C  CA  . LYS A 1 22 ? -9.808  7.322   2.096   1.00 10.03 ? 39  LYS A CA  1 
ATOM   185 C  C   . LYS A 1 22 ? -9.736  7.539   3.606   1.00 11.10 ? 39  LYS A C   1 
ATOM   186 O  O   . LYS A 1 22 ? -10.227 8.553   4.085   1.00 9.85  ? 39  LYS A O   1 
ATOM   187 C  CB  . LYS A 1 22 ? -11.249 6.982   1.687   1.00 14.52 ? 39  LYS A CB  1 
ATOM   188 C  CG  . LYS A 1 22 ? -11.518 7.268   0.228   1.00 20.73 ? 39  LYS A CG  1 
ATOM   189 C  CD  . LYS A 1 22 ? -12.847 6.685   -0.251  1.00 29.02 ? 39  LYS A CD  1 
ATOM   190 C  CE  . LYS A 1 22 ? -14.034 7.321   0.449   1.00 36.65 ? 39  LYS A CE  1 
ATOM   191 N  NZ  . LYS A 1 22 ? -15.335 6.988   -0.190  1.00 38.75 ? 39  LYS A NZ  1 
ATOM   192 N  N   . SER A 1 23 ? -9.151  6.594   4.350   1.00 11.29 ? 40  SER A N   1 
ATOM   193 C  CA  . SER A 1 23 ? -8.910  6.802   5.794   1.00 12.69 ? 40  SER A CA  1 
ATOM   194 C  C   . SER A 1 23 ? -7.658  7.672   6.082   1.00 15.54 ? 40  SER A C   1 
ATOM   195 O  O   . SER A 1 23 ? -7.460  8.094   7.221   1.00 13.43 ? 40  SER A O   1 
ATOM   196 C  CB  . SER A 1 23 ? -8.844  5.453   6.536   1.00 18.06 ? 40  SER A CB  1 
ATOM   197 O  OG  . SER A 1 23 ? -7.653  4.746   6.261   1.00 16.98 ? 40  SER A OG  1 
ATOM   198 N  N   . VAL A 1 24 ? -6.846  7.975   5.068   1.00 11.57 ? 41  VAL A N   1 
ATOM   199 C  CA  . VAL A 1 24 ? -5.617  8.787   5.261   1.00 13.13 ? 41  VAL A CA  1 
ATOM   200 C  C   . VAL A 1 24 ? -5.403  9.939   4.274   1.00 15.40 ? 41  VAL A C   1 
ATOM   201 O  O   . VAL A 1 24 ? -4.566  10.795  4.509   1.00 16.22 ? 41  VAL A O   1 
ATOM   202 C  CB  . VAL A 1 24 ? -4.355  7.886   5.277   1.00 14.90 ? 41  VAL A CB  1 
ATOM   203 C  CG1 . VAL A 1 24 ? -4.351  6.990   6.510   1.00 15.33 ? 41  VAL A CG1 1 
ATOM   204 C  CG2 . VAL A 1 24 ? -4.253  7.040   3.993   1.00 14.88 ? 41  VAL A CG2 1 
ATOM   205 N  N   . GLY A 1 25 ? -6.138  9.981   3.167   1.00 12.07 ? 42  GLY A N   1 
ATOM   206 C  CA  . GLY A 1 25 ? -5.983  11.047  2.196   1.00 13.15 ? 42  GLY A CA  1 
ATOM   207 C  C   . GLY A 1 25 ? -7.277  11.417  1.522   1.00 14.62 ? 42  GLY A C   1 
ATOM   208 O  O   . GLY A 1 25 ? -8.274  10.717  1.656   1.00 14.53 ? 42  GLY A O   1 
ATOM   209 N  N   . ALA A 1 26 ? -7.237  12.503  0.756   1.00 16.85 ? 43  ALA A N   1 
ATOM   210 C  CA  . ALA A 1 26 ? -8.395  12.969  0.010   1.00 15.42 ? 43  ALA A CA  1 
ATOM   211 C  C   . ALA A 1 26 ? -8.748  11.975  -1.075  1.00 13.23 ? 43  ALA A C   1 
ATOM   212 O  O   . ALA A 1 26 ? -7.859  11.412  -1.707  1.00 15.20 ? 43  ALA A O   1 
ATOM   213 C  CB  . ALA A 1 26 ? -8.149  14.350  -0.596  1.00 19.03 ? 43  ALA A CB  1 
ATOM   214 N  N   . GLN A 1 27 ? -10.047 11.752  -1.270  1.00 12.39 ? 44  GLN A N   1 
ATOM   215 C  CA  . GLN A 1 27 ? -10.517 10.853  -2.315  1.00 15.26 ? 44  GLN A CA  1 
ATOM   216 C  C   . GLN A 1 27 ? -10.339 11.534  -3.645  1.00 14.64 ? 44  GLN A C   1 
ATOM   217 O  O   . GLN A 1 27 ? -10.618 12.728  -3.790  1.00 12.36 ? 44  GLN A O   1 
ATOM   218 C  CB  . GLN A 1 27 ? -11.991 10.481  -2.128  1.00 18.85 ? 44  GLN A CB  1 
ATOM   219 C  CG  . GLN A 1 27 ? -12.574 9.566   -3.208  1.00 21.40 ? 44  GLN A CG  1 
ATOM   220 C  CD  . GLN A 1 27 ? -13.959 9.021   -2.869  0.50 19.78 ? 44  GLN A CD  1 
ATOM   221 O  OE1 . GLN A 1 27 ? -14.590 9.437   -1.892  0.50 24.81 ? 44  GLN A OE1 1 
ATOM   222 N  NE2 . GLN A 1 27 ? -14.441 8.085   -3.687  0.50 16.64 ? 44  GLN A NE2 1 
ATOM   223 N  N   . LYS A 1 28 ? -9.872  10.768  -4.618  1.00 13.47 ? 45  LYS A N   1 
ATOM   224 C  CA  . LYS A 1 28 ? -9.925  11.178  -6.016  1.00 12.84 ? 45  LYS A CA  1 
ATOM   225 C  C   . LYS A 1 28 ? -9.876  9.937   -6.895  1.00 14.82 ? 45  LYS A C   1 
ATOM   226 O  O   . LYS A 1 28 ? -9.619  8.848   -6.395  1.00 15.81 ? 45  LYS A O   1 
ATOM   227 C  CB  . LYS A 1 28 ? -8.785  12.144  -6.353  1.00 14.11 ? 45  LYS A CB  1 
ATOM   228 C  CG  . LYS A 1 28 ? -7.389  11.644  -5.983  1.00 12.93 ? 45  LYS A CG  1 
ATOM   229 C  CD  . LYS A 1 28 ? -6.372  12.744  -6.265  1.00 16.43 ? 45  LYS A CD  1 
ATOM   230 C  CE  . LYS A 1 28 ? -4.951  12.331  -5.905  1.00 18.02 ? 45  LYS A CE  1 
ATOM   231 N  NZ  . LYS A 1 28 ? -3.961  13.262  -6.506  1.00 18.44 ? 45  LYS A NZ  1 
ATOM   232 N  N   . ASP A 1 29 ? -10.144 10.116  -8.190  1.00 14.37 ? 46  ASP A N   1 
ATOM   233 C  CA  . ASP A 1 29 ? -10.259 9.006   -9.149  1.00 19.45 ? 46  ASP A CA  1 
ATOM   234 C  C   . ASP A 1 29 ? -8.922  8.282   -9.401  1.00 16.74 ? 46  ASP A C   1 
ATOM   235 O  O   . ASP A 1 29 ? -8.861  7.043   -9.370  1.00 18.16 ? 46  ASP A O   1 
ATOM   236 C  CB  . ASP A 1 29 ? -10.832 9.516   -10.481 1.00 22.56 ? 46  ASP A CB  1 
ATOM   237 C  CG  . ASP A 1 29 ? -12.335 9.851   -10.348 0.00 21.06 ? 46  ASP A CG  1 
ATOM   238 O  OD1 . ASP A 1 29 ? -12.770 10.216  -9.234  0.00 21.21 ? 46  ASP A OD1 1 
ATOM   239 O  OD2 . ASP A 1 29 ? -13.053 9.804   -11.369 0.00 21.09 ? 46  ASP A OD2 1 
ATOM   240 N  N   . THR A 1 30 ? -7.875  9.080   -9.616  1.00 13.72 ? 47  THR A N   1 
ATOM   241 C  CA  . THR A 1 30 ? -6.557  8.598   -10.025 1.00 15.08 ? 47  THR A CA  1 
ATOM   242 C  C   . THR A 1 30 ? -5.475  9.086   -9.050  1.00 15.24 ? 47  THR A C   1 
ATOM   243 O  O   . THR A 1 30 ? -5.534  10.220  -8.555  1.00 15.46 ? 47  THR A O   1 
ATOM   244 C  CB  . THR A 1 30 ? -6.242  9.082   -11.461 1.00 16.06 ? 47  THR A CB  1 
ATOM   245 O  OG1 . THR A 1 30 ? -7.317  8.704   -12.342 1.00 17.59 ? 47  THR A OG1 1 
ATOM   246 C  CG2 . THR A 1 30 ? -4.918  8.466   -11.988 1.00 19.27 ? 47  THR A CG2 1 
ATOM   247 N  N   . TYR A 1 31 ? -4.524  8.203   -8.748  1.00 11.77 ? 48  TYR A N   1 
ATOM   248 C  CA  . TYR A 1 31 ? -3.378  8.500   -7.881  1.00 11.02 ? 48  TYR A CA  1 
ATOM   249 C  C   . TYR A 1 31 ? -2.115  8.138   -8.630  1.00 10.21 ? 48  TYR A C   1 
ATOM   250 O  O   . TYR A 1 31 ? -2.157  7.337   -9.579  1.00 10.28 ? 48  TYR A O   1 
ATOM   251 C  CB  . TYR A 1 31 ? -3.402  7.665   -6.588  1.00 10.15 ? 48  TYR A CB  1 
ATOM   252 C  CG  . TYR A 1 31 ? -4.577  7.979   -5.677  1.00 11.48 ? 48  TYR A CG  1 
ATOM   253 C  CD1 . TYR A 1 31 ? -5.815  7.380   -5.898  1.00 10.80 ? 48  TYR A CD1 1 
ATOM   254 C  CD2 . TYR A 1 31 ? -4.442  8.855   -4.593  1.00 13.83 ? 48  TYR A CD2 1 
ATOM   255 C  CE1 . TYR A 1 31 ? -6.906  7.659   -5.106  1.00 12.43 ? 48  TYR A CE1 1 
ATOM   256 C  CE2 . TYR A 1 31 ? -5.532  9.129   -3.765  1.00 13.47 ? 48  TYR A CE2 1 
ATOM   257 C  CZ  . TYR A 1 31 ? -6.762  8.534   -4.029  1.00 14.86 ? 48  TYR A CZ  1 
ATOM   258 O  OH  . TYR A 1 31 ? -7.866  8.803   -3.235  1.00 15.70 ? 48  TYR A OH  1 
ATOM   259 N  N   . THR A 1 32 ? -0.999  8.746   -8.231  1.00 8.60  ? 49  THR A N   1 
ATOM   260 C  CA  . THR A 1 32 ? 0.308   8.262   -8.653  1.00 7.90  ? 49  THR A CA  1 
ATOM   261 C  C   . THR A 1 32 ? 0.725   7.161   -7.680  1.00 7.66  ? 49  THR A C   1 
ATOM   262 O  O   . THR A 1 32 ? 0.233   7.052   -6.542  1.00 7.65  ? 49  THR A O   1 
ATOM   263 C  CB  . THR A 1 32 ? 1.381   9.367   -8.647  1.00 8.29  ? 49  THR A CB  1 
ATOM   264 O  OG1 . THR A 1 32 ? 1.586   9.805   -7.305  1.00 7.78  ? 49  THR A OG1 1 
ATOM   265 C  CG2 . THR A 1 32 ? 1.024   10.571  -9.573  1.00 8.03  ? 49  THR A CG2 1 
ATOM   266 N  N   . MET A 1 33 ? 1.638   6.318   -8.111  1.00 7.98  ? 50  MET A N   1 
ATOM   267 C  CA  . MET A 1 33 ? 2.176   5.306   -7.195  1.00 8.56  ? 50  MET A CA  1 
ATOM   268 C  C   . MET A 1 33 ? 2.923   5.938   -6.022  1.00 7.97  ? 50  MET A C   1 
ATOM   269 O  O   . MET A 1 33 ? 2.903   5.404   -4.907  1.00 8.04  ? 50  MET A O   1 
ATOM   270 C  CB  . MET A 1 33 ? 3.034   4.284   -7.952  1.00 9.26  ? 50  MET A CB  1 
ATOM   271 C  CG  . MET A 1 33 ? 2.188   3.182   -8.612  1.00 16.41 ? 50  MET A CG  1 
ATOM   272 S  SD  . MET A 1 33 ? 1.210   2.204   -7.428  1.00 17.99 ? 50  MET A SD  1 
ATOM   273 C  CE  . MET A 1 33 ? 2.554   1.679   -6.419  1.00 11.29 ? 50  MET A CE  1 
ATOM   274 N  N   . LYS A 1 34 ? 3.556   7.085   -6.246  1.00 6.79  ? 51  LYS A N   1 
ATOM   275 C  CA  . LYS A 1 34 ? 4.170   7.822   -5.121  1.00 7.67  ? 51  LYS A CA  1 
ATOM   276 C  C   . LYS A 1 34 ? 3.095   8.101   -4.043  1.00 8.41  ? 51  LYS A C   1 
ATOM   277 O  O   . LYS A 1 34 ? 3.314   7.841   -2.845  1.00 6.93  ? 51  LYS A O   1 
ATOM   278 C  CB  . LYS A 1 34 ? 4.795   9.127   -5.600  1.00 10.39 ? 51  LYS A CB  1 
ATOM   279 C  CG  . LYS A 1 34 ? 5.260   10.045  -4.481  1.00 11.98 ? 51  LYS A CG  1 
ATOM   280 C  CD  . LYS A 1 34 ? 6.036   11.234  -5.019  1.00 17.75 ? 51  LYS A CD  1 
ATOM   281 C  CE  . LYS A 1 34 ? 6.395   12.175  -3.884  1.00 20.97 ? 51  LYS A CE  1 
ATOM   282 N  NZ  . LYS A 1 34 ? 7.084   13.385  -4.398  1.00 20.66 ? 51  LYS A NZ  1 
ATOM   283 N  N   . GLU A 1 35 ? 1.934   8.609   -4.471  1.00 8.37  ? 52  GLU A N   1 
ATOM   284 C  CA  . GLU A 1 35 ? 0.826   8.848   -3.530  1.00 9.44  ? 52  GLU A CA  1 
ATOM   285 C  C   . GLU A 1 35 ? 0.373   7.558   -2.839  1.00 8.05  ? 52  GLU A C   1 
ATOM   286 O  O   . GLU A 1 35 ? 0.193   7.534   -1.615  1.00 10.22 ? 52  GLU A O   1 
ATOM   287 C  CB  . GLU A 1 35 ? -0.373  9.506   -4.214  1.00 9.07  ? 52  GLU A CB  1 
ATOM   288 C  CG  . GLU A 1 35 ? -0.142  10.952  -4.625  1.00 9.08  ? 52  GLU A CG  1 
ATOM   289 C  CD  . GLU A 1 35 ? -1.248  11.503  -5.511  1.00 13.91 ? 52  GLU A CD  1 
ATOM   290 O  OE1 . GLU A 1 35 ? -1.708  10.795  -6.439  1.00 10.68 ? 52  GLU A OE1 1 
ATOM   291 O  OE2 . GLU A 1 35 ? -1.636  12.673  -5.308  1.00 18.65 ? 52  GLU A OE2 1 
ATOM   292 N  N   . VAL A 1 36 ? 0.201   6.472   -3.594  1.00 8.88  ? 53  VAL A N   1 
ATOM   293 C  CA  . VAL A 1 36 ? -0.274  5.237   -3.003  1.00 9.05  ? 53  VAL A CA  1 
ATOM   294 C  C   . VAL A 1 36 ? 0.714   4.710   -1.938  1.00 9.20  ? 53  VAL A C   1 
ATOM   295 O  O   . VAL A 1 36 ? 0.325   4.347   -0.835  1.00 9.72  ? 53  VAL A O   1 
ATOM   296 C  CB  . VAL A 1 36 ? -0.568  4.158   -4.052  1.00 8.76  ? 53  VAL A CB  1 
ATOM   297 C  CG1 . VAL A 1 36 ? -0.869  2.836   -3.321  1.00 7.63  ? 53  VAL A CG1 1 
ATOM   298 C  CG2 . VAL A 1 36 ? -1.722  4.603   -4.960  1.00 8.67  ? 53  VAL A CG2 1 
ATOM   299 N  N   . LEU A 1 37 ? 2.000   4.700   -2.268  1.00 9.32  ? 54  LEU A N   1 
ATOM   300 C  CA  . LEU A 1 37 ? 3.027   4.307   -1.309  1.00 9.95  ? 54  LEU A CA  1 
ATOM   301 C  C   . LEU A 1 37 ? 3.073   5.219   -0.081  1.00 9.12  ? 54  LEU A C   1 
ATOM   302 O  O   . LEU A 1 37 ? 3.218   4.730   1.051   1.00 10.32 ? 54  LEU A O   1 
ATOM   303 C  CB  . LEU A 1 37 ? 4.401   4.286   -1.961  1.00 8.83  ? 54  LEU A CB  1 
ATOM   304 C  CG  . LEU A 1 37 ? 4.650   3.133   -2.894  1.00 12.02 ? 54  LEU A CG  1 
ATOM   305 C  CD1 . LEU A 1 37 ? 5.865   3.562   -3.720  1.00 14.96 ? 54  LEU A CD1 1 
ATOM   306 C  CD2 . LEU A 1 37 ? 4.869   1.838   -2.124  1.00 10.01 ? 54  LEU A CD2 1 
ATOM   307 N  N   . PHE A 1 38 ? 2.935   6.530   -0.283  1.00 8.77  ? 55  PHE A N   1 
ATOM   308 C  CA  . PHE A 1 38 ? 2.890   7.452   0.842   1.00 7.65  ? 55  PHE A CA  1 
ATOM   309 C  C   . PHE A 1 38 ? 1.673   7.156   1.742   1.00 7.62  ? 55  PHE A C   1 
ATOM   310 O  O   . PHE A 1 38 ? 1.817   7.045   2.970   1.00 9.06  ? 55  PHE A O   1 
ATOM   311 C  CB  . PHE A 1 38 ? 2.856   8.916   0.379   1.00 8.49  ? 55  PHE A CB  1 
ATOM   312 C  CG  . PHE A 1 38 ? 2.553   9.881   1.490   1.00 9.00  ? 55  PHE A CG  1 
ATOM   313 C  CD1 . PHE A 1 38 ? 3.531   10.249  2.391   1.00 11.56 ? 55  PHE A CD1 1 
ATOM   314 C  CD2 . PHE A 1 38 ? 1.267   10.384  1.656   1.00 10.99 ? 55  PHE A CD2 1 
ATOM   315 C  CE1 . PHE A 1 38 ? 3.257   11.144  3.423   1.00 12.93 ? 55  PHE A CE1 1 
ATOM   316 C  CE2 . PHE A 1 38 ? 0.972   11.262  2.691   1.00 10.56 ? 55  PHE A CE2 1 
ATOM   317 C  CZ  . PHE A 1 38 ? 1.968   11.643  3.579   1.00 12.44 ? 55  PHE A CZ  1 
ATOM   318 N  N   . TYR A 1 39 ? 0.493   7.048   1.144   1.00 7.27  ? 56  TYR A N   1 
ATOM   319 C  CA  . TYR A 1 39 ? -0.747  6.892   1.924   1.00 8.58  ? 56  TYR A CA  1 
ATOM   320 C  C   . TYR A 1 39 ? -0.780  5.547   2.643   1.00 9.64  ? 56  TYR A C   1 
ATOM   321 O  O   . TYR A 1 39 ? -1.115  5.482   3.833   1.00 9.22  ? 56  TYR A O   1 
ATOM   322 C  CB  . TYR A 1 39 ? -1.985  7.127   1.036   1.00 8.38  ? 56  TYR A CB  1 
ATOM   323 C  CG  . TYR A 1 39 ? -2.207  8.575   0.657   1.00 9.52  ? 56  TYR A CG  1 
ATOM   324 C  CD1 . TYR A 1 39 ? -2.242  9.587   1.632   1.00 9.71  ? 56  TYR A CD1 1 
ATOM   325 C  CD2 . TYR A 1 39 ? -2.422  8.955   -0.656  1.00 8.85  ? 56  TYR A CD2 1 
ATOM   326 C  CE1 . TYR A 1 39 ? -2.476  10.898  1.298   1.00 10.48 ? 56  TYR A CE1 1 
ATOM   327 C  CE2 . TYR A 1 39 ? -2.616  10.284  -1.008  1.00 9.09  ? 56  TYR A CE2 1 
ATOM   328 C  CZ  . TYR A 1 39 ? -2.637  11.258  -0.032  1.00 9.70  ? 56  TYR A CZ  1 
ATOM   329 O  OH  . TYR A 1 39 ? -2.862  12.567  -0.332  1.00 9.44  ? 56  TYR A OH  1 
ATOM   330 N  N   . LEU A 1 40 ? -0.347  4.481   1.968   1.00 9.34  ? 57  LEU A N   1 
ATOM   331 C  CA  . LEU A 1 40 ? -0.289  3.179   2.633   1.00 10.43 ? 57  LEU A CA  1 
ATOM   332 C  C   . LEU A 1 40 ? 0.743   3.193   3.746   1.00 10.16 ? 57  LEU A C   1 
ATOM   333 O  O   . LEU A 1 40 ? 0.472   2.627   4.809   1.00 11.63 ? 57  LEU A O   1 
ATOM   334 C  CB  . LEU A 1 40 ? 0.002   2.034   1.663   1.00 12.72 ? 57  LEU A CB  1 
ATOM   335 C  CG  . LEU A 1 40 ? -1.105  1.702   0.677   1.00 12.47 ? 57  LEU A CG  1 
ATOM   336 C  CD1 . LEU A 1 40 ? -0.582  0.693   -0.329  1.00 15.64 ? 57  LEU A CD1 1 
ATOM   337 C  CD2 . LEU A 1 40 ? -2.321  1.136   1.406   1.00 15.87 ? 57  LEU A CD2 1 
ATOM   338 N  N   . GLY A 1 41 ? 1.870   3.883   3.537   1.00 7.60  ? 58  GLY A N   1 
ATOM   339 C  CA  . GLY A 1 41 ? 2.838   4.081   4.609   1.00 7.87  ? 58  GLY A CA  1 
ATOM   340 C  C   . GLY A 1 41 ? 2.213   4.761   5.818   1.00 8.22  ? 58  GLY A C   1 
ATOM   341 O  O   . GLY A 1 41 ? 2.411   4.341   6.954   1.00 7.21  ? 58  GLY A O   1 
ATOM   342 N  N   . GLN A 1 42 ? 1.465   5.850   5.584   1.00 9.45  ? 59  GLN A N   1 
ATOM   343 C  CA  . GLN A 1 42 ? 0.846   6.591   6.667   1.00 10.28 ? 59  GLN A CA  1 
ATOM   344 C  C   . GLN A 1 42 ? -0.211  5.760   7.381   1.00 9.98  ? 59  GLN A C   1 
ATOM   345 O  O   . GLN A 1 42 ? -0.319  5.813   8.608   1.00 8.81  ? 59  GLN A O   1 
ATOM   346 C  CB  . GLN A 1 42 ? 0.234   7.901   6.171   1.00 9.40  ? 59  GLN A CB  1 
ATOM   347 C  CG  . GLN A 1 42 ? 1.244   8.975   5.822   1.00 14.82 ? 59  GLN A CG  1 
ATOM   348 C  CD  . GLN A 1 42 ? 2.099   9.351   7.015   1.00 16.65 ? 59  GLN A CD  1 
ATOM   349 O  OE1 . GLN A 1 42 ? 1.579   9.615   8.094   1.00 15.06 ? 59  GLN A OE1 1 
ATOM   350 N  NE2 . GLN A 1 42 ? 3.422   9.302   6.841   1.00 18.75 ? 59  GLN A NE2 1 
ATOM   351 N  N   . TYR A 1 43 ? -0.968  4.986   6.605   1.00 9.23  ? 60  TYR A N   1 
ATOM   352 C  CA  . TYR A 1 43 ? -1.953  4.042   7.169   1.00 9.31  ? 60  TYR A CA  1 
ATOM   353 C  C   . TYR A 1 43 ? -1.281  3.054   8.137   1.00 10.16 ? 60  TYR A C   1 
ATOM   354 O  O   . TYR A 1 43 ? -1.699  2.906   9.280   1.00 10.38 ? 60  TYR A O   1 
ATOM   355 C  CB  . TYR A 1 43 ? -2.682  3.297   6.049   1.00 9.21  ? 60  TYR A CB  1 
ATOM   356 C  CG  . TYR A 1 43 ? -3.716  2.301   6.535   1.00 8.59  ? 60  TYR A CG  1 
ATOM   357 C  CD1 . TYR A 1 43 ? -5.029  2.676   6.787   1.00 8.42  ? 60  TYR A CD1 1 
ATOM   358 C  CD2 . TYR A 1 43 ? -3.367  0.973   6.746   1.00 9.22  ? 60  TYR A CD2 1 
ATOM   359 C  CE1 . TYR A 1 43 ? -5.983  1.748   7.215   1.00 11.26 ? 60  TYR A CE1 1 
ATOM   360 C  CE2 . TYR A 1 43 ? -4.299  0.056   7.180   1.00 9.56  ? 60  TYR A CE2 1 
ATOM   361 C  CZ  . TYR A 1 43 ? -5.602  0.448   7.440   1.00 10.41 ? 60  TYR A CZ  1 
ATOM   362 O  OH  . TYR A 1 43 ? -6.536  -0.476  7.899   1.00 9.26  ? 60  TYR A OH  1 
ATOM   363 N  N   . ILE A 1 44 ? -0.206  2.424   7.663   1.00 8.48  ? 61  ILE A N   1 
ATOM   364 C  CA  . ILE A 1 44 ? 0.622   1.528   8.479   1.00 8.36  ? 61  ILE A CA  1 
ATOM   365 C  C   . ILE A 1 44 ? 1.194   2.180   9.747   1.00 8.51  ? 61  ILE A C   1 
ATOM   366 O  O   . ILE A 1 44 ? 1.053   1.610   10.840  1.00 9.04  ? 61  ILE A O   1 
ATOM   367 C  CB  . ILE A 1 44 ? 1.738   0.904   7.633   1.00 8.28  ? 61  ILE A CB  1 
ATOM   368 C  CG1 . ILE A 1 44 ? 1.107   -0.058  6.626   1.00 8.65  ? 61  ILE A CG1 1 
ATOM   369 C  CG2 . ILE A 1 44 ? 2.784   0.228   8.537   1.00 7.59  ? 61  ILE A CG2 1 
ATOM   370 C  CD1 . ILE A 1 44 ? 2.018   -0.411  5.460   1.00 10.58 ? 61  ILE A CD1 1 
ATOM   371 N  N   A MET A 1 45 ? 1.812   3.356   9.610   0.25 7.77  ? 62  MET A N   1 
ATOM   372 N  N   B MET A 1 45 ? 1.810   3.357   9.588   0.25 9.53  ? 62  MET A N   1 
ATOM   373 N  N   C MET A 1 45 ? 1.803   3.364   9.597   0.50 9.25  ? 62  MET A N   1 
ATOM   374 C  CA  A MET A 1 45 ? 2.420   4.051   10.752  0.25 7.56  ? 62  MET A CA  1 
ATOM   375 C  CA  B MET A 1 45 ? 2.428   4.102   10.693  0.25 10.64 ? 62  MET A CA  1 
ATOM   376 C  CA  C MET A 1 45 ? 2.430   4.094   10.709  0.50 10.63 ? 62  MET A CA  1 
ATOM   377 C  C   A MET A 1 45 ? 1.386   4.529   11.753  0.25 8.11  ? 62  MET A C   1 
ATOM   378 C  C   B MET A 1 45 ? 1.402   4.538   11.729  0.25 9.76  ? 62  MET A C   1 
ATOM   379 C  C   C MET A 1 45 ? 1.387   4.518   11.734  0.50 9.47  ? 62  MET A C   1 
ATOM   380 O  O   A MET A 1 45 ? 1.576   4.364   12.958  0.25 8.01  ? 62  MET A O   1 
ATOM   381 O  O   B MET A 1 45 ? 1.612   4.353   12.927  0.25 9.51  ? 62  MET A O   1 
ATOM   382 O  O   C MET A 1 45 ? 1.564   4.301   12.930  0.50 8.90  ? 62  MET A O   1 
ATOM   383 C  CB  A MET A 1 45 ? 3.245   5.265   10.309  0.25 6.95  ? 62  MET A CB  1 
ATOM   384 C  CB  B MET A 1 45 ? 3.154   5.358   10.179  0.25 12.91 ? 62  MET A CB  1 
ATOM   385 C  CB  C MET A 1 45 ? 3.169   5.363   10.223  0.50 13.58 ? 62  MET A CB  1 
ATOM   386 C  CG  A MET A 1 45 ? 4.662   4.937   9.882   0.25 6.71  ? 62  MET A CG  1 
ATOM   387 C  CG  B MET A 1 45 ? 4.499   5.114   9.504   0.25 15.08 ? 62  MET A CG  1 
ATOM   388 C  CG  C MET A 1 45 ? 4.422   5.150   9.369   0.50 16.53 ? 62  MET A CG  1 
ATOM   389 S  SD  A MET A 1 45 ? 5.512   3.842   11.032  0.25 5.48  ? 62  MET A SD  1 
ATOM   390 S  SD  B MET A 1 45 ? 5.284   6.622   8.873   0.25 20.42 ? 62  MET A SD  1 
ATOM   391 S  SD  C MET A 1 45 ? 5.186   6.702   8.805   0.50 27.97 ? 62  MET A SD  1 
ATOM   392 C  CE  A MET A 1 45 ? 5.757   4.874   12.473  0.25 5.90  ? 62  MET A CE  1 
ATOM   393 C  CE  B MET A 1 45 ? 5.949   7.365   10.364  0.25 18.01 ? 62  MET A CE  1 
ATOM   394 C  CE  C MET A 1 45 ? 6.165   6.147   7.404   0.50 20.12 ? 62  MET A CE  1 
ATOM   395 N  N   . THR A 1 46 ? 0.296   5.118   11.263  1.00 9.21  ? 63  THR A N   1 
ATOM   396 C  CA  . THR A 1 46 ? -0.733  5.680   12.177  1.00 9.29  ? 63  THR A CA  1 
ATOM   397 C  C   . THR A 1 46 ? -1.390  4.573   13.003  1.00 10.85 ? 63  THR A C   1 
ATOM   398 O  O   . THR A 1 46 ? -1.532  4.712   14.235  1.00 9.48  ? 63  THR A O   1 
ATOM   399 C  CB  . THR A 1 46 ? -1.808  6.499   11.455  1.00 10.71 ? 63  THR A CB  1 
ATOM   400 O  OG1 . THR A 1 46 ? -2.478  5.665   10.536  1.00 17.50 ? 63  THR A OG1 1 
ATOM   401 C  CG2 . THR A 1 46 ? -1.191  7.693   10.728  1.00 8.57  ? 63  THR A CG2 1 
ATOM   402 N  N   . LYS A 1 47 ? -1.697  3.466   12.334  1.00 9.82  ? 64  LYS A N   1 
ATOM   403 C  CA  . LYS A 1 47 ? -2.264  2.285   13.002  1.00 11.05 ? 64  LYS A CA  1 
ATOM   404 C  C   . LYS A 1 47 ? -1.263  1.375   13.701  1.00 11.04 ? 64  LYS A C   1 
ATOM   405 O  O   . LYS A 1 47 ? -1.648  0.343   14.266  1.00 12.00 ? 64  LYS A O   1 
ATOM   406 C  CB  . LYS A 1 47 ? -3.097  1.493   12.013  1.00 9.56  ? 64  LYS A CB  1 
ATOM   407 C  CG  . LYS A 1 47 ? -4.316  2.259   11.526  1.00 12.15 ? 64  LYS A CG  1 
ATOM   408 C  CD  . LYS A 1 47 ? -5.294  1.307   10.831  1.00 10.63 ? 64  LYS A CD  1 
ATOM   409 C  CE  . LYS A 1 47 ? -6.210  0.614   11.841  1.00 11.22 ? 64  LYS A CE  1 
ATOM   410 N  NZ  . LYS A 1 47 ? -7.134  -0.287  11.099  1.00 10.39 ? 64  LYS A NZ  1 
ATOM   411 N  N   . ARG A 1 48 ? 0.004   1.758   13.711  1.00 10.43 ? 65  ARG A N   1 
ATOM   412 C  CA  . ARG A 1 48 ? 1.058   1.044   14.429  1.00 10.59 ? 65  ARG A CA  1 
ATOM   413 C  C   . ARG A 1 48 ? 1.162   -0.436  14.009  1.00 9.62  ? 65  ARG A C   1 
ATOM   414 O  O   . ARG A 1 48 ? 1.396   -1.313  14.840  1.00 8.40  ? 65  ARG A O   1 
ATOM   415 C  CB  . ARG A 1 48 ? 0.920   1.225   15.950  1.00 16.52 ? 65  ARG A CB  1 
ATOM   416 C  CG  . ARG A 1 48 ? 1.081   2.677   16.419  1.00 20.35 ? 65  ARG A CG  1 
ATOM   417 C  CD  . ARG A 1 48 ? 1.401   2.719   17.913  1.00 30.99 ? 65  ARG A CD  1 
ATOM   418 N  NE  . ARG A 1 48 ? 1.346   4.032   18.587  1.00 32.62 ? 65  ARG A NE  1 
ATOM   419 C  CZ  . ARG A 1 48 ? 0.236   4.726   18.877  1.00 33.11 ? 65  ARG A CZ  1 
ATOM   420 N  NH1 . ARG A 1 48 ? -0.974  4.307   18.503  1.00 34.36 ? 65  ARG A NH1 1 
ATOM   421 N  NH2 . ARG A 1 48 ? 0.339   5.886   19.525  1.00 32.54 ? 65  ARG A NH2 1 
ATOM   422 N  N   . LEU A 1 49 ? 1.019   -0.701  12.709  1.00 8.08  ? 66  LEU A N   1 
ATOM   423 C  CA  . LEU A 1 49 ? 1.173   -2.054  12.186  1.00 8.08  ? 66  LEU A CA  1 
ATOM   424 C  C   . LEU A 1 49 ? 2.640   -2.450  11.953  1.00 9.12  ? 66  LEU A C   1 
ATOM   425 O  O   . LEU A 1 49 ? 2.901   -3.598  11.627  1.00 11.42 ? 66  LEU A O   1 
ATOM   426 C  CB  . LEU A 1 49 ? 0.386   -2.219  10.882  1.00 8.45  ? 66  LEU A CB  1 
ATOM   427 C  CG  . LEU A 1 49 ? -1.119  -1.911  10.979  1.00 8.91  ? 66  LEU A CG  1 
ATOM   428 C  CD1 . LEU A 1 49 ? -1.751  -2.079  9.624   1.00 12.34 ? 66  LEU A CD1 1 
ATOM   429 C  CD2 . LEU A 1 49 ? -1.848  -2.741  12.074  1.00 8.49  ? 66  LEU A CD2 1 
ATOM   430 N  N   . TYR A 1 50 ? 3.575   -1.504  12.079  1.00 12.02 ? 67  TYR A N   1 
ATOM   431 C  CA  . TYR A 1 50 ? 4.976   -1.691  11.680  1.00 12.16 ? 67  TYR A CA  1 
ATOM   432 C  C   . TYR A 1 50 ? 5.860   -1.863  12.895  1.00 18.62 ? 67  TYR A C   1 
ATOM   433 O  O   . TYR A 1 50 ? 5.847   -1.024  13.788  1.00 18.13 ? 67  TYR A O   1 
ATOM   434 C  CB  . TYR A 1 50 ? 5.434   -0.472  10.882  1.00 13.59 ? 67  TYR A CB  1 
ATOM   435 C  CG  . TYR A 1 50 ? 6.876   -0.467  10.395  1.00 13.24 ? 67  TYR A CG  1 
ATOM   436 C  CD1 . TYR A 1 50 ? 7.462   -1.609  9.854   1.00 17.28 ? 67  TYR A CD1 1 
ATOM   437 C  CD2 . TYR A 1 50 ? 7.622   0.706   10.403  1.00 16.06 ? 67  TYR A CD2 1 
ATOM   438 C  CE1 . TYR A 1 50 ? 8.760   -1.595  9.376   1.00 21.36 ? 67  TYR A CE1 1 
ATOM   439 C  CE2 . TYR A 1 50 ? 8.926   0.730   9.924   1.00 16.36 ? 67  TYR A CE2 1 
ATOM   440 C  CZ  . TYR A 1 50 ? 9.489   -0.424  9.405   1.00 20.07 ? 67  TYR A CZ  1 
ATOM   441 O  OH  . TYR A 1 50 ? 10.782  -0.433  8.911   1.00 20.05 ? 67  TYR A OH  1 
ATOM   442 N  N   . ASP A 1 51 ? 6.619   -2.952  12.919  1.00 22.04 ? 68  ASP A N   1 
ATOM   443 C  CA  . ASP A 1 51 ? 7.609   -3.201  13.950  1.00 29.06 ? 68  ASP A CA  1 
ATOM   444 C  C   . ASP A 1 51 ? 8.990   -3.012  13.329  1.00 34.60 ? 68  ASP A C   1 
ATOM   445 O  O   . ASP A 1 51 ? 9.578   -3.966  12.791  1.00 33.32 ? 68  ASP A O   1 
ATOM   446 C  CB  . ASP A 1 51 ? 7.454   -4.620  14.490  1.00 30.19 ? 68  ASP A CB  1 
ATOM   447 C  CG  . ASP A 1 51 ? 6.140   -4.837  15.246  0.50 32.90 ? 68  ASP A CG  1 
ATOM   448 O  OD1 . ASP A 1 51 ? 5.149   -4.119  14.992  0.50 37.13 ? 68  ASP A OD1 1 
ATOM   449 O  OD2 . ASP A 1 51 ? 6.098   -5.750  16.097  0.50 32.01 ? 68  ASP A OD2 1 
ATOM   450 N  N   . GLU A 1 52 ? 9.483   -1.772  13.382  1.00 42.64 ? 69  GLU A N   1 
ATOM   451 C  CA  . GLU A 1 52 ? 10.789  -1.400  12.801  1.00 47.04 ? 69  GLU A CA  1 
ATOM   452 C  C   . GLU A 1 52 ? 11.932  -2.097  13.539  1.00 55.76 ? 69  GLU A C   1 
ATOM   453 O  O   . GLU A 1 52 ? 12.894  -2.552  12.912  1.00 51.89 ? 69  GLU A O   1 
ATOM   454 C  CB  . GLU A 1 52 ? 10.991  0.123   12.839  1.00 42.78 ? 69  GLU A CB  1 
ATOM   455 C  CG  . GLU A 1 52 ? 12.233  0.613   12.094  0.50 40.26 ? 69  GLU A CG  1 
ATOM   456 C  CD  . GLU A 1 52 ? 12.257  2.115   11.854  0.50 36.78 ? 69  GLU A CD  1 
ATOM   457 O  OE1 . GLU A 1 52 ? 11.393  2.847   12.386  0.50 37.50 ? 69  GLU A OE1 1 
ATOM   458 O  OE2 . GLU A 1 52 ? 13.160  2.572   11.122  0.50 36.10 ? 69  GLU A OE2 1 
ATOM   459 N  N   . LYS A 1 53 ? 11.790  -2.180  14.866  1.00 65.11 ? 70  LYS A N   1 
ATOM   460 C  CA  . LYS A 1 53 ? 12.706  -2.920  15.749  1.00 62.74 ? 70  LYS A CA  1 
ATOM   461 C  C   . LYS A 1 53 ? 12.252  -4.383  15.973  1.00 60.88 ? 70  LYS A C   1 
ATOM   462 O  O   . LYS A 1 53 ? 12.263  -4.890  17.100  1.00 53.26 ? 70  LYS A O   1 
ATOM   463 C  CB  . LYS A 1 53 ? 12.880  -2.168  17.086  1.00 68.84 ? 70  LYS A CB  1 
ATOM   464 C  CG  . LYS A 1 53 ? 11.604  -1.921  17.890  1.00 70.38 ? 70  LYS A CG  1 
ATOM   465 C  CD  . LYS A 1 53 ? 12.175  -1.420  19.303  0.00 74.30 ? 70  LYS A CD  1 
ATOM   466 C  CE  . LYS A 1 53 ? 12.840  -0.052  19.323  0.00 74.16 ? 70  LYS A CE  1 
ATOM   467 N  NZ  . LYS A 1 53 ? 13.082  0.429   20.711  0.00 74.01 ? 70  LYS A NZ  1 
ATOM   468 N  N   . GLN A 1 54 ? 11.851  -5.048  14.887  1.00 54.54 ? 71  GLN A N   1 
ATOM   469 C  CA  . GLN A 1 54 ? 11.520  -6.481  14.886  1.00 58.37 ? 71  GLN A CA  1 
ATOM   470 C  C   . GLN A 1 54 ? 11.579  -6.988  13.438  1.00 45.07 ? 71  GLN A C   1 
ATOM   471 O  O   . GLN A 1 54 ? 10.577  -7.436  12.874  1.00 41.64 ? 71  GLN A O   1 
ATOM   472 C  CB  . GLN A 1 54 ? 10.136  -6.747  15.519  1.00 58.86 ? 71  GLN A CB  1 
ATOM   473 C  CG  . GLN A 1 54 ? 9.811   -8.208  15.830  1.00 55.66 ? 71  GLN A CG  1 
ATOM   474 C  CD  . GLN A 1 54 ? 10.479  -8.723  17.100  1.00 48.11 ? 71  GLN A CD  1 
ATOM   475 O  OE1 . GLN A 1 54 ? 11.705  -8.833  17.171  1.00 54.39 ? 71  GLN A OE1 1 
ATOM   476 N  NE2 . GLN A 1 54 ? 9.672   -9.067  18.099  1.00 19.19 ? 71  GLN A NE2 1 
ATOM   477 N  N   . GLN A 1 55 ? 12.769  -6.874  12.847  1.00 33.99 ? 72  GLN A N   1 
ATOM   478 C  CA  . GLN A 1 55 ? 13.049  -7.321  11.473  1.00 29.72 ? 72  GLN A CA  1 
ATOM   479 C  C   . GLN A 1 55 ? 12.291  -6.540  10.380  1.00 21.45 ? 72  GLN A C   1 
ATOM   480 O  O   . GLN A 1 55 ? 12.080  -7.074  9.296   1.00 26.96 ? 72  GLN A O   1 
ATOM   481 C  CB  . GLN A 1 55 ? 12.815  -8.849  11.319  1.00 32.73 ? 72  GLN A CB  1 
ATOM   482 C  CG  . GLN A 1 55 ? 13.476  -9.726  12.393  1.00 37.42 ? 72  GLN A CG  1 
ATOM   483 C  CD  . GLN A 1 55 ? 13.110  -11.212 12.304  1.00 37.07 ? 72  GLN A CD  1 
ATOM   484 O  OE1 . GLN A 1 55 ? 13.864  -12.071 12.772  1.00 45.03 ? 72  GLN A OE1 1 
ATOM   485 N  NE2 . GLN A 1 55 ? 11.947  -11.518 11.727  1.00 32.29 ? 72  GLN A NE2 1 
ATOM   486 N  N   . HIS A 1 56 ? 11.906  -5.287  10.653  1.00 17.11 ? 73  HIS A N   1 
ATOM   487 C  CA  . HIS A 1 56 ? 11.211  -4.413  9.670   1.00 16.72 ? 73  HIS A CA  1 
ATOM   488 C  C   . HIS A 1 56 ? 9.995   -5.071  9.044   1.00 12.71 ? 73  HIS A C   1 
ATOM   489 O  O   . HIS A 1 56 ? 9.784   -5.006  7.837   1.00 10.40 ? 73  HIS A O   1 
ATOM   490 C  CB  . HIS A 1 56 ? 12.185  -3.924  8.597   1.00 17.04 ? 73  HIS A CB  1 
ATOM   491 C  CG  . HIS A 1 56 ? 13.462  -3.331  9.155   0.50 16.09 ? 73  HIS A CG  1 
ATOM   492 N  ND1 . HIS A 1 56 ? 13.463  -2.287  10.007  0.50 18.47 ? 73  HIS A ND1 1 
ATOM   493 C  CD2 . HIS A 1 56 ? 14.795  -3.679  8.958   0.50 17.70 ? 73  HIS A CD2 1 
ATOM   494 C  CE1 . HIS A 1 56 ? 14.733  -1.976  10.335  0.50 18.16 ? 73  HIS A CE1 1 
ATOM   495 N  NE2 . HIS A 1 56 ? 15.546  -2.831  9.694   0.50 17.58 ? 73  HIS A NE2 1 
ATOM   496 N  N   . ILE A 1 57 ? 9.172   -5.681  9.899   1.00 10.40 ? 74  ILE A N   1 
ATOM   497 C  CA  . ILE A 1 57 ? 7.997   -6.445  9.479   1.00 9.50  ? 74  ILE A CA  1 
ATOM   498 C  C   . ILE A 1 57 ? 6.757   -5.618  9.793   1.00 9.37  ? 74  ILE A C   1 
ATOM   499 O  O   . ILE A 1 57 ? 6.643   -5.053  10.889  1.00 12.04 ? 74  ILE A O   1 
ATOM   500 C  CB  . ILE A 1 57 ? 7.924   -7.820  10.206  1.00 9.94  ? 74  ILE A CB  1 
ATOM   501 C  CG1 . ILE A 1 57 ? 9.160   -8.671  9.914   1.00 12.24 ? 74  ILE A CG1 1 
ATOM   502 C  CG2 . ILE A 1 57 ? 6.647   -8.579  9.847   1.00 8.64  ? 74  ILE A CG2 1 
ATOM   503 C  CD1 . ILE A 1 57 ? 9.534   -8.838  8.456   1.00 12.57 ? 74  ILE A CD1 1 
ATOM   504 N  N   . VAL A 1 58 ? 5.865   -5.532  8.811   1.00 7.85  ? 75  VAL A N   1 
ATOM   505 C  CA  . VAL A 1 58 ? 4.510   -5.072  9.011   1.00 7.74  ? 75  VAL A CA  1 
ATOM   506 C  C   . VAL A 1 58 ? 3.642   -6.291  9.338   1.00 8.49  ? 75  VAL A C   1 
ATOM   507 O  O   . VAL A 1 58 ? 3.649   -7.287  8.604   1.00 8.46  ? 75  VAL A O   1 
ATOM   508 C  CB  . VAL A 1 58 ? 3.966   -4.382  7.750   1.00 6.76  ? 75  VAL A CB  1 
ATOM   509 C  CG1 . VAL A 1 58 ? 2.469   -4.115  7.827   1.00 8.68  ? 75  VAL A CG1 1 
ATOM   510 C  CG2 . VAL A 1 58 ? 4.729   -3.093  7.492   1.00 7.53  ? 75  VAL A CG2 1 
ATOM   511 N  N   . TYR A 1 59 ? 2.847   -6.180  10.391  1.00 7.64  ? 76  TYR A N   1 
ATOM   512 C  CA  . TYR A 1 59 ? 1.915   -7.243  10.787  1.00 7.77  ? 76  TYR A CA  1 
ATOM   513 C  C   . TYR A 1 59 ? 0.502   -6.754  10.511  1.00 8.62  ? 76  TYR A C   1 
ATOM   514 O  O   . TYR A 1 59 ? 0.080   -5.718  11.032  1.00 10.58 ? 76  TYR A O   1 
ATOM   515 C  CB  . TYR A 1 59 ? 2.090   -7.610  12.258  1.00 7.34  ? 76  TYR A CB  1 
ATOM   516 C  CG  . TYR A 1 59 ? 3.395   -8.300  12.538  1.00 8.04  ? 76  TYR A CG  1 
ATOM   517 C  CD1 . TYR A 1 59 ? 3.519   -9.680  12.402  1.00 7.91  ? 76  TYR A CD1 1 
ATOM   518 C  CD2 . TYR A 1 59 ? 4.523   -7.572  12.933  1.00 7.57  ? 76  TYR A CD2 1 
ATOM   519 C  CE1 . TYR A 1 59 ? 4.729   -10.325 12.658  1.00 8.22  ? 76  TYR A CE1 1 
ATOM   520 C  CE2 . TYR A 1 59 ? 5.732   -8.203  13.184  1.00 7.63  ? 76  TYR A CE2 1 
ATOM   521 C  CZ  . TYR A 1 59 ? 5.842   -9.574  13.053  1.00 6.87  ? 76  TYR A CZ  1 
ATOM   522 O  OH  . TYR A 1 59 ? 7.046   -10.194 13.329  1.00 7.95  ? 76  TYR A OH  1 
ATOM   523 N  N   . CYS A 1 60 ? -0.211  -7.506  9.689   1.00 8.21  ? 77  CYS A N   1 
ATOM   524 C  CA  . CYS A 1 60 ? -1.509  -7.071  9.169   1.00 10.12 ? 77  CYS A CA  1 
ATOM   525 C  C   . CYS A 1 60 ? -2.596  -8.137  9.170   1.00 11.61 ? 77  CYS A C   1 
ATOM   526 O  O   . CYS A 1 60 ? -3.651  -7.941  8.525   1.00 10.86 ? 77  CYS A O   1 
ATOM   527 C  CB  . CYS A 1 60 ? -1.323  -6.464  7.769   1.00 11.61 ? 77  CYS A CB  1 
ATOM   528 S  SG  . CYS A 1 60 ? -0.425  -7.469  6.588   1.00 12.76 ? 77  CYS A SG  1 
ATOM   529 N  N   . SER A 1 61 ? -2.406  -9.210  9.959   1.00 9.86  ? 78  SER A N   1 
ATOM   530 C  CA  . SER A 1 61 ? -3.375  -10.301 10.007  1.00 10.57 ? 78  SER A CA  1 
ATOM   531 C  C   . SER A 1 61 ? -4.694  -9.891  10.664  1.00 9.73  ? 78  SER A C   1 
ATOM   532 O  O   . SER A 1 61 ? -5.719  -10.513 10.388  1.00 9.05  ? 78  SER A O   1 
ATOM   533 C  CB  . SER A 1 61 ? -2.811  -11.508 10.759  1.00 10.79 ? 78  SER A CB  1 
ATOM   534 O  OG  . SER A 1 61 ? -2.585  -11.149 12.103  1.00 15.77 ? 78  SER A OG  1 
ATOM   535 N  N   . ASN A 1 62 ? -4.643  -8.873  11.529  1.00 9.75  ? 79  ASN A N   1 
ATOM   536 C  CA  . ASN A 1 62 ? -5.809  -8.334  12.250  1.00 8.52  ? 79  ASN A CA  1 
ATOM   537 C  C   . ASN A 1 62 ? -6.361  -7.042  11.650  1.00 7.54  ? 79  ASN A C   1 
ATOM   538 O  O   . ASN A 1 62 ? -7.087  -6.280  12.334  1.00 7.86  ? 79  ASN A O   1 
ATOM   539 C  CB  . ASN A 1 62 ? -5.429  -8.102  13.715  1.00 8.72  ? 79  ASN A CB  1 
ATOM   540 C  CG  . ASN A 1 62 ? -4.402  -6.987  13.877  1.00 10.64 ? 79  ASN A CG  1 
ATOM   541 O  OD1 . ASN A 1 62 ? -3.741  -6.606  12.925  1.00 13.24 ? 79  ASN A OD1 1 
ATOM   542 N  ND2 . ASN A 1 62 ? -4.288  -6.453  15.088  1.00 11.69 ? 79  ASN A ND2 1 
ATOM   543 N  N   . ASP A 1 63 ? -6.025  -6.796  10.390  1.00 8.16  ? 80  ASP A N   1 
ATOM   544 C  CA  . ASP A 1 63 ? -6.343  -5.534  9.716   1.00 9.49  ? 80  ASP A CA  1 
ATOM   545 C  C   . ASP A 1 63 ? -6.805  -5.796  8.279   1.00 9.62  ? 80  ASP A C   1 
ATOM   546 O  O   . ASP A 1 63 ? -6.399  -6.795  7.673   1.00 7.31  ? 80  ASP A O   1 
ATOM   547 C  CB  . ASP A 1 63 ? -5.106  -4.655  9.713   1.00 9.35  ? 80  ASP A CB  1 
ATOM   548 C  CG  . ASP A 1 63 ? -5.423  -3.203  9.422   1.00 10.38 ? 80  ASP A CG  1 
ATOM   549 O  OD1 . ASP A 1 63 ? -5.707  -2.469  10.391  1.00 10.61 ? 80  ASP A OD1 1 
ATOM   550 O  OD2 . ASP A 1 63 ? -5.459  -2.823  8.239   1.00 10.68 ? 80  ASP A OD2 1 
ATOM   551 N  N   . LEU A 1 64 ? -7.611  -4.874  7.750   1.00 10.10 ? 81  LEU A N   1 
ATOM   552 C  CA  . LEU A 1 64 ? -8.009  -4.894  6.334   1.00 11.83 ? 81  LEU A CA  1 
ATOM   553 C  C   . LEU A 1 64 ? -6.816  -4.895  5.365   1.00 10.23 ? 81  LEU A C   1 
ATOM   554 O  O   . LEU A 1 64 ? -6.921  -5.479  4.310   1.00 8.95  ? 81  LEU A O   1 
ATOM   555 C  CB  . LEU A 1 64 ? -8.951  -3.722  5.988   1.00 14.26 ? 81  LEU A CB  1 
ATOM   556 C  CG  . LEU A 1 64 ? -10.410 -4.144  5.942   1.00 24.09 ? 81  LEU A CG  1 
ATOM   557 C  CD1 . LEU A 1 64 ? -11.359 -2.955  5.905   0.50 17.92 ? 81  LEU A CD1 1 
ATOM   558 C  CD2 . LEU A 1 64 ? -10.646 -5.043  4.733   0.50 26.18 ? 81  LEU A CD2 1 
ATOM   559 N  N   . LEU A 1 65 ? -5.691  -4.309  5.760   1.00 9.13  ? 82  LEU A N   1 
ATOM   560 C  CA  . LEU A 1 65 ? -4.475  -4.368  4.950   1.00 8.68  ? 82  LEU A CA  1 
ATOM   561 C  C   . LEU A 1 65 ? -4.106  -5.823  4.631   1.00 9.83  ? 82  LEU A C   1 
ATOM   562 O  O   . LEU A 1 65 ? -3.689  -6.113  3.507   1.00 9.22  ? 82  LEU A O   1 
ATOM   563 C  CB  . LEU A 1 65 ? -3.301  -3.619  5.616   1.00 10.64 ? 82  LEU A CB  1 
ATOM   564 C  CG  . LEU A 1 65 ? -1.993  -3.664  4.818   1.00 13.49 ? 82  LEU A CG  1 
ATOM   565 C  CD1 . LEU A 1 65 ? -2.209  -3.012  3.461   1.00 13.74 ? 82  LEU A CD1 1 
ATOM   566 C  CD2 . LEU A 1 65 ? -0.897  -2.976  5.628   1.00 11.45 ? 82  LEU A CD2 1 
ATOM   567 N  N   . GLY A 1 66 ? -4.287  -6.742  5.586   1.00 9.63  ? 83  GLY A N   1 
ATOM   568 C  CA  . GLY A 1 66 ? -4.006  -8.157  5.371   1.00 9.93  ? 83  GLY A CA  1 
ATOM   569 C  C   . GLY A 1 66 ? -4.880  -8.787  4.306   1.00 9.20  ? 83  GLY A C   1 
ATOM   570 O  O   . GLY A 1 66 ? -4.431  -9.637  3.533   1.00 10.94 ? 83  GLY A O   1 
ATOM   571 N  N   . ASP A 1 67 ? -6.142  -8.379  4.273   1.00 11.20 ? 84  ASP A N   1 
ATOM   572 C  CA  . ASP A 1 67 ? -7.082  -8.826  3.250   1.00 12.24 ? 84  ASP A CA  1 
ATOM   573 C  C   . ASP A 1 67 ? -6.728  -8.271  1.875   1.00 12.40 ? 84  ASP A C   1 
ATOM   574 O  O   . ASP A 1 67 ? -6.788  -9.019  0.884   1.00 12.71 ? 84  ASP A O   1 
ATOM   575 C  CB  . ASP A 1 67 ? -8.500  -8.421  3.611   1.00 15.75 ? 84  ASP A CB  1 
ATOM   576 C  CG  . ASP A 1 67 ? -8.977  -9.063  4.901   1.00 23.27 ? 84  ASP A CG  1 
ATOM   577 O  OD1 . ASP A 1 67 ? -8.821  -10.297 5.055   1.00 30.10 ? 84  ASP A OD1 1 
ATOM   578 O  OD2 . ASP A 1 67 ? -9.484  -8.320  5.764   1.00 33.33 ? 84  ASP A OD2 1 
ATOM   579 N  N   A LEU A 1 68 ? -6.349  -6.987  1.819   0.50 12.87 ? 85  LEU A N   1 
ATOM   580 N  N   B LEU A 1 68 ? -6.339  -6.989  1.824   0.50 11.33 ? 85  LEU A N   1 
ATOM   581 C  CA  A LEU A 1 68 ? -5.870  -6.354  0.582   0.50 14.12 ? 85  LEU A CA  1 
ATOM   582 C  CA  B LEU A 1 68 ? -5.881  -6.333  0.590   0.50 11.39 ? 85  LEU A CA  1 
ATOM   583 C  C   A LEU A 1 68 ? -4.694  -7.105  -0.030  0.50 12.48 ? 85  LEU A C   1 
ATOM   584 C  C   B LEU A 1 68 ? -4.681  -7.059  -0.031  0.50 11.23 ? 85  LEU A C   1 
ATOM   585 O  O   A LEU A 1 68 ? -4.686  -7.411  -1.223  0.50 14.81 ? 85  LEU A O   1 
ATOM   586 O  O   B LEU A 1 68 ? -4.640  -7.302  -1.237  0.50 13.41 ? 85  LEU A O   1 
ATOM   587 C  CB  A LEU A 1 68 ? -5.427  -4.912  0.851   0.50 16.09 ? 85  LEU A CB  1 
ATOM   588 C  CB  B LEU A 1 68 ? -5.499  -4.874  0.895   0.50 11.01 ? 85  LEU A CB  1 
ATOM   589 C  CG  A LEU A 1 68 ? -6.485  -3.829  0.647   0.50 20.16 ? 85  LEU A CG  1 
ATOM   590 C  CG  B LEU A 1 68 ? -5.163  -3.886  -0.234  0.50 10.83 ? 85  LEU A CG  1 
ATOM   591 C  CD1 A LEU A 1 68 ? -5.896  -2.436  0.817   0.50 24.55 ? 85  LEU A CD1 1 
ATOM   592 C  CD1 B LEU A 1 68 ? -6.397  -3.302  -0.905  0.50 14.14 ? 85  LEU A CD1 1 
ATOM   593 C  CD2 A LEU A 1 68 ? -7.091  -3.986  -0.742  0.50 21.43 ? 85  LEU A CD2 1 
ATOM   594 C  CD2 B LEU A 1 68 ? -4.291  -2.755  0.297   0.50 9.99  ? 85  LEU A CD2 1 
ATOM   595 N  N   . PHE A 1 69 ? -3.699  -7.388  0.809   1.00 12.34 ? 86  PHE A N   1 
ATOM   596 C  CA  . PHE A 1 69 ? -2.450  -8.015  0.371   1.00 13.22 ? 86  PHE A CA  1 
ATOM   597 C  C   . PHE A 1 69 ? -2.433  -9.535  0.380   1.00 16.18 ? 86  PHE A C   1 
ATOM   598 O  O   . PHE A 1 69 ? -1.547  -10.125 -0.249  1.00 18.69 ? 86  PHE A O   1 
ATOM   599 C  CB  . PHE A 1 69 ? -1.299  -7.476  1.228   1.00 13.98 ? 86  PHE A CB  1 
ATOM   600 C  CG  . PHE A 1 69 ? -0.825  -6.079  0.848   1.00 11.38 ? 86  PHE A CG  1 
ATOM   601 C  CD1 . PHE A 1 69 ? -1.502  -5.250  -0.065  1.00 12.38 ? 86  PHE A CD1 1 
ATOM   602 C  CD2 . PHE A 1 69 ? 0.288   -5.571  1.472   1.00 11.95 ? 86  PHE A CD2 1 
ATOM   603 C  CE1 . PHE A 1 69 ? -1.027  -3.975  -0.366  1.00 13.05 ? 86  PHE A CE1 1 
ATOM   604 C  CE2 . PHE A 1 69 ? 0.764   -4.299  1.172   1.00 12.06 ? 86  PHE A CE2 1 
ATOM   605 C  CZ  . PHE A 1 69 ? 0.090   -3.491  0.280   1.00 13.24 ? 86  PHE A CZ  1 
ATOM   606 N  N   . GLY A 1 70 ? -3.362  -10.171 1.094   1.00 11.69 ? 87  GLY A N   1 
ATOM   607 C  CA  . GLY A 1 70 ? -3.447  -11.640 1.141   1.00 12.40 ? 87  GLY A CA  1 
ATOM   608 C  C   . GLY A 1 70 ? -2.328  -12.290 1.956   1.00 11.06 ? 87  GLY A C   1 
ATOM   609 O  O   . GLY A 1 70 ? -1.987  -13.428 1.725   1.00 12.00 ? 87  GLY A O   1 
ATOM   610 N  N   . VAL A 1 71 ? -1.739  -11.543 2.894   1.00 14.75 ? 88  VAL A N   1 
ATOM   611 C  CA  . VAL A 1 71 ? -0.686  -12.054 3.774   1.00 12.22 ? 88  VAL A CA  1 
ATOM   612 C  C   . VAL A 1 71 ? -0.907  -11.588 5.216   1.00 13.45 ? 88  VAL A C   1 
ATOM   613 O  O   . VAL A 1 71 ? -1.471  -10.501 5.430   1.00 13.71 ? 88  VAL A O   1 
ATOM   614 C  CB  . VAL A 1 71 ? 0.720   -11.600 3.297   1.00 13.51 ? 88  VAL A CB  1 
ATOM   615 C  CG1 . VAL A 1 71 ? 1.030   -12.173 1.921   1.00 13.90 ? 88  VAL A CG1 1 
ATOM   616 C  CG2 . VAL A 1 71 ? 0.838   -10.078 3.295   1.00 11.86 ? 88  VAL A CG2 1 
ATOM   617 N  N   . PRO A 1 72 ? -0.428  -12.372 6.202   1.00 12.58 ? 89  PRO A N   1 
ATOM   618 C  CA  . PRO A 1 72 ? -0.529  -11.953 7.606   1.00 9.85  ? 89  PRO A CA  1 
ATOM   619 C  C   . PRO A 1 72 ? 0.544   -10.954 8.005   1.00 10.23 ? 89  PRO A C   1 
ATOM   620 O  O   . PRO A 1 72 ? 0.381   -10.272 9.003   1.00 10.58 ? 89  PRO A O   1 
ATOM   621 C  CB  . PRO A 1 72 ? -0.329  -13.253 8.381   1.00 13.38 ? 89  PRO A CB  1 
ATOM   622 C  CG  . PRO A 1 72 ? 0.558   -14.053 7.502   1.00 13.48 ? 89  PRO A CG  1 
ATOM   623 C  CD  . PRO A 1 72 ? 0.124   -13.747 6.098   1.00 13.28 ? 89  PRO A CD  1 
ATOM   624 N  N   . SER A 1 73 ? 1.616   -10.888 7.217   1.00 10.49 ? 90  SER A N   1 
ATOM   625 C  CA  . SER A 1 73 ? 2.751   -10.006 7.455   1.00 10.52 ? 90  SER A CA  1 
ATOM   626 C  C   . SER A 1 73 ? 3.643   -9.931  6.213   1.00 10.14 ? 90  SER A C   1 
ATOM   627 O  O   . SER A 1 73 ? 3.576   -10.788 5.336   1.00 9.22  ? 90  SER A O   1 
ATOM   628 C  CB  . SER A 1 73 ? 3.567   -10.505 8.652   1.00 9.85  ? 90  SER A CB  1 
ATOM   629 O  OG  . SER A 1 73 ? 4.147   -11.776 8.377   1.00 9.65  ? 90  SER A OG  1 
ATOM   630 N  N   . PHE A 1 74 ? 4.518   -8.936  6.183   1.00 9.06  ? 91  PHE A N   1 
ATOM   631 C  CA  . PHE A 1 74 ? 5.516   -8.828  5.134   1.00 8.66  ? 91  PHE A CA  1 
ATOM   632 C  C   . PHE A 1 74 ? 6.630   -7.886  5.577   1.00 9.50  ? 91  PHE A C   1 
ATOM   633 O  O   . PHE A 1 74 ? 6.456   -7.075  6.491   1.00 8.96  ? 91  PHE A O   1 
ATOM   634 C  CB  . PHE A 1 74 ? 4.890   -8.344  3.820   1.00 8.14  ? 91  PHE A CB  1 
ATOM   635 C  CG  . PHE A 1 74 ? 4.275   -6.984  3.928   1.00 8.29  ? 91  PHE A CG  1 
ATOM   636 C  CD1 . PHE A 1 74 ? 2.978   -6.823  4.421   1.00 9.91  ? 91  PHE A CD1 1 
ATOM   637 C  CD2 . PHE A 1 74 ? 5.007   -5.850  3.607   1.00 9.97  ? 91  PHE A CD2 1 
ATOM   638 C  CE1 . PHE A 1 74 ? 2.403   -5.578  4.530   1.00 8.84  ? 91  PHE A CE1 1 
ATOM   639 C  CE2 . PHE A 1 74 ? 4.435   -4.591  3.721   1.00 8.94  ? 91  PHE A CE2 1 
ATOM   640 C  CZ  . PHE A 1 74 ? 3.135   -4.449  4.195   1.00 9.90  ? 91  PHE A CZ  1 
ATOM   641 N  N   . SER A 1 75 ? 7.765   -8.009  4.907   1.00 8.64  ? 92  SER A N   1 
ATOM   642 C  CA  . SER A 1 75 ? 8.910   -7.159  5.142   1.00 9.61  ? 92  SER A CA  1 
ATOM   643 C  C   . SER A 1 75 ? 8.795   -5.923  4.301   1.00 10.45 ? 92  SER A C   1 
ATOM   644 O  O   . SER A 1 75 ? 8.512   -6.000  3.104   1.00 8.29  ? 92  SER A O   1 
ATOM   645 C  CB  . SER A 1 75 ? 10.205  -7.877  4.771   1.00 9.17  ? 92  SER A CB  1 
ATOM   646 O  OG  . SER A 1 75 ? 11.308  -6.996  4.795   1.00 8.60  ? 92  SER A OG  1 
ATOM   647 N  N   . VAL A 1 76 ? 9.089   -4.780  4.915   1.00 9.85  ? 93  VAL A N   1 
ATOM   648 C  CA  . VAL A 1 76 ? 9.106   -3.511  4.198   1.00 8.94  ? 93  VAL A CA  1 
ATOM   649 C  C   . VAL A 1 76 ? 10.326  -3.370  3.260   1.00 9.71  ? 93  VAL A C   1 
ATOM   650 O  O   . VAL A 1 76 ? 10.387  -2.428  2.479   1.00 13.65 ? 93  VAL A O   1 
ATOM   651 C  CB  . VAL A 1 76 ? 9.057   -2.306  5.167   1.00 9.20  ? 93  VAL A CB  1 
ATOM   652 C  CG1 . VAL A 1 76 ? 7.839   -2.397  6.076   1.00 8.31  ? 93  VAL A CG1 1 
ATOM   653 C  CG2 . VAL A 1 76 ? 10.346  -2.212  5.955   1.00 9.70  ? 93  VAL A CG2 1 
ATOM   654 N  N   . LYS A 1 77 ? 11.280  -4.292  3.368   1.00 9.69  ? 94  LYS A N   1 
ATOM   655 C  CA  . LYS A 1 77 ? 12.471  -4.350  2.491   1.00 12.06 ? 94  LYS A CA  1 
ATOM   656 C  C   . LYS A 1 77 ? 12.240  -5.080  1.155   1.00 13.89 ? 94  LYS A C   1 
ATOM   657 O  O   . LYS A 1 77 ? 13.048  -4.930  0.234   1.00 13.28 ? 94  LYS A O   1 
ATOM   658 C  CB  . LYS A 1 77 ? 13.631  -5.043  3.220   1.00 14.20 ? 94  LYS A CB  1 
ATOM   659 C  CG  . LYS A 1 77 ? 14.056  -4.412  4.549   1.00 15.54 ? 94  LYS A CG  1 
ATOM   660 C  CD  . LYS A 1 77 ? 14.322  -2.911  4.457   1.00 20.08 ? 94  LYS A CD  1 
ATOM   661 C  CE  . LYS A 1 77 ? 15.435  -2.577  3.463   1.00 26.44 ? 94  LYS A CE  1 
ATOM   662 N  NZ  . LYS A 1 77 ? 15.736  -1.118  3.385   1.00 25.72 ? 94  LYS A NZ  1 
ATOM   663 N  N   . GLU A 1 78 ? 11.163  -5.862  1.068   1.00 12.21 ? 95  GLU A N   1 
ATOM   664 C  CA  . GLU A 1 78 ? 10.853  -6.690  -0.096  1.00 13.59 ? 95  GLU A CA  1 
ATOM   665 C  C   . GLU A 1 78 ? 10.023  -5.848  -1.065  1.00 8.96  ? 95  GLU A C   1 
ATOM   666 O  O   . GLU A 1 78 ? 8.804   -5.997  -1.178  1.00 10.23 ? 95  GLU A O   1 
ATOM   667 C  CB  . GLU A 1 78 ? 10.072  -7.953  0.322   1.00 12.40 ? 95  GLU A CB  1 
ATOM   668 C  CG  . GLU A 1 78 ? 10.891  -8.998  1.069   1.00 17.30 ? 95  GLU A CG  1 
ATOM   669 C  CD  . GLU A 1 78 ? 10.023  -10.176 1.480   0.50 15.64 ? 95  GLU A CD  1 
ATOM   670 O  OE1 . GLU A 1 78 ? 9.133   -9.999  2.335   0.50 22.88 ? 95  GLU A OE1 1 
ATOM   671 O  OE2 . GLU A 1 78 ? 10.212  -11.271 0.930   0.50 20.75 ? 95  GLU A OE2 1 
ATOM   672 N  N   . HIS A 1 79 ? 10.703  -4.957  -1.763  1.00 9.70  ? 96  HIS A N   1 
ATOM   673 C  CA  . HIS A 1 79 ? 10.017  -3.939  -2.564  1.00 9.86  ? 96  HIS A CA  1 
ATOM   674 C  C   . HIS A 1 79 ? 9.214   -4.459  -3.735  1.00 9.55  ? 96  HIS A C   1 
ATOM   675 O  O   . HIS A 1 79 ? 8.070   -4.051  -3.910  1.00 7.85  ? 96  HIS A O   1 
ATOM   676 C  CB  . HIS A 1 79 ? 10.999  -2.900  -3.047  1.00 14.26 ? 96  HIS A CB  1 
ATOM   677 C  CG  . HIS A 1 79 ? 11.732  -2.213  -1.937  1.00 16.34 ? 96  HIS A CG  1 
ATOM   678 N  ND1 . HIS A 1 79 ? 13.028  -1.868  -2.030  1.00 21.83 ? 96  HIS A ND1 1 
ATOM   679 C  CD2 . HIS A 1 79 ? 11.330  -1.899  -0.645  1.00 13.81 ? 96  HIS A CD2 1 
ATOM   680 C  CE1 . HIS A 1 79 ? 13.404  -1.283  -0.873  1.00 19.62 ? 96  HIS A CE1 1 
ATOM   681 N  NE2 . HIS A 1 79 ? 12.358  -1.304  -0.036  1.00 18.13 ? 96  HIS A NE2 1 
ATOM   682 N  N   . ARG A 1 80 ? 9.785   -5.355  -4.544  1.00 9.65  ? 97  ARG A N   1 
ATOM   683 C  CA  . ARG A 1 80 ? 9.008   -5.920  -5.655  1.00 9.16  ? 97  ARG A CA  1 
ATOM   684 C  C   . ARG A 1 80 ? 7.734   -6.639  -5.194  1.00 9.47  ? 97  ARG A C   1 
ATOM   685 O  O   . ARG A 1 80 ? 6.697   -6.488  -5.835  1.00 9.05  ? 97  ARG A O   1 
ATOM   686 C  CB  . ARG A 1 80 ? 9.839   -6.794  -6.569  1.00 8.75  ? 97  ARG A CB  1 
ATOM   687 C  CG  . ARG A 1 80 ? 10.811  -5.969  -7.383  1.00 8.91  ? 97  ARG A CG  1 
ATOM   688 C  CD  . ARG A 1 80 ? 11.785  -6.847  -8.123  1.00 10.30 ? 97  ARG A CD  1 
ATOM   689 N  NE  . ARG A 1 80 ? 12.635  -7.636  -7.234  1.00 9.84  ? 97  ARG A NE  1 
ATOM   690 C  CZ  . ARG A 1 80 ? 13.587  -8.467  -7.654  1.00 11.26 ? 97  ARG A CZ  1 
ATOM   691 N  NH1 . ARG A 1 80 ? 13.854  -8.614  -8.957  1.00 9.94  ? 97  ARG A NH1 1 
ATOM   692 N  NH2 . ARG A 1 80 ? 14.307  -9.138  -6.759  1.00 13.67 ? 97  ARG A NH2 1 
ATOM   693 N  N   . LYS A 1 81 ? 7.803   -7.378  -4.083  1.00 8.53  ? 98  LYS A N   1 
ATOM   694 C  CA  . LYS A 1 81 ? 6.633   -8.052  -3.531  1.00 10.82 ? 98  LYS A CA  1 
ATOM   695 C  C   . LYS A 1 81 ? 5.557   -7.051  -3.134  1.00 9.00  ? 98  LYS A C   1 
ATOM   696 O  O   . LYS A 1 81 ? 4.382   -7.285  -3.371  1.00 9.35  ? 98  LYS A O   1 
ATOM   697 C  CB  . LYS A 1 81 ? 7.016   -8.929  -2.330  1.00 13.03 ? 98  LYS A CB  1 
ATOM   698 C  CG  . LYS A 1 81 ? 5.829   -9.579  -1.619  1.00 17.05 ? 98  LYS A CG  1 
ATOM   699 C  CD  . LYS A 1 81 ? 6.231   -10.771 -0.761  1.00 22.03 ? 98  LYS A CD  1 
ATOM   700 C  CE  . LYS A 1 81 ? 5.375   -10.861 0.502   1.00 24.84 ? 98  LYS A CE  1 
ATOM   701 N  NZ  . LYS A 1 81 ? 5.462   -12.203 1.136   1.00 30.34 ? 98  LYS A NZ  1 
ATOM   702 N  N   . ILE A 1 82 ? 5.972   -5.941  -2.524  1.00 8.33  ? 99  ILE A N   1 
ATOM   703 C  CA  . ILE A 1 82 ? 5.048   -4.886  -2.158  1.00 7.98  ? 99  ILE A CA  1 
ATOM   704 C  C   . ILE A 1 82 ? 4.345   -4.313  -3.384  1.00 8.22  ? 99  ILE A C   1 
ATOM   705 O  O   . ILE A 1 82 ? 3.115   -4.199  -3.383  1.00 9.67  ? 99  ILE A O   1 
ATOM   706 C  CB  . ILE A 1 82 ? 5.713   -3.775  -1.304  1.00 8.55  ? 99  ILE A CB  1 
ATOM   707 C  CG1 . ILE A 1 82 ? 6.075   -4.351  0.075   1.00 8.61  ? 99  ILE A CG1 1 
ATOM   708 C  CG2 . ILE A 1 82 ? 4.793   -2.568  -1.158  1.00 11.41 ? 99  ILE A CG2 1 
ATOM   709 C  CD1 . ILE A 1 82 ? 7.143   -3.554  0.806   1.00 9.04  ? 99  ILE A CD1 1 
ATOM   710 N  N   . TYR A 1 83 ? 5.124   -3.995  -4.424  1.00 8.16  ? 100 TYR A N   1 
ATOM   711 C  CA  . TYR A 1 83 ? 4.552   -3.502  -5.672  1.00 8.75  ? 100 TYR A CA  1 
ATOM   712 C  C   . TYR A 1 83 ? 3.526   -4.474  -6.254  1.00 8.70  ? 100 TYR A C   1 
ATOM   713 O  O   . TYR A 1 83 ? 2.450   -4.054  -6.691  1.00 8.42  ? 100 TYR A O   1 
ATOM   714 C  CB  . TYR A 1 83 ? 5.628   -3.131  -6.693  1.00 10.75 ? 100 TYR A CB  1 
ATOM   715 C  CG  . TYR A 1 83 ? 6.239   -1.789  -6.420  1.00 12.11 ? 100 TYR A CG  1 
ATOM   716 C  CD1 . TYR A 1 83 ? 5.502   -0.626  -6.585  1.00 15.08 ? 100 TYR A CD1 1 
ATOM   717 C  CD2 . TYR A 1 83 ? 7.532   -1.683  -5.937  1.00 16.46 ? 100 TYR A CD2 1 
ATOM   718 C  CE1 . TYR A 1 83 ? 6.071   0.615   -6.306  1.00 18.22 ? 100 TYR A CE1 1 
ATOM   719 C  CE2 . TYR A 1 83 ? 8.104   -0.454  -5.669  1.00 20.94 ? 100 TYR A CE2 1 
ATOM   720 C  CZ  . TYR A 1 83 ? 7.359   0.692   -5.848  1.00 18.47 ? 100 TYR A CZ  1 
ATOM   721 O  OH  . TYR A 1 83 ? 7.949   1.908   -5.579  1.00 22.45 ? 100 TYR A OH  1 
ATOM   722 N  N   . THR A 1 84 ? 3.836   -5.763  -6.230  1.00 8.41  ? 101 THR A N   1 
ATOM   723 C  CA  . THR A 1 84 ? 2.955   -6.773  -6.788  1.00 8.49  ? 101 THR A CA  1 
ATOM   724 C  C   . THR A 1 84 ? 1.656   -6.849  -5.987  1.00 10.90 ? 101 THR A C   1 
ATOM   725 O  O   . THR A 1 84 ? 0.579   -6.895  -6.584  1.00 10.25 ? 101 THR A O   1 
ATOM   726 C  CB  . THR A 1 84 ? 3.636   -8.136  -6.799  1.00 7.48  ? 101 THR A CB  1 
ATOM   727 O  OG1 . THR A 1 84 ? 4.778   -8.071  -7.657  1.00 7.78  ? 101 THR A OG1 1 
ATOM   728 C  CG2 . THR A 1 84 ? 2.674   -9.245  -7.268  1.00 8.00  ? 101 THR A CG2 1 
ATOM   729 N  N   . MET A 1 85 ? 1.763   -6.820  -4.658  1.00 9.66  ? 102 MET A N   1 
ATOM   730 C  CA  . MET A 1 85 ? 0.582   -6.863  -3.784  1.00 11.40 ? 102 MET A CA  1 
ATOM   731 C  C   . MET A 1 85 ? -0.312  -5.657  -4.033  1.00 11.98 ? 102 MET A C   1 
ATOM   732 O  O   . MET A 1 85 ? -1.546  -5.791  -4.099  1.00 13.79 ? 102 MET A O   1 
ATOM   733 C  CB  . MET A 1 85 ? 0.987   -6.986  -2.304  1.00 11.71 ? 102 MET A CB  1 
ATOM   734 C  CG  . MET A 1 85 ? 1.564   -8.352  -2.014  1.00 11.60 ? 102 MET A CG  1 
ATOM   735 S  SD  . MET A 1 85 ? 1.925   -8.652  -0.279  1.00 14.21 ? 102 MET A SD  1 
ATOM   736 C  CE  . MET A 1 85 ? 3.119   -7.376  0.125   1.00 15.98 ? 102 MET A CE  1 
ATOM   737 N  N   . ILE A 1 86 ? 0.312   -4.495  -4.225  1.00 10.38 ? 103 ILE A N   1 
ATOM   738 C  CA  . ILE A 1 86 ? -0.414  -3.265  -4.509  1.00 11.23 ? 103 ILE A CA  1 
ATOM   739 C  C   . ILE A 1 86 ? -1.074  -3.307  -5.898  1.00 10.44 ? 103 ILE A C   1 
ATOM   740 O  O   . ILE A 1 86 ? -2.253  -2.943  -6.021  1.00 11.55 ? 103 ILE A O   1 
ATOM   741 C  CB  . ILE A 1 86 ? 0.503   -2.017  -4.357  1.00 11.33 ? 103 ILE A CB  1 
ATOM   742 C  CG1 . ILE A 1 86 ? 0.908   -1.811  -2.887  1.00 11.19 ? 103 ILE A CG1 1 
ATOM   743 C  CG2 . ILE A 1 86 ? -0.208  -0.757  -4.833  1.00 11.78 ? 103 ILE A CG2 1 
ATOM   744 C  CD1 . ILE A 1 86 ? 2.087   -0.863  -2.675  1.00 12.03 ? 103 ILE A CD1 1 
ATOM   745 N  N   A TYR A 1 87 ? -0.312  -3.744  -6.916  0.50 11.76 ? 104 TYR A N   1 
ATOM   746 N  N   B TYR A 1 87 ? -0.340  -3.769  -6.910  0.50 10.81 ? 104 TYR A N   1 
ATOM   747 C  CA  A TYR A 1 87 ? -0.784  -3.799  -8.322  0.50 14.07 ? 104 TYR A CA  1 
ATOM   748 C  CA  B TYR A 1 87 ? -0.849  -3.780  -8.287  0.50 12.18 ? 104 TYR A CA  1 
ATOM   749 C  C   A TYR A 1 87 ? -2.092  -4.573  -8.488  0.50 14.28 ? 104 TYR A C   1 
ATOM   750 C  C   B TYR A 1 87 ? -2.105  -4.591  -8.502  0.50 13.33 ? 104 TYR A C   1 
ATOM   751 O  O   A TYR A 1 87 ? -2.954  -4.175  -9.284  0.50 14.08 ? 104 TYR A O   1 
ATOM   752 O  O   B TYR A 1 87 ? -2.941  -4.242  -9.347  0.50 13.46 ? 104 TYR A O   1 
ATOM   753 C  CB  A TYR A 1 87 ? 0.265   -4.429  -9.252  0.50 14.14 ? 104 TYR A CB  1 
ATOM   754 C  CB  B TYR A 1 87 ? 0.220   -4.267  -9.236  0.50 10.81 ? 104 TYR A CB  1 
ATOM   755 C  CG  A TYR A 1 87 ? 1.293   -3.483  -9.863  0.50 14.50 ? 104 TYR A CG  1 
ATOM   756 C  CG  B TYR A 1 87 ? 0.990   -3.125  -9.785  0.50 10.21 ? 104 TYR A CG  1 
ATOM   757 C  CD1 A TYR A 1 87 ? 0.904   -2.379  -10.613 0.50 16.81 ? 104 TYR A CD1 1 
ATOM   758 C  CD1 B TYR A 1 87 ? 1.290   -2.026  -8.988  0.50 9.92  ? 104 TYR A CD1 1 
ATOM   759 C  CD2 A TYR A 1 87 ? 2.659   -3.735  -9.741  0.50 15.16 ? 104 TYR A CD2 1 
ATOM   760 C  CD2 B TYR A 1 87 ? 1.376   -3.107  -11.108 0.50 10.12 ? 104 TYR A CD2 1 
ATOM   761 C  CE1 A TYR A 1 87 ? 1.839   -1.527  -11.166 0.50 15.44 ? 104 TYR A CE1 1 
ATOM   762 C  CE1 B TYR A 1 87 ? 2.000   -0.959  -9.494  0.50 11.34 ? 104 TYR A CE1 1 
ATOM   763 C  CE2 A TYR A 1 87 ? 3.603   -2.893  -10.298 0.50 14.08 ? 104 TYR A CE2 1 
ATOM   764 C  CE2 B TYR A 1 87 ? 2.080   -2.048  -11.620 0.50 11.74 ? 104 TYR A CE2 1 
ATOM   765 C  CZ  A TYR A 1 87 ? 3.189   -1.796  -11.017 0.50 15.29 ? 104 TYR A CZ  1 
ATOM   766 C  CZ  B TYR A 1 87 ? 2.382   -0.973  -10.811 0.50 10.27 ? 104 TYR A CZ  1 
ATOM   767 O  OH  A TYR A 1 87 ? 4.125   -0.952  -11.588 0.50 16.03 ? 104 TYR A OH  1 
ATOM   768 O  OH  B TYR A 1 87 ? 3.084   0.079   -11.343 0.50 10.92 ? 104 TYR A OH  1 
ATOM   769 N  N   . ARG A 1 88 ? -2.244  -5.659  -7.733  1.00 12.91 ? 105 ARG A N   1 
ATOM   770 C  CA  . ARG A 1 88 ? -3.436  -6.518  -7.823  1.00 14.16 ? 105 ARG A CA  1 
ATOM   771 C  C   . ARG A 1 88 ? -4.700  -5.860  -7.236  1.00 12.38 ? 105 ARG A C   1 
ATOM   772 O  O   . ARG A 1 88 ? -5.802  -6.352  -7.454  1.00 14.12 ? 105 ARG A O   1 
ATOM   773 C  CB  . ARG A 1 88 ? -3.166  -7.857  -7.158  1.00 16.05 ? 105 ARG A CB  1 
ATOM   774 C  CG  . ARG A 1 88 ? -2.110  -8.660  -7.903  1.00 16.42 ? 105 ARG A CG  1 
ATOM   775 C  CD  . ARG A 1 88 ? -2.052  -10.067 -7.360  1.00 19.71 ? 105 ARG A CD  1 
ATOM   776 N  NE  . ARG A 1 88 ? -0.927  -10.828 -7.903  1.00 16.89 ? 105 ARG A NE  1 
ATOM   777 C  CZ  . ARG A 1 88 ? -0.034  -11.514 -7.191  1.00 23.69 ? 105 ARG A CZ  1 
ATOM   778 N  NH1 . ARG A 1 88 ? -0.073  -11.552 -5.855  1.00 23.83 ? 105 ARG A NH1 1 
ATOM   779 N  NH2 . ARG A 1 88 ? 0.919   -12.182 -7.829  1.00 20.93 ? 105 ARG A NH2 1 
ATOM   780 N  N   . ASN A 1 89 ? -4.515  -4.740  -6.541  1.00 10.48 ? 106 ASN A N   1 
ATOM   781 C  CA  . ASN A 1 89 ? -5.570  -3.912  -5.991  1.00 11.00 ? 106 ASN A CA  1 
ATOM   782 C  C   . ASN A 1 89 ? -5.805  -2.584  -6.738  1.00 9.78  ? 106 ASN A C   1 
ATOM   783 O  O   . ASN A 1 89 ? -6.442  -1.664  -6.204  1.00 11.80 ? 106 ASN A O   1 
ATOM   784 C  CB  . ASN A 1 89 ? -5.256  -3.669  -4.522  1.00 13.98 ? 106 ASN A CB  1 
ATOM   785 C  CG  . ASN A 1 89 ? -5.464  -4.923  -3.680  1.00 15.66 ? 106 ASN A CG  1 
ATOM   786 O  OD1 . ASN A 1 89 ? -6.595  -5.356  -3.504  1.00 15.05 ? 106 ASN A OD1 1 
ATOM   787 N  ND2 . ASN A 1 89 ? -4.370  -5.552  -3.229  1.00 12.92 ? 106 ASN A ND2 1 
ATOM   788 N  N   . LEU A 1 90 ? -5.330  -2.495  -7.970  1.00 10.27 ? 107 LEU A N   1 
ATOM   789 C  CA  . LEU A 1 90 ? -5.535  -1.302  -8.792  1.00 11.11 ? 107 LEU A CA  1 
ATOM   790 C  C   . LEU A 1 90 ? -5.484  -1.596  -10.279 1.00 11.32 ? 107 LEU A C   1 
ATOM   791 O  O   . LEU A 1 90 ? -5.160  -2.715  -10.716 1.00 8.98  ? 107 LEU A O   1 
ATOM   792 C  CB  . LEU A 1 90 ? -4.514  -0.216  -8.434  1.00 11.79 ? 107 LEU A CB  1 
ATOM   793 C  CG  . LEU A 1 90 ? -3.013  -0.550  -8.499  1.00 9.64  ? 107 LEU A CG  1 
ATOM   794 C  CD1 . LEU A 1 90 ? -2.486  -0.508  -9.929  1.00 10.99 ? 107 LEU A CD1 1 
ATOM   795 C  CD2 . LEU A 1 90 ? -2.230  0.422   -7.621  1.00 8.17  ? 107 LEU A CD2 1 
ATOM   796 N  N   . VAL A 1 91 ? -5.821  -0.566  -11.044 1.00 11.04 ? 108 VAL A N   1 
ATOM   797 C  CA  . VAL A 1 91 ? -5.740  -0.577  -12.493 1.00 10.51 ? 108 VAL A CA  1 
ATOM   798 C  C   . VAL A 1 91 ? -4.814  0.566   -12.893 1.00 9.17  ? 108 VAL A C   1 
ATOM   799 O  O   . VAL A 1 91 ? -5.068  1.730   -12.568 1.00 8.04  ? 108 VAL A O   1 
ATOM   800 C  CB  . VAL A 1 91 ? -7.135  -0.413  -13.157 1.00 11.10 ? 108 VAL A CB  1 
ATOM   801 C  CG1 . VAL A 1 91 ? -7.004  -0.256  -14.670 1.00 10.03 ? 108 VAL A CG1 1 
ATOM   802 C  CG2 . VAL A 1 91 ? -8.038  -1.615  -12.842 1.00 13.97 ? 108 VAL A CG2 1 
ATOM   803 N  N   . VAL A 1 92 ? -3.786  0.230   -13.667 1.00 9.40  ? 109 VAL A N   1 
ATOM   804 C  CA  . VAL A 1 92 ? -2.895  1.233   -14.236 1.00 8.79  ? 109 VAL A CA  1 
ATOM   805 C  C   . VAL A 1 92 ? -3.610  1.955   -15.357 1.00 9.25  ? 109 VAL A C   1 
ATOM   806 O  O   . VAL A 1 92 ? -4.298  1.316   -16.190 1.00 10.91 ? 109 VAL A O   1 
ATOM   807 C  CB  . VAL A 1 92 ? -1.571  0.613   -14.723 1.00 9.59  ? 109 VAL A CB  1 
ATOM   808 C  CG1 . VAL A 1 92 ? -0.714  1.688   -15.361 1.00 7.69  ? 109 VAL A CG1 1 
ATOM   809 C  CG2 . VAL A 1 92 ? -0.846  -0.003  -13.536 1.00 8.97  ? 109 VAL A CG2 1 
ATOM   810 N  N   . VAL A 1 93 ? -3.458  3.275   -15.398 1.00 9.43  ? 110 VAL A N   1 
ATOM   811 C  CA  . VAL A 1 93 ? -4.074  4.061   -16.463 1.00 15.50 ? 110 VAL A CA  1 
ATOM   812 C  C   . VAL A 1 93 ? -3.015  4.797   -17.305 1.00 16.24 ? 110 VAL A C   1 
ATOM   813 O  O   . VAL A 1 93 ? -1.984  5.239   -16.796 1.00 18.04 ? 110 VAL A O   1 
ATOM   814 C  CB  . VAL A 1 93 ? -5.196  4.971   -15.939 1.00 17.97 ? 110 VAL A CB  1 
ATOM   815 C  CG1 . VAL A 1 93 ? -6.327  4.106   -15.387 1.00 23.12 ? 110 VAL A CG1 1 
ATOM   816 C  CG2 . VAL A 1 93 ? -4.703  5.924   -14.871 1.00 15.64 ? 110 VAL A CG2 1 
ATOM   817 N  N   . ASN A 1 94 ? -3.284  4.897   -18.597 1.00 18.69 ? 111 ASN A N   1 
ATOM   818 C  CA  . ASN A 1 94 ? -2.403  5.584   -19.545 1.00 17.13 ? 111 ASN A CA  1 
ATOM   819 C  C   . ASN A 1 94 ? -3.217  6.136   -20.718 1.00 23.58 ? 111 ASN A C   1 
ATOM   820 O  O   . ASN A 1 94 ? -3.999  5.409   -21.326 1.00 30.13 ? 111 ASN A O   1 
ATOM   821 C  CB  . ASN A 1 94 ? -1.313  4.621   -20.053 1.00 17.22 ? 111 ASN A CB  1 
ATOM   822 C  CG  . ASN A 1 94 ? -0.025  4.706   -19.252 1.00 16.48 ? 111 ASN A CG  1 
ATOM   823 O  OD1 . ASN A 1 94 ? 0.566   5.777   -19.141 1.00 19.32 ? 111 ASN A OD1 1 
ATOM   824 N  ND2 . ASN A 1 94 ? 0.415   3.582   -18.695 1.00 12.50 ? 111 ASN A ND2 1 
HETATM 825 C  C4  . 6SJ B 2 .  ? 8.966   2.861   -1.162  1.00 12.16 ? 201 6SJ A C4  1 
HETATM 826 C  C5  . 6SJ B 2 .  ? 8.962   2.885   0.244   1.00 10.63 ? 201 6SJ A C5  1 
HETATM 827 C  C6  . 6SJ B 2 .  ? 8.666   1.725   0.981   1.00 8.99  ? 201 6SJ A C6  1 
HETATM 828 C  C7  . 6SJ B 2 .  ? 8.340   0.564   0.272   1.00 10.42 ? 201 6SJ A C7  1 
HETATM 829 C  C8  . 6SJ B 2 .  ? 8.629   1.659   2.501   1.00 8.37  ? 201 6SJ A C8  1 
HETATM 830 C  C10 . 6SJ B 2 .  ? 9.668   2.541   3.226   1.00 10.23 ? 201 6SJ A C10 1 
HETATM 831 N  N12 . 6SJ B 2 .  ? 10.942  1.828   3.610   1.00 10.73 ? 201 6SJ A N12 1 
HETATM 832 C  C13 . 6SJ B 2 .  ? 10.662  1.151   4.892   1.00 10.71 ? 201 6SJ A C13 1 
HETATM 833 C  C15 . 6SJ B 2 .  ? 8.974   2.884   4.581   1.00 10.42 ? 201 6SJ A C15 1 
HETATM 834 C  C20 . 6SJ B 2 .  ? 5.307   2.016   7.505   1.00 16.79 ? 201 6SJ A C20 1 
HETATM 835 C  C21 . 6SJ B 2 .  ? 6.220   0.881   7.019   1.00 16.15 ? 201 6SJ A C21 1 
HETATM 836 C  C22 . 6SJ B 2 .  ? 7.275   2.145   3.080   1.00 9.93  ? 201 6SJ A C22 1 
HETATM 837 C  C26 . 6SJ B 2 .  ? 5.137   1.888   2.162   1.00 10.02 ? 201 6SJ A C26 1 
HETATM 838 C  C28 . 6SJ B 2 .  ? 3.791   -0.126  2.059   1.00 10.99 ? 201 6SJ A C28 1 
HETATM 839 CL CL1 . 6SJ B 2 .  ? 7.949   -0.903  -1.977  1.00 14.08 ? 201 6SJ A CL1 1 
HETATM 840 C  C2  . 6SJ B 2 .  ? 8.345   0.558   -1.124  1.00 11.73 ? 201 6SJ A C2  1 
HETATM 841 C  C3  . 6SJ B 2 .  ? 8.641   1.703   -1.844  1.00 12.69 ? 201 6SJ A C3  1 
HETATM 842 C  C14 . 6SJ B 2 .  ? 9.883   2.221   5.656   1.00 11.62 ? 201 6SJ A C14 1 
HETATM 843 N  N17 . 6SJ B 2 .  ? 7.619   2.253   4.521   1.00 10.08 ? 201 6SJ A N17 1 
HETATM 844 C  C18 . 6SJ B 2 .  ? 6.601   2.885   5.407   1.00 14.50 ? 201 6SJ A C18 1 
HETATM 845 C  C19 . 6SJ B 2 .  ? 6.656   2.328   6.840   1.00 16.76 ? 201 6SJ A C19 1 
HETATM 846 C  C23 . 6SJ B 2 .  ? 6.742   3.456   2.483   1.00 9.40  ? 201 6SJ A C23 1 
HETATM 847 O  O24 . 6SJ B 2 .  ? 7.347   4.504   2.421   1.00 11.15 ? 201 6SJ A O24 1 
HETATM 848 N  N25 . 6SJ B 2 .  ? 5.525   3.227   1.981   1.00 9.94  ? 201 6SJ A N25 1 
HETATM 849 C  C27 . 6SJ B 2 .  ? 3.960   1.227   1.789   1.00 10.07 ? 201 6SJ A C27 1 
HETATM 850 CL CL2 . 6SJ B 2 .  ? 2.353   -0.971  1.569   1.00 13.71 ? 201 6SJ A CL2 1 
HETATM 851 C  C30 . 6SJ B 2 .  ? 4.815   -0.829  2.690   1.00 10.42 ? 201 6SJ A C30 1 
HETATM 852 C  C31 . 6SJ B 2 .  ? 5.987   -0.189  3.070   1.00 10.83 ? 201 6SJ A C31 1 
HETATM 853 C  C32 . 6SJ B 2 .  ? 6.167   1.161   2.810   1.00 8.73  ? 201 6SJ A C32 1 
HETATM 854 C  C33 . 6SJ B 2 .  ? 11.474  0.921   2.555   1.00 13.00 ? 201 6SJ A C33 1 
HETATM 855 C  C34 . 6SJ B 2 .  ? 12.857  0.451   2.871   1.00 14.11 ? 201 6SJ A C34 1 
HETATM 856 O  O35 . 6SJ B 2 .  ? 13.535  0.928   3.924   1.00 13.06 ? 201 6SJ A O35 1 
HETATM 857 O  O36 . 6SJ B 2 .  ? 13.377  -0.366  2.164   1.00 16.94 ? 201 6SJ A O36 1 
HETATM 858 S  S   . SO4 C 3 .  ? 12.293  5.334   3.237   1.00 35.20 ? 202 SO4 A S   1 
HETATM 859 O  O1  . SO4 C 3 .  ? 13.164  5.003   2.087   1.00 58.54 ? 202 SO4 A O1  1 
HETATM 860 O  O2  . SO4 C 3 .  ? 12.280  4.214   4.190   1.00 34.94 ? 202 SO4 A O2  1 
HETATM 861 O  O3  . SO4 C 3 .  ? 12.817  6.547   3.912   1.00 51.67 ? 202 SO4 A O3  1 
HETATM 862 O  O4  . SO4 C 3 .  ? 10.941  5.623   2.706   1.00 45.18 ? 202 SO4 A O4  1 
HETATM 863 S  S   A SO4 D 3 .  ? 11.876  -8.324  -3.619  0.50 24.74 ? 203 SO4 A S   1 
HETATM 864 S  S   B SO4 D 3 .  ? 13.554  -6.148  -3.708  0.50 37.66 ? 203 SO4 A S   1 
HETATM 865 O  O1  A SO4 D 3 .  ? 12.095  -9.456  -4.553  0.50 22.46 ? 203 SO4 A O1  1 
HETATM 866 O  O1  B SO4 D 3 .  ? 12.497  -7.106  -3.329  0.50 39.97 ? 203 SO4 A O1  1 
HETATM 867 O  O2  A SO4 D 3 .  ? 12.747  -8.413  -2.418  0.50 22.10 ? 203 SO4 A O2  1 
HETATM 868 O  O2  B SO4 D 3 .  ? 13.650  -5.061  -2.711  0.50 28.27 ? 203 SO4 A O2  1 
HETATM 869 O  O3  A SO4 D 3 .  ? 12.247  -7.092  -4.356  0.50 19.48 ? 203 SO4 A O3  1 
HETATM 870 O  O3  B SO4 D 3 .  ? 14.809  -6.917  -3.815  0.50 36.60 ? 203 SO4 A O3  1 
HETATM 871 O  O4  A SO4 D 3 .  ? 10.468  -8.340  -3.209  0.50 15.82 ? 203 SO4 A O4  1 
HETATM 872 O  O4  B SO4 D 3 .  ? 13.243  -5.511  -5.002  0.50 33.60 ? 203 SO4 A O4  1 
HETATM 873 S  S   . SO4 E 3 .  ? 16.717  4.558   -11.589 0.50 37.25 ? 204 SO4 A S   1 
HETATM 874 O  O1  . SO4 E 3 .  ? 17.995  5.065   -12.133 0.50 47.71 ? 204 SO4 A O1  1 
HETATM 875 O  O2  . SO4 E 3 .  ? 16.970  3.542   -10.540 0.50 36.83 ? 204 SO4 A O2  1 
HETATM 876 O  O3  . SO4 E 3 .  ? 15.921  3.952   -12.676 0.50 41.49 ? 204 SO4 A O3  1 
HETATM 877 O  O4  . SO4 E 3 .  ? 15.963  5.689   -11.029 0.50 30.60 ? 204 SO4 A O4  1 
HETATM 878 O  O   . HOH F 4 .  ? 7.004   -6.494  16.607  0.50 25.61 ? 301 HOH A O   1 
HETATM 879 O  O   . HOH F 4 .  ? 7.820   -9.989  2.785   0.50 17.19 ? 302 HOH A O   1 
HETATM 880 O  O   . HOH F 4 .  ? -15.236 10.762  -1.148  0.50 21.27 ? 303 HOH A O   1 
HETATM 881 O  O   . HOH F 4 .  ? -5.291  13.802  -0.047  1.00 34.56 ? 304 HOH A O   1 
HETATM 882 O  O   . HOH F 4 .  ? -3.743  -0.908  14.919  0.50 18.07 ? 305 HOH A O   1 
HETATM 883 O  O   . HOH F 4 .  ? 4.349   1.009   13.829  1.00 37.24 ? 306 HOH A O   1 
HETATM 884 O  O   . HOH F 4 .  ? 11.977  1.795   8.475   1.00 40.57 ? 307 HOH A O   1 
HETATM 885 O  O   . HOH F 4 .  ? 17.816  -1.020  4.917   0.50 29.48 ? 308 HOH A O   1 
HETATM 886 O  O   . HOH F 4 .  ? 2.743   12.162  -7.128  1.00 28.01 ? 309 HOH A O   1 
HETATM 887 O  O   . HOH F 4 .  ? -0.884  -5.891  13.481  1.00 30.17 ? 310 HOH A O   1 
HETATM 888 O  O   . HOH F 4 .  ? -9.237  -0.645  7.529   1.00 27.30 ? 311 HOH A O   1 
HETATM 889 O  O   . HOH F 4 .  ? -14.376 1.888   -1.852  1.00 32.88 ? 312 HOH A O   1 
HETATM 890 O  O   . HOH F 4 .  ? -4.548  -12.363 13.606  1.00 35.62 ? 313 HOH A O   1 
HETATM 891 O  O   . HOH F 4 .  ? 0.755   5.507   -15.712 1.00 22.63 ? 314 HOH A O   1 
HETATM 892 O  O   . HOH F 4 .  ? 6.659   -11.629 7.205   1.00 32.55 ? 315 HOH A O   1 
HETATM 893 O  O   . HOH F 4 .  ? -12.762 4.646   4.146   1.00 28.00 ? 316 HOH A O   1 
HETATM 894 O  O   . HOH F 4 .  ? 6.371   7.116   2.545   1.00 19.03 ? 317 HOH A O   1 
HETATM 895 O  O   . HOH F 4 .  ? -12.350 14.676  -2.778  1.00 29.96 ? 318 HOH A O   1 
HETATM 896 O  O   . HOH F 4 .  ? 0.187   14.797  -5.258  1.00 25.24 ? 319 HOH A O   1 
HETATM 897 O  O   . HOH F 4 .  ? -0.293  -12.073 -1.859  1.00 35.08 ? 320 HOH A O   1 
HETATM 898 O  O   . HOH F 4 .  ? -3.072  -2.343  -14.608 1.00 33.51 ? 321 HOH A O   1 
HETATM 899 O  O   . HOH F 4 .  ? -9.892  0.444   -10.640 1.00 33.46 ? 322 HOH A O   1 
HETATM 900 O  O   . HOH F 4 .  ? -6.181  7.607   9.734   1.00 30.35 ? 323 HOH A O   1 
HETATM 901 O  O   . HOH F 4 .  ? -8.656  -3.376  -3.709  1.00 23.25 ? 324 HOH A O   1 
HETATM 902 O  O   . HOH F 4 .  ? -12.843 1.545   -7.252  1.00 36.47 ? 325 HOH A O   1 
HETATM 903 O  O   . HOH F 4 .  ? 13.176  2.671   0.325   1.00 37.86 ? 326 HOH A O   1 
HETATM 904 O  O   . HOH F 4 .  ? 4.384   7.208   4.390   1.00 19.26 ? 327 HOH A O   1 
HETATM 905 O  O   . HOH F 4 .  ? -1.062  -8.903  13.236  1.00 28.62 ? 328 HOH A O   1 
HETATM 906 O  O   . HOH F 4 .  ? -1.618  -1.816  16.275  1.00 35.72 ? 329 HOH A O   1 
HETATM 907 O  O   . HOH F 4 .  ? -10.773 4.365   -8.583  1.00 34.11 ? 330 HOH A O   1 
HETATM 908 O  O   . HOH F 4 .  ? -2.186  -4.419  15.568  1.00 26.94 ? 331 HOH A O   1 
HETATM 909 O  O   . HOH F 4 .  ? 14.684  -2.870  -4.436  1.00 44.09 ? 332 HOH A O   1 
HETATM 910 O  O   . HOH F 4 .  ? 10.900  9.729   -11.310 0.50 59.83 ? 333 HOH A O   1 
HETATM 911 O  O   . HOH F 4 .  ? -13.061 7.293   -6.293  1.00 36.89 ? 334 HOH A O   1 
HETATM 912 O  O   . HOH F 4 .  ? -8.933  -2.648  9.603   1.00 10.18 ? 335 HOH A O   1 
HETATM 913 O  O   . HOH F 4 .  ? 2.343   11.215  -14.146 1.00 44.89 ? 336 HOH A O   1 
HETATM 914 O  O   . HOH F 4 .  ? 6.789   -13.520 13.544  1.00 41.33 ? 337 HOH A O   1 
HETATM 915 O  O   . HOH F 4 .  ? 7.861   -12.082 4.704   1.00 49.77 ? 338 HOH A O   1 
HETATM 916 O  O   . HOH F 4 .  ? 14.719  -4.740  -12.137 1.00 42.43 ? 339 HOH A O   1 
HETATM 917 O  O   . HOH F 4 .  ? 11.399  2.190   -4.319  1.00 41.61 ? 340 HOH A O   1 
HETATM 918 O  O   . HOH F 4 .  ? 7.974   6.560   -4.977  1.00 41.37 ? 341 HOH A O   1 
HETATM 919 O  O   . HOH F 4 .  ? -9.367  -8.776  10.519  1.00 41.75 ? 342 HOH A O   1 
HETATM 920 O  O   . HOH F 4 .  ? 16.751  0.294   7.411   1.00 49.37 ? 343 HOH A O   1 
# 
